data_7UNK
#
_entry.id   7UNK
#
_cell.length_a   1.00
_cell.length_b   1.00
_cell.length_c   1.00
_cell.angle_alpha   90.00
_cell.angle_beta   90.00
_cell.angle_gamma   90.00
#
_symmetry.space_group_name_H-M   'P 1'
#
loop_
_entity.id
_entity.type
_entity.pdbx_description
1 polymer Importin-4
2 polymer 'Histone H3'
3 polymer 'Histone chaperone'
4 polymer 'Histone H4'
#
loop_
_entity_poly.entity_id
_entity_poly.type
_entity_poly.pdbx_seq_one_letter_code
_entity_poly.pdbx_strand_id
1 'polypeptide(L)'
;MESAGLEQLLRELLLPDTERIRRATEQLQIVLRAPAALPALCDLLASAADPQIRQFAAVLTRRRLNTRWRRLAAEQRESL
KSLILTALQRETEHCVSLSLAQLSATIFRKEGLEAWPQLLQLLQHSTHSPHSPEREMGLLLLSVVVTSRPEAFQPHHREL
LRLLNETLGEVGSPGLLFYSLRTLTTMAPYLSTEDVPLARMLVPKLIMAMQTLIPIDEAKACEALEALDELLESEVPVIT
PYLSEVLTFCLEVARNVALGNAIRIRILCCLTFLVKVKSKALLKNRLLPPLLHTLFPIVAAEPPPGQLDPEDQDSEEEEL
EIELMGETPKHFAVQVVDMLALHLPPEKLCPQLMPMLEEALRSESPYQRKAGLLVLAVLSDGAGDHIRQRLLPPLLQIVC
KGLEDPSQVVRNAALFALGQFSENLQPHISSYSREVMPLLLAYLKSVPLGHTHHLAKACYALENFVENLGPKVQPYLPEL
MECMLQLLRNPSSPRAKELAVSALGAIATAAQASLLPYFPAIMEHLREFLLTGREDLQPVQIQSLETLGVLARAVGEPMR
PLAEECCQLGLGLCDQVDDPDLRRCTYSLFAALSGLMGEGLAPHLEQITTLMLLSLRSTEGIVPQYDGSSSFLLFDDESD
GEEEEELMDEDVEEEDDSEISGYSVENAFFDEKEDTCAAVGEISVNTSVAFLPYMESVFEEVFKLLECPHLNVRKAAHEA
LGQFCCALHKACQSCPSEPNTAALQAALARVVPSYMQAVNRERERQVVMAVLEALTGVLRSCGTLTLKPPGRLAELCGVL
KAVLQRKTACQDTDEEEEEEDDDQAEYDAMLLEHAGEAIPALAAAAGGDSFAPFFAGFLPLLVCKTKQGCTVAEKSFAVG
TLAETIQGLGAASAQFVSRLLPVLLSTAQEADPEVRSNAIFGMGVLAEHGGHPAQEHFPKLLGLLFPLLARERHDRVRDN
ICGALARLLMASPTRKPEPQVLAALLHALPLKEDLEEWVTIGRLFSFLYQSSPDQVIDVAPELLRICSLILADNKIPPDT
KAALLLLLTFLAKQHTDSFQAALGSLPVDKAQELQAVLGLS
;
A
2 'polypeptide(L)'
;MARTKQTARKSTGGKAPRKQLATKAARKSAPATGGVKKPHRYRPGTVALREIRRYQKSTELLIRKLPFQRLVREIAQDFK
TDLRFQSSAVMALQEASEAYLVGLFEDTNLCGIHAKRVTIMPKDIQLARRIRGERA
;
C
3 'polypeptide(L)'
;MSIVSLLGIKVLNNPAKFTDPYEFEITFECLESLKHDLEWKLTYVGSSRSLDHDQELDSILVGPVPVGVNKFVFSADPPS
AELIPASELVSVTVILLSCSYDGREFVRVGYYVNNEYDEEELRENPPAKVQVDHIVRNILAEKPRVTRFNIVWDNENEGD
LYPPEQPGVDDEEEEDDEEEDDDEDDEDDEDDDQEDGEGEAEEAAEEEEEEEEKTEDNETNLEEEEEDIENSDGDEEEGE
EEVGSVDKNEDGNDKKRRKIEGGSTDIESTPKDAARSTN
;
D
4 'polypeptide(L)'
;MSGRGKGGKGLGKGGAKRHRKVLRDNIQGITKPAIRRLARRGGVKRISGLIYEETRGVLKVFLENVIRDAVTYTEHAKRK
TVTAMDVVYALKRQGRTLYGFGG
;
E
#
# COMPACT_ATOMS: atom_id res chain seq x y z
N LEU A 10 25.20 23.49 -46.38
CA LEU A 10 24.72 23.63 -45.01
C LEU A 10 23.54 24.58 -44.93
N ARG A 11 22.56 24.38 -45.81
CA ARG A 11 21.35 25.22 -45.85
C ARG A 11 20.29 24.65 -44.91
N GLU A 12 20.62 24.63 -43.62
CA GLU A 12 19.72 24.11 -42.60
C GLU A 12 19.03 25.25 -41.84
N LEU A 13 17.83 25.58 -42.29
CA LEU A 13 17.01 26.59 -41.62
C LEU A 13 16.22 25.99 -40.46
N LEU A 14 16.89 25.81 -39.33
CA LEU A 14 16.31 25.21 -38.15
C LEU A 14 15.80 26.25 -37.15
N LEU A 15 15.61 27.50 -37.58
CA LEU A 15 15.16 28.47 -36.58
C LEU A 15 13.73 28.90 -36.87
N PRO A 16 13.00 29.36 -35.82
CA PRO A 16 11.56 29.59 -35.94
C PRO A 16 11.11 30.41 -37.15
N ASP A 17 11.90 31.41 -37.56
CA ASP A 17 11.51 32.37 -38.60
C ASP A 17 10.21 33.04 -38.14
N THR A 18 9.16 33.05 -38.95
CA THR A 18 7.87 33.60 -38.56
C THR A 18 7.08 32.56 -37.76
N GLU A 19 5.79 32.84 -37.58
CA GLU A 19 4.90 31.92 -36.89
C GLU A 19 4.55 30.72 -37.76
N ARG A 20 5.21 30.61 -38.91
CA ARG A 20 5.06 29.48 -39.81
C ARG A 20 6.10 28.39 -39.55
N ILE A 21 6.58 28.27 -38.31
CA ILE A 21 7.53 27.22 -37.96
C ILE A 21 6.92 25.85 -38.20
N ARG A 22 5.60 25.75 -38.08
CA ARG A 22 4.92 24.49 -38.40
C ARG A 22 5.11 24.12 -39.87
N ARG A 23 5.03 25.11 -40.77
CA ARG A 23 5.26 24.86 -42.18
C ARG A 23 6.63 24.25 -42.42
N ALA A 24 7.60 24.59 -41.57
CA ALA A 24 8.90 23.94 -41.64
C ALA A 24 8.85 22.54 -41.05
N THR A 25 8.43 22.41 -39.80
CA THR A 25 8.57 21.15 -39.08
C THR A 25 7.76 20.02 -39.74
N GLU A 26 6.49 20.26 -40.03
CA GLU A 26 5.64 19.17 -40.51
C GLU A 26 5.94 18.81 -41.95
N GLN A 27 6.53 19.72 -42.72
CA GLN A 27 6.73 19.52 -44.16
C GLN A 27 8.16 19.12 -44.50
N LEU A 28 9.14 19.94 -44.12
CA LEU A 28 10.54 19.65 -44.41
C LEU A 28 11.12 18.75 -43.33
N GLN A 29 12.33 18.24 -43.61
CA GLN A 29 13.06 17.35 -42.72
C GLN A 29 12.21 16.14 -42.31
N ILE A 30 11.28 15.75 -43.18
CA ILE A 30 10.44 14.57 -42.94
C ILE A 30 10.24 13.86 -44.27
N VAL A 31 10.73 14.47 -45.35
CA VAL A 31 10.49 13.98 -46.70
C VAL A 31 11.78 13.38 -47.25
N LEU A 32 12.58 12.77 -46.36
CA LEU A 32 13.84 12.19 -46.78
C LEU A 32 13.65 11.09 -47.81
N ARG A 33 12.67 10.21 -47.61
CA ARG A 33 12.44 9.12 -48.56
C ARG A 33 11.81 9.64 -49.85
N ALA A 34 10.83 10.54 -49.74
CA ALA A 34 10.14 11.05 -50.90
C ALA A 34 10.77 12.35 -51.39
N ALA A 40 21.93 9.53 -43.96
CA ALA A 40 23.30 9.99 -44.17
C ALA A 40 23.55 11.31 -43.45
N LEU A 41 22.50 11.84 -42.81
CA LEU A 41 22.63 13.10 -42.09
C LEU A 41 23.44 12.93 -40.81
N CYS A 42 23.55 11.70 -40.32
CA CYS A 42 24.30 11.45 -39.09
C CYS A 42 25.79 11.71 -39.28
N ASP A 43 26.27 11.64 -40.52
CA ASP A 43 27.71 11.71 -40.79
C ASP A 43 28.29 13.10 -40.57
N LEU A 44 27.48 14.16 -40.61
CA LEU A 44 27.98 15.52 -40.53
C LEU A 44 27.12 16.38 -39.62
N LEU A 45 26.56 15.77 -38.57
CA LEU A 45 25.77 16.50 -37.59
C LEU A 45 26.71 17.23 -36.64
N ALA A 46 27.49 18.14 -37.20
CA ALA A 46 28.42 19.00 -36.47
C ALA A 46 28.36 20.42 -37.02
N SER A 47 27.14 20.92 -37.25
CA SER A 47 26.93 22.21 -37.90
C SER A 47 27.23 23.33 -36.91
N ALA A 48 28.52 23.60 -36.74
CA ALA A 48 28.97 24.65 -35.83
C ALA A 48 29.06 25.99 -36.57
N ALA A 49 27.88 26.60 -36.76
CA ALA A 49 27.78 27.86 -37.47
C ALA A 49 27.33 29.01 -36.58
N ASP A 50 26.18 28.89 -35.92
CA ASP A 50 25.62 29.96 -35.11
C ASP A 50 25.18 29.40 -33.77
N PRO A 51 25.27 30.19 -32.70
CA PRO A 51 24.91 29.67 -31.36
C PRO A 51 23.45 29.23 -31.28
N GLN A 52 23.25 28.17 -30.49
CA GLN A 52 21.97 27.57 -30.11
C GLN A 52 21.38 26.77 -31.27
N ILE A 53 21.93 26.95 -32.48
CA ILE A 53 21.76 25.93 -33.51
C ILE A 53 22.59 24.72 -33.15
N ARG A 54 23.75 24.93 -32.53
CA ARG A 54 24.47 23.82 -31.91
C ARG A 54 23.63 23.16 -30.82
N GLN A 55 22.80 23.95 -30.13
CA GLN A 55 21.91 23.39 -29.12
C GLN A 55 20.89 22.46 -29.77
N PHE A 56 20.24 22.93 -30.85
CA PHE A 56 19.35 22.05 -31.61
C PHE A 56 20.08 20.80 -32.09
N ALA A 57 21.28 20.97 -32.63
CA ALA A 57 22.02 19.84 -33.17
C ALA A 57 22.33 18.81 -32.08
N ALA A 58 22.74 19.28 -30.91
CA ALA A 58 23.05 18.37 -29.81
C ALA A 58 21.80 17.67 -29.30
N VAL A 59 20.67 18.40 -29.22
CA VAL A 59 19.43 17.76 -28.76
C VAL A 59 19.02 16.66 -29.73
N LEU A 60 19.06 16.93 -31.03
CA LEU A 60 18.72 15.91 -32.01
C LEU A 60 19.70 14.74 -31.98
N THR A 61 21.00 15.04 -31.84
CA THR A 61 22.02 14.00 -31.85
C THR A 61 21.90 13.09 -30.64
N ARG A 62 21.51 13.64 -29.49
CA ARG A 62 21.34 12.80 -28.29
C ARG A 62 20.33 11.69 -28.55
N ARG A 63 19.15 12.05 -29.06
CA ARG A 63 18.13 11.04 -29.38
C ARG A 63 18.56 10.13 -30.51
N ARG A 64 19.20 10.67 -31.54
CA ARG A 64 19.64 9.85 -32.67
C ARG A 64 20.61 8.77 -32.22
N LEU A 65 21.58 9.15 -31.38
CA LEU A 65 22.55 8.19 -30.87
C LEU A 65 21.93 7.26 -29.84
N ASN A 66 20.93 7.74 -29.09
CA ASN A 66 20.23 6.85 -28.17
C ASN A 66 19.51 5.75 -28.92
N THR A 67 18.91 6.08 -30.06
CA THR A 67 18.18 5.11 -30.86
C THR A 67 19.09 4.22 -31.72
N ARG A 68 20.25 4.72 -32.16
CA ARG A 68 21.08 3.93 -33.07
C ARG A 68 22.56 3.92 -32.69
N TRP A 69 22.90 3.74 -31.41
CA TRP A 69 24.31 3.70 -31.03
C TRP A 69 24.96 2.39 -31.47
N ARG A 70 24.29 1.27 -31.26
CA ARG A 70 24.90 -0.04 -31.51
C ARG A 70 25.00 -0.37 -33.00
N ARG A 71 24.38 0.42 -33.88
CA ARG A 71 24.47 0.19 -35.31
C ARG A 71 25.59 0.99 -35.96
N LEU A 72 26.39 1.71 -35.18
CA LEU A 72 27.56 2.40 -35.70
C LEU A 72 28.83 1.58 -35.59
N ALA A 73 28.74 0.34 -35.10
CA ALA A 73 29.90 -0.54 -34.92
C ALA A 73 30.97 0.13 -34.07
N ALA A 74 32.20 0.19 -34.58
CA ALA A 74 33.30 0.82 -33.86
C ALA A 74 34.18 1.72 -34.72
N GLU A 75 34.04 1.71 -36.04
CA GLU A 75 34.95 2.47 -36.90
C GLU A 75 34.83 3.96 -36.66
N GLN A 76 33.60 4.48 -36.59
CA GLN A 76 33.37 5.91 -36.43
C GLN A 76 33.10 6.30 -34.98
N ARG A 77 33.10 5.33 -34.06
CA ARG A 77 32.87 5.62 -32.65
C ARG A 77 33.95 6.54 -32.10
N GLU A 78 35.22 6.20 -32.33
CA GLU A 78 36.32 7.02 -31.85
C GLU A 78 36.35 8.39 -32.49
N SER A 79 36.07 8.49 -33.79
CA SER A 79 36.04 9.79 -34.45
C SER A 79 34.93 10.66 -33.88
N LEU A 80 33.75 10.07 -33.66
CA LEU A 80 32.65 10.85 -33.07
C LEU A 80 32.99 11.29 -31.65
N LYS A 81 33.60 10.40 -30.86
CA LYS A 81 33.99 10.77 -29.51
C LYS A 81 34.99 11.91 -29.52
N SER A 82 35.98 11.84 -30.43
CA SER A 82 36.96 12.91 -30.55
C SER A 82 36.32 14.22 -30.96
N LEU A 83 35.34 14.17 -31.87
CA LEU A 83 34.63 15.38 -32.29
C LEU A 83 33.90 16.00 -31.10
N ILE A 84 33.22 15.16 -30.30
CA ILE A 84 32.48 15.68 -29.16
C ILE A 84 33.43 16.28 -28.12
N LEU A 85 34.55 15.60 -27.84
CA LEU A 85 35.52 16.14 -26.89
C LEU A 85 36.12 17.46 -27.40
N THR A 86 36.41 17.54 -28.70
CA THR A 86 36.92 18.80 -29.25
C THR A 86 35.88 19.90 -29.12
N ALA A 87 34.61 19.59 -29.36
CA ALA A 87 33.55 20.58 -29.21
C ALA A 87 33.43 21.05 -27.76
N LEU A 88 33.55 20.14 -26.79
CA LEU A 88 33.40 20.50 -25.39
C LEU A 88 34.51 21.42 -24.88
N GLN A 89 35.64 21.48 -25.57
CA GLN A 89 36.77 22.30 -25.13
C GLN A 89 36.79 23.68 -25.78
N ARG A 90 35.79 24.01 -26.60
CA ARG A 90 35.76 25.29 -27.29
C ARG A 90 34.43 26.03 -27.13
N GLU A 91 33.44 25.44 -26.49
CA GLU A 91 32.15 26.09 -26.34
C GLU A 91 32.25 27.26 -25.36
N THR A 92 31.52 28.34 -25.66
CA THR A 92 31.54 29.55 -24.85
C THR A 92 30.26 29.82 -24.10
N GLU A 93 29.10 29.40 -24.62
CA GLU A 93 27.83 29.64 -23.96
C GLU A 93 27.62 28.61 -22.86
N HIS A 94 26.44 28.64 -22.24
CA HIS A 94 26.14 27.75 -21.12
C HIS A 94 25.10 26.70 -21.47
N CYS A 95 23.96 27.10 -22.03
CA CYS A 95 22.90 26.13 -22.34
C CYS A 95 23.37 25.09 -23.35
N VAL A 96 24.05 25.54 -24.41
CA VAL A 96 24.58 24.60 -25.39
C VAL A 96 25.69 23.75 -24.78
N SER A 97 26.48 24.34 -23.87
CA SER A 97 27.48 23.55 -23.15
C SER A 97 26.82 22.47 -22.30
N LEU A 98 25.71 22.82 -21.64
CA LEU A 98 24.96 21.81 -20.89
C LEU A 98 24.42 20.73 -21.80
N SER A 99 23.94 21.10 -22.99
CA SER A 99 23.43 20.09 -23.92
C SER A 99 24.54 19.16 -24.41
N LEU A 100 25.72 19.71 -24.69
CA LEU A 100 26.85 18.88 -25.07
C LEU A 100 27.27 17.97 -23.92
N ALA A 101 27.21 18.46 -22.69
CA ALA A 101 27.48 17.60 -21.54
C ALA A 101 26.46 16.48 -21.44
N GLN A 102 25.19 16.78 -21.72
CA GLN A 102 24.16 15.75 -21.73
C GLN A 102 24.45 14.69 -22.79
N LEU A 103 24.87 15.12 -23.98
CA LEU A 103 25.23 14.18 -25.03
C LEU A 103 26.42 13.32 -24.62
N SER A 104 27.44 13.94 -24.01
CA SER A 104 28.60 13.19 -23.56
C SER A 104 28.22 12.16 -22.50
N ALA A 105 27.34 12.55 -21.57
CA ALA A 105 26.89 11.61 -20.54
C ALA A 105 26.08 10.47 -21.16
N THR A 106 25.24 10.78 -22.16
CA THR A 106 24.49 9.74 -22.84
C THR A 106 25.41 8.75 -23.52
N ILE A 107 26.47 9.25 -24.16
CA ILE A 107 27.45 8.34 -24.75
C ILE A 107 28.14 7.51 -23.66
N PHE A 108 28.47 8.14 -22.53
CA PHE A 108 29.11 7.42 -21.43
C PHE A 108 28.17 6.41 -20.81
N ARG A 109 26.89 6.76 -20.66
CA ARG A 109 25.95 5.90 -19.97
C ARG A 109 25.78 4.57 -20.67
N LYS A 110 25.62 4.59 -22.00
CA LYS A 110 25.38 3.37 -22.75
C LYS A 110 26.63 2.52 -22.92
N GLU A 111 27.81 3.11 -22.80
CA GLU A 111 29.06 2.39 -22.93
C GLU A 111 29.57 1.97 -21.55
N GLY A 112 30.69 1.26 -21.52
CA GLY A 112 31.26 0.82 -20.27
C GLY A 112 31.98 1.94 -19.53
N LEU A 113 32.31 1.65 -18.27
CA LEU A 113 33.00 2.64 -17.44
C LEU A 113 34.40 2.91 -17.97
N GLU A 114 35.15 1.85 -18.28
CA GLU A 114 36.51 1.99 -18.78
C GLU A 114 36.60 1.98 -20.30
N ALA A 115 35.47 1.89 -21.00
CA ALA A 115 35.47 1.89 -22.45
C ALA A 115 35.70 3.28 -23.04
N TRP A 116 35.71 4.32 -22.21
CA TRP A 116 35.93 5.70 -22.64
C TRP A 116 37.06 6.27 -21.79
N PRO A 117 38.31 5.90 -22.07
CA PRO A 117 39.41 6.26 -21.18
C PRO A 117 39.91 7.69 -21.33
N GLN A 118 39.34 8.49 -22.25
CA GLN A 118 39.74 9.88 -22.42
C GLN A 118 38.81 10.87 -21.73
N LEU A 119 37.53 10.53 -21.58
CA LEU A 119 36.62 11.40 -20.84
C LEU A 119 37.05 11.53 -19.39
N LEU A 120 37.44 10.42 -18.77
CA LEU A 120 37.92 10.47 -17.38
C LEU A 120 39.21 11.30 -17.28
N GLN A 121 40.11 11.14 -18.26
CA GLN A 121 41.34 11.93 -18.26
C GLN A 121 41.02 13.42 -18.41
N LEU A 122 40.09 13.77 -19.29
CA LEU A 122 39.69 15.17 -19.43
C LEU A 122 39.11 15.71 -18.13
N LEU A 123 38.25 14.94 -17.48
CA LEU A 123 37.67 15.38 -16.22
C LEU A 123 38.75 15.61 -15.17
N GLN A 124 39.67 14.65 -15.03
CA GLN A 124 40.71 14.76 -14.02
C GLN A 124 41.62 15.95 -14.31
N HIS A 125 41.93 16.21 -15.59
CA HIS A 125 42.82 17.30 -15.93
C HIS A 125 42.13 18.66 -15.77
N SER A 126 40.86 18.75 -16.17
CA SER A 126 40.16 20.04 -16.15
C SER A 126 39.76 20.44 -14.74
N THR A 127 39.29 19.49 -13.93
CA THR A 127 38.83 19.83 -12.59
C THR A 127 39.97 20.22 -11.65
N HIS A 128 41.22 20.03 -12.05
CA HIS A 128 42.37 20.44 -11.27
C HIS A 128 43.19 21.50 -11.98
N SER A 129 42.61 22.12 -13.01
CA SER A 129 43.22 23.18 -13.81
C SER A 129 43.17 24.51 -13.06
N PRO A 130 44.14 25.40 -13.30
CA PRO A 130 44.12 26.72 -12.66
C PRO A 130 43.33 27.79 -13.39
N HIS A 131 42.49 27.43 -14.36
CA HIS A 131 41.69 28.38 -15.12
C HIS A 131 40.23 28.25 -14.74
N SER A 132 39.59 29.37 -14.41
CA SER A 132 38.20 29.34 -13.98
C SER A 132 37.25 28.79 -15.02
N PRO A 133 37.30 29.20 -16.30
CA PRO A 133 36.42 28.55 -17.29
C PRO A 133 36.67 27.06 -17.41
N GLU A 134 37.93 26.64 -17.31
CA GLU A 134 38.24 25.22 -17.35
C GLU A 134 37.61 24.47 -16.19
N ARG A 135 37.71 25.04 -14.97
CA ARG A 135 37.09 24.41 -13.82
C ARG A 135 35.57 24.35 -13.97
N GLU A 136 34.97 25.44 -14.46
CA GLU A 136 33.52 25.44 -14.62
C GLU A 136 33.06 24.38 -15.62
N MET A 137 33.74 24.29 -16.77
CA MET A 137 33.39 23.29 -17.76
C MET A 137 33.66 21.88 -17.28
N GLY A 138 34.69 21.67 -16.46
CA GLY A 138 34.95 20.37 -15.89
C GLY A 138 33.89 19.95 -14.89
N LEU A 139 33.54 20.84 -13.96
CA LEU A 139 32.52 20.53 -12.97
C LEU A 139 31.15 20.31 -13.60
N LEU A 140 30.77 21.10 -14.60
CA LEU A 140 29.47 20.91 -15.24
C LEU A 140 29.37 19.52 -15.87
N LEU A 141 30.39 19.17 -16.67
CA LEU A 141 30.41 17.87 -17.32
C LEU A 141 30.45 16.74 -16.29
N LEU A 142 31.24 16.91 -15.22
CA LEU A 142 31.32 15.90 -14.19
C LEU A 142 29.98 15.68 -13.51
N SER A 143 29.28 16.78 -13.20
CA SER A 143 27.98 16.66 -12.55
C SER A 143 27.00 15.94 -13.46
N VAL A 144 26.98 16.29 -14.75
CA VAL A 144 26.05 15.64 -15.67
C VAL A 144 26.37 14.15 -15.79
N VAL A 145 27.66 13.82 -15.92
CA VAL A 145 28.06 12.42 -16.10
C VAL A 145 27.69 11.60 -14.87
N VAL A 146 27.99 12.14 -13.68
CA VAL A 146 27.69 11.41 -12.45
C VAL A 146 26.18 11.26 -12.27
N THR A 147 25.42 12.29 -12.62
CA THR A 147 23.97 12.21 -12.52
C THR A 147 23.41 11.13 -13.43
N SER A 148 23.94 11.01 -14.65
CA SER A 148 23.40 10.06 -15.61
C SER A 148 23.53 8.63 -15.11
N ARG A 149 24.73 8.24 -14.64
CA ARG A 149 24.98 6.89 -14.16
C ARG A 149 25.63 6.99 -12.78
N PRO A 150 24.83 7.12 -11.73
CA PRO A 150 25.41 7.27 -10.38
C PRO A 150 26.24 6.08 -9.91
N GLU A 151 25.86 4.86 -10.30
CA GLU A 151 26.56 3.68 -9.81
C GLU A 151 27.91 3.47 -10.46
N ALA A 152 28.21 4.17 -11.57
CA ALA A 152 29.51 4.03 -12.20
C ALA A 152 30.63 4.53 -11.30
N PHE A 153 30.39 5.61 -10.57
CA PHE A 153 31.40 6.22 -9.72
C PHE A 153 31.40 5.66 -8.30
N GLN A 154 30.93 4.42 -8.14
CA GLN A 154 30.97 3.78 -6.83
C GLN A 154 32.37 3.64 -6.26
N PRO A 155 33.40 3.22 -7.02
CA PRO A 155 34.72 3.06 -6.40
C PRO A 155 35.34 4.37 -5.93
N HIS A 156 35.27 5.44 -6.73
CA HIS A 156 36.05 6.64 -6.43
C HIS A 156 35.27 7.65 -5.60
N HIS A 157 34.61 7.19 -4.53
CA HIS A 157 33.96 8.14 -3.63
C HIS A 157 34.97 9.05 -2.94
N ARG A 158 36.09 8.49 -2.49
CA ARG A 158 37.08 9.30 -1.79
C ARG A 158 37.67 10.36 -2.72
N GLU A 159 38.03 9.96 -3.94
CA GLU A 159 38.60 10.91 -4.89
C GLU A 159 37.60 11.99 -5.27
N LEU A 160 36.36 11.61 -5.56
CA LEU A 160 35.38 12.61 -5.96
C LEU A 160 35.00 13.51 -4.79
N LEU A 161 34.98 12.98 -3.57
CA LEU A 161 34.73 13.82 -2.40
C LEU A 161 35.87 14.81 -2.18
N ARG A 162 37.11 14.37 -2.38
CA ARG A 162 38.24 15.28 -2.27
C ARG A 162 38.15 16.39 -3.32
N LEU A 163 37.78 16.03 -4.55
CA LEU A 163 37.60 17.03 -5.60
C LEU A 163 36.50 18.02 -5.23
N LEU A 164 35.39 17.51 -4.71
CA LEU A 164 34.29 18.38 -4.31
C LEU A 164 34.69 19.32 -3.18
N ASN A 165 35.43 18.80 -2.21
CA ASN A 165 35.88 19.63 -1.09
C ASN A 165 36.83 20.71 -1.58
N GLU A 166 37.72 20.40 -2.52
CA GLU A 166 38.59 21.41 -3.07
C GLU A 166 37.81 22.46 -3.85
N THR A 167 36.82 22.03 -4.63
CA THR A 167 36.10 22.94 -5.52
C THR A 167 35.12 23.84 -4.78
N LEU A 168 34.45 23.31 -3.76
CA LEU A 168 33.40 24.05 -3.07
C LEU A 168 33.93 25.27 -2.32
N GLY A 169 35.23 25.38 -2.12
CA GLY A 169 35.81 26.53 -1.49
C GLY A 169 35.96 27.76 -2.36
N GLU A 170 35.62 27.65 -3.65
CA GLU A 170 35.75 28.76 -4.59
C GLU A 170 34.46 29.56 -4.60
N VAL A 171 34.36 30.48 -3.62
CA VAL A 171 33.16 31.28 -3.45
C VAL A 171 33.02 32.32 -4.56
N GLY A 172 34.09 32.61 -5.30
CA GLY A 172 34.04 33.65 -6.30
C GLY A 172 33.11 33.32 -7.46
N SER A 173 33.12 32.07 -7.90
CA SER A 173 32.32 31.66 -9.06
C SER A 173 31.09 30.89 -8.61
N PRO A 174 29.89 31.44 -8.76
CA PRO A 174 28.68 30.69 -8.37
C PRO A 174 28.48 29.40 -9.15
N GLY A 175 28.94 29.34 -10.41
CA GLY A 175 28.72 28.15 -11.21
C GLY A 175 29.41 26.92 -10.65
N LEU A 176 30.66 27.08 -10.21
CA LEU A 176 31.37 25.94 -9.60
C LEU A 176 30.65 25.45 -8.35
N LEU A 177 30.20 26.38 -7.50
CA LEU A 177 29.47 26.00 -6.30
C LEU A 177 28.20 25.24 -6.67
N PHE A 178 27.43 25.77 -7.62
CA PHE A 178 26.16 25.15 -7.99
C PHE A 178 26.37 23.75 -8.56
N TYR A 179 27.36 23.58 -9.43
CA TYR A 179 27.54 22.28 -10.06
C TYR A 179 28.20 21.27 -9.12
N SER A 180 29.08 21.73 -8.23
CA SER A 180 29.60 20.84 -7.20
C SER A 180 28.50 20.40 -6.25
N LEU A 181 27.56 21.30 -5.95
CA LEU A 181 26.43 20.92 -5.10
C LEU A 181 25.49 19.96 -5.83
N ARG A 182 25.35 20.10 -7.15
CA ARG A 182 24.60 19.11 -7.91
C ARG A 182 25.28 17.74 -7.87
N THR A 183 26.62 17.73 -7.99
CA THR A 183 27.35 16.48 -7.87
C THR A 183 27.15 15.85 -6.49
N LEU A 184 27.18 16.66 -5.44
CA LEU A 184 26.90 16.16 -4.10
C LEU A 184 25.48 15.63 -4.00
N THR A 185 24.51 16.30 -4.62
CA THR A 185 23.14 15.81 -4.65
C THR A 185 23.09 14.40 -5.22
N THR A 186 23.75 14.20 -6.37
CA THR A 186 23.75 12.88 -6.99
C THR A 186 24.48 11.84 -6.16
N MET A 187 25.59 12.22 -5.50
CA MET A 187 26.40 11.27 -4.75
C MET A 187 25.97 11.09 -3.31
N ALA A 188 25.12 11.98 -2.77
CA ALA A 188 24.77 11.90 -1.36
C ALA A 188 24.13 10.58 -0.94
N PRO A 189 23.15 10.02 -1.66
CA PRO A 189 22.56 8.76 -1.19
C PRO A 189 23.54 7.60 -1.10
N TYR A 190 24.62 7.60 -1.88
CA TYR A 190 25.55 6.49 -1.94
C TYR A 190 26.81 6.75 -1.12
N LEU A 191 26.67 7.46 0.00
CA LEU A 191 27.80 7.69 0.88
C LEU A 191 27.93 6.52 1.85
N SER A 192 29.14 5.97 1.94
CA SER A 192 29.42 4.84 2.81
C SER A 192 29.91 5.33 4.17
N THR A 193 30.05 4.40 5.11
CA THR A 193 30.52 4.75 6.44
C THR A 193 31.96 5.27 6.42
N GLU A 194 32.82 4.67 5.60
CA GLU A 194 34.22 5.08 5.53
C GLU A 194 34.41 6.46 4.90
N ASP A 195 33.40 6.99 4.22
CA ASP A 195 33.50 8.27 3.55
C ASP A 195 32.99 9.43 4.41
N VAL A 196 32.61 9.17 5.66
CA VAL A 196 32.01 10.19 6.52
C VAL A 196 32.94 11.37 6.82
N PRO A 197 34.26 11.20 7.08
CA PRO A 197 35.03 12.38 7.49
C PRO A 197 35.13 13.45 6.41
N LEU A 198 35.22 13.05 5.14
CA LEU A 198 35.30 14.02 4.05
C LEU A 198 34.03 14.85 3.98
N ALA A 199 32.86 14.20 4.06
CA ALA A 199 31.61 14.93 4.03
C ALA A 199 31.46 15.82 5.26
N ARG A 200 31.90 15.34 6.42
CA ARG A 200 31.86 16.16 7.63
C ARG A 200 32.69 17.43 7.46
N MET A 201 33.88 17.29 6.88
CA MET A 201 34.71 18.46 6.59
C MET A 201 34.08 19.35 5.53
N LEU A 202 33.32 18.77 4.60
CA LEU A 202 32.74 19.54 3.49
C LEU A 202 31.49 20.31 3.91
N VAL A 203 30.81 19.88 4.97
CA VAL A 203 29.55 20.53 5.36
C VAL A 203 29.67 22.04 5.56
N PRO A 204 30.67 22.56 6.30
CA PRO A 204 30.77 24.03 6.41
C PRO A 204 30.93 24.73 5.08
N LYS A 205 31.67 24.12 4.15
CA LYS A 205 31.78 24.68 2.81
C LYS A 205 30.42 24.69 2.12
N LEU A 206 29.61 23.65 2.36
CA LEU A 206 28.26 23.62 1.81
C LEU A 206 27.42 24.76 2.37
N ILE A 207 27.54 25.03 3.67
CA ILE A 207 26.79 26.13 4.28
C ILE A 207 27.22 27.47 3.69
N MET A 208 28.54 27.66 3.52
CA MET A 208 29.03 28.90 2.94
C MET A 208 28.55 29.07 1.50
N ALA A 209 28.57 27.98 0.73
CA ALA A 209 28.07 28.04 -0.65
C ALA A 209 26.59 28.37 -0.68
N MET A 210 25.81 27.79 0.24
CA MET A 210 24.39 28.13 0.33
C MET A 210 24.18 29.60 0.64
N GLN A 211 24.94 30.13 1.59
CA GLN A 211 24.80 31.54 1.96
C GLN A 211 25.17 32.44 0.80
N THR A 212 26.18 32.04 0.01
CA THR A 212 26.56 32.84 -1.15
C THR A 212 25.52 32.76 -2.25
N LEU A 213 24.94 31.57 -2.47
CA LEU A 213 24.04 31.36 -3.58
C LEU A 213 22.61 31.83 -3.32
N ILE A 214 22.24 32.04 -2.05
CA ILE A 214 20.87 32.46 -1.75
C ILE A 214 20.50 33.78 -2.43
N PRO A 215 21.30 34.85 -2.34
CA PRO A 215 20.87 36.12 -2.95
C PRO A 215 21.03 36.18 -4.46
N ILE A 216 21.87 35.33 -5.05
CA ILE A 216 22.12 35.43 -6.49
C ILE A 216 20.89 35.01 -7.28
N ASP A 217 20.32 33.86 -6.96
CA ASP A 217 19.16 33.35 -7.70
C ASP A 217 18.42 32.34 -6.85
N GLU A 218 17.10 32.33 -6.97
CA GLU A 218 16.27 31.43 -6.18
C GLU A 218 16.32 30.00 -6.69
N ALA A 219 16.33 29.82 -8.02
CA ALA A 219 16.30 28.47 -8.59
C ALA A 219 17.56 27.69 -8.25
N LYS A 220 18.74 28.30 -8.42
CA LYS A 220 19.98 27.63 -8.06
C LYS A 220 20.03 27.35 -6.56
N ALA A 221 19.51 28.28 -5.76
CA ALA A 221 19.44 28.06 -4.33
C ALA A 221 18.58 26.83 -4.00
N CYS A 222 17.47 26.66 -4.73
CA CYS A 222 16.64 25.47 -4.53
C CYS A 222 17.37 24.20 -4.95
N GLU A 223 18.05 24.22 -6.10
CA GLU A 223 18.75 23.03 -6.53
C GLU A 223 19.98 22.70 -5.69
N ALA A 224 20.46 23.63 -4.88
CA ALA A 224 21.51 23.31 -3.90
C ALA A 224 20.95 22.94 -2.54
N LEU A 225 19.80 23.52 -2.16
CA LEU A 225 19.04 22.97 -1.05
C LEU A 225 18.65 21.53 -1.31
N GLU A 226 18.57 21.14 -2.58
CA GLU A 226 18.45 19.73 -2.92
C GLU A 226 19.59 18.92 -2.32
N ALA A 227 20.83 19.40 -2.49
CA ALA A 227 21.98 18.72 -1.90
C ALA A 227 21.91 18.71 -0.39
N LEU A 228 21.55 19.84 0.21
CA LEU A 228 21.45 19.89 1.66
C LEU A 228 20.42 18.90 2.19
N ASP A 229 19.26 18.85 1.54
CA ASP A 229 18.20 17.93 1.96
C ASP A 229 18.64 16.48 1.80
N GLU A 230 19.32 16.17 0.71
CA GLU A 230 19.82 14.81 0.55
C GLU A 230 20.86 14.45 1.60
N LEU A 231 21.69 15.42 2.00
CA LEU A 231 22.68 15.15 3.04
C LEU A 231 22.06 15.06 4.42
N LEU A 232 20.86 15.63 4.62
CA LEU A 232 20.24 15.58 5.95
C LEU A 232 20.02 14.15 6.40
N GLU A 233 19.44 13.31 5.54
CA GLU A 233 19.19 11.91 5.86
C GLU A 233 20.00 11.05 4.89
N SER A 234 21.07 10.45 5.39
CA SER A 234 21.95 9.61 4.59
C SER A 234 22.32 8.30 5.27
N GLU A 235 21.76 8.00 6.44
CA GLU A 235 22.02 6.80 7.25
C GLU A 235 23.42 6.82 7.86
N VAL A 236 24.23 7.82 7.56
CA VAL A 236 25.57 7.94 8.12
C VAL A 236 25.68 9.27 8.85
N PRO A 237 26.46 9.35 9.94
CA PRO A 237 26.52 10.60 10.74
C PRO A 237 27.36 11.68 10.07
N VAL A 238 26.80 12.29 9.04
CA VAL A 238 27.50 13.35 8.30
C VAL A 238 27.24 14.72 8.89
N ILE A 239 25.98 15.07 9.14
CA ILE A 239 25.62 16.44 9.49
C ILE A 239 25.44 16.64 10.99
N THR A 240 25.51 15.58 11.79
CA THR A 240 25.34 15.74 13.23
C THR A 240 26.40 16.61 13.91
N PRO A 241 27.70 16.54 13.59
CA PRO A 241 28.65 17.38 14.34
C PRO A 241 28.46 18.87 14.11
N TYR A 242 27.88 19.27 12.99
CA TYR A 242 27.63 20.67 12.67
C TYR A 242 26.15 21.01 12.73
N LEU A 243 25.41 20.36 13.63
CA LEU A 243 23.99 20.61 13.75
C LEU A 243 23.70 22.04 14.16
N SER A 244 24.51 22.58 15.07
CA SER A 244 24.29 23.96 15.51
C SER A 244 24.44 24.94 14.35
N GLU A 245 25.50 24.77 13.55
CA GLU A 245 25.70 25.67 12.41
C GLU A 245 24.62 25.49 11.36
N VAL A 246 24.21 24.25 11.08
CA VAL A 246 23.17 24.03 10.09
C VAL A 246 21.85 24.66 10.53
N LEU A 247 21.50 24.48 11.81
CA LEU A 247 20.26 25.07 12.32
C LEU A 247 20.34 26.59 12.32
N THR A 248 21.51 27.15 12.64
CA THR A 248 21.66 28.60 12.60
C THR A 248 21.49 29.14 11.19
N PHE A 249 22.07 28.47 10.20
CA PHE A 249 21.88 28.89 8.81
C PHE A 249 20.41 28.79 8.40
N CYS A 250 19.75 27.70 8.77
CA CYS A 250 18.35 27.53 8.41
C CYS A 250 17.48 28.60 9.04
N LEU A 251 17.74 28.95 10.30
CA LEU A 251 16.99 30.01 10.96
C LEU A 251 17.29 31.37 10.32
N GLU A 252 18.55 31.62 9.98
CA GLU A 252 18.91 32.90 9.40
C GLU A 252 18.22 33.12 8.05
N VAL A 253 18.13 32.06 7.25
CA VAL A 253 17.51 32.20 5.92
C VAL A 253 15.99 32.12 6.01
N ALA A 254 15.47 31.42 7.02
CA ALA A 254 14.03 31.19 7.10
C ALA A 254 13.28 32.45 7.52
N ARG A 255 13.88 33.26 8.39
CA ARG A 255 13.21 34.43 8.94
C ARG A 255 13.40 35.67 8.08
N ASN A 256 14.06 35.56 6.94
CA ASN A 256 14.23 36.69 6.02
C ASN A 256 12.90 36.97 5.36
N VAL A 257 12.19 37.98 5.88
CA VAL A 257 10.86 38.30 5.35
C VAL A 257 10.94 38.82 3.92
N ALA A 258 12.01 39.54 3.58
CA ALA A 258 12.16 40.08 2.23
C ALA A 258 12.45 39.01 1.20
N LEU A 259 12.75 37.78 1.61
CA LEU A 259 13.09 36.71 0.68
C LEU A 259 11.83 36.11 0.06
N GLY A 260 12.03 35.25 -0.93
CA GLY A 260 10.93 34.62 -1.61
C GLY A 260 10.24 33.55 -0.79
N ASN A 261 9.03 33.20 -1.22
CA ASN A 261 8.25 32.21 -0.49
C ASN A 261 8.75 30.78 -0.74
N ALA A 262 9.17 30.49 -1.98
CA ALA A 262 9.58 29.12 -2.30
C ALA A 262 10.82 28.70 -1.53
N ILE A 263 11.80 29.60 -1.43
CA ILE A 263 13.03 29.28 -0.71
C ILE A 263 12.75 29.09 0.77
N ARG A 264 11.85 29.91 1.33
CA ARG A 264 11.50 29.77 2.74
C ARG A 264 10.75 28.46 2.98
N ILE A 265 9.89 28.06 2.04
CA ILE A 265 9.19 26.78 2.17
C ILE A 265 10.18 25.63 2.13
N ARG A 266 11.16 25.69 1.22
CA ARG A 266 12.18 24.65 1.16
C ARG A 266 13.00 24.59 2.44
N ILE A 267 13.35 25.75 3.00
CA ILE A 267 14.11 25.78 4.24
C ILE A 267 13.28 25.22 5.40
N LEU A 268 11.98 25.51 5.41
CA LEU A 268 11.14 24.96 6.48
C LEU A 268 11.00 23.44 6.35
N CYS A 269 10.95 22.93 5.12
CA CYS A 269 10.97 21.48 4.94
C CYS A 269 12.30 20.89 5.42
N CYS A 270 13.40 21.59 5.15
CA CYS A 270 14.70 21.16 5.65
C CYS A 270 14.72 21.13 7.18
N LEU A 271 14.13 22.14 7.82
CA LEU A 271 14.03 22.16 9.27
C LEU A 271 13.16 21.01 9.78
N THR A 272 12.07 20.70 9.08
CA THR A 272 11.25 19.57 9.46
C THR A 272 12.05 18.28 9.43
N PHE A 273 12.85 18.08 8.38
CA PHE A 273 13.66 16.88 8.29
C PHE A 273 14.76 16.87 9.35
N LEU A 274 15.33 18.03 9.69
CA LEU A 274 16.30 18.10 10.77
C LEU A 274 15.68 17.67 12.09
N VAL A 275 14.48 18.16 12.38
CA VAL A 275 13.80 17.82 13.63
C VAL A 275 13.46 16.34 13.66
N LYS A 276 12.94 15.81 12.56
CA LYS A 276 12.49 14.42 12.53
C LYS A 276 13.65 13.45 12.73
N VAL A 277 14.77 13.69 12.06
CA VAL A 277 15.89 12.75 12.13
C VAL A 277 16.55 12.78 13.50
N LYS A 278 16.81 13.96 14.05
CA LYS A 278 17.50 14.09 15.33
C LYS A 278 16.96 15.33 16.05
N SER A 279 16.00 15.11 16.96
CA SER A 279 15.46 16.19 17.77
C SER A 279 16.06 16.24 19.17
N LYS A 280 16.55 15.11 19.68
CA LYS A 280 17.16 15.10 21.01
C LYS A 280 18.48 15.85 21.01
N ALA A 281 19.23 15.82 19.90
CA ALA A 281 20.51 16.51 19.85
C ALA A 281 20.35 18.01 20.03
N LEU A 282 19.33 18.60 19.41
CA LEU A 282 19.07 20.02 19.56
C LEU A 282 18.33 20.35 20.85
N LEU A 283 17.85 19.34 21.58
CA LEU A 283 17.25 19.57 22.89
C LEU A 283 18.30 19.66 23.99
N LYS A 284 19.32 18.80 23.94
CA LYS A 284 20.40 18.88 24.91
C LYS A 284 21.15 20.20 24.80
N ASN A 285 21.41 20.65 23.58
CA ASN A 285 22.00 21.96 23.35
C ASN A 285 20.92 23.03 23.41
N ARG A 286 21.36 24.29 23.49
CA ARG A 286 20.44 25.42 23.56
C ARG A 286 20.08 25.91 22.16
N LEU A 287 19.57 24.98 21.35
CA LEU A 287 19.14 25.27 20.00
C LEU A 287 17.62 25.39 19.86
N LEU A 288 16.87 25.00 20.89
CA LEU A 288 15.41 25.02 20.82
C LEU A 288 14.82 26.41 21.05
N PRO A 289 15.26 27.18 22.04
CA PRO A 289 14.71 28.54 22.21
C PRO A 289 14.90 29.41 20.98
N PRO A 290 16.09 29.42 20.35
CA PRO A 290 16.18 30.19 19.09
C PRO A 290 15.29 29.64 18.00
N LEU A 291 15.11 28.32 17.94
CA LEU A 291 14.24 27.74 16.93
C LEU A 291 12.81 28.22 17.10
N LEU A 292 12.30 28.22 18.33
CA LEU A 292 10.94 28.70 18.57
C LEU A 292 10.84 30.21 18.33
N HIS A 293 11.83 30.98 18.78
CA HIS A 293 11.81 32.42 18.58
C HIS A 293 11.88 32.80 17.10
N THR A 294 12.44 31.93 16.26
CA THR A 294 12.44 32.18 14.82
C THR A 294 11.17 31.66 14.15
N LEU A 295 10.65 30.54 14.63
CA LEU A 295 9.47 29.93 14.00
C LEU A 295 8.22 30.74 14.26
N PHE A 296 8.00 31.17 15.50
CA PHE A 296 6.73 31.76 15.87
C PHE A 296 6.37 33.02 15.09
N PRO A 297 7.29 33.98 14.87
CA PRO A 297 6.92 35.14 14.04
C PRO A 297 6.50 34.76 12.63
N ILE A 298 7.03 33.67 12.08
CA ILE A 298 6.60 33.22 10.77
C ILE A 298 5.14 32.79 10.81
N VAL A 299 4.73 32.11 11.89
CA VAL A 299 3.33 31.70 12.03
C VAL A 299 2.43 32.91 12.16
N ALA A 300 2.85 33.91 12.94
CA ALA A 300 2.09 35.13 13.14
C ALA A 300 2.46 36.22 12.15
N ALA A 301 2.96 35.84 10.98
CA ALA A 301 3.39 36.82 9.98
C ALA A 301 2.17 37.53 9.38
N GLU A 302 2.24 38.85 9.32
CA GLU A 302 1.18 39.62 8.71
C GLU A 302 1.17 39.40 7.20
N PRO A 303 0.02 39.09 6.61
CA PRO A 303 -0.05 38.96 5.15
C PRO A 303 -0.01 40.33 4.49
N PRO A 304 0.25 40.41 3.20
CA PRO A 304 0.29 41.70 2.51
C PRO A 304 -1.04 42.43 2.66
N PRO A 305 -1.00 43.76 2.82
CA PRO A 305 -2.24 44.51 3.03
C PRO A 305 -3.18 44.40 1.83
N GLY A 306 -4.41 44.00 2.11
CA GLY A 306 -5.38 43.77 1.05
C GLY A 306 -5.55 42.29 0.75
N GLN A 307 -4.45 41.56 0.79
CA GLN A 307 -4.47 40.12 0.57
C GLN A 307 -4.84 39.38 1.86
N LEU A 308 -5.21 38.12 1.70
CA LEU A 308 -5.62 37.28 2.82
C LEU A 308 -4.85 35.96 2.75
N ASP A 309 -4.84 35.25 3.88
CA ASP A 309 -4.17 33.97 3.95
C ASP A 309 -4.89 32.95 3.07
N PRO A 310 -4.18 31.96 2.54
CA PRO A 310 -4.82 30.99 1.62
C PRO A 310 -5.98 30.24 2.24
N GLU A 311 -5.95 29.96 3.54
CA GLU A 311 -7.01 29.22 4.21
C GLU A 311 -8.16 30.12 4.67
N ASP A 312 -8.07 31.42 4.46
CA ASP A 312 -9.11 32.35 4.85
C ASP A 312 -9.66 33.11 3.66
N GLN A 313 -9.96 32.40 2.57
CA GLN A 313 -10.48 33.00 1.36
C GLN A 313 -12.00 32.89 1.36
N ASP A 314 -12.67 33.98 0.95
CA ASP A 314 -14.13 33.98 0.94
C ASP A 314 -14.69 32.96 -0.04
N SER A 315 -14.10 32.86 -1.22
CA SER A 315 -14.57 31.93 -2.24
C SER A 315 -13.64 30.74 -2.38
N GLY A 326 0.30 25.48 1.73
CA GLY A 326 0.72 25.09 0.41
C GLY A 326 1.52 26.17 -0.32
N GLU A 327 1.05 27.41 -0.18
CA GLU A 327 1.70 28.55 -0.81
C GLU A 327 2.47 29.43 0.16
N THR A 328 1.96 29.65 1.34
CA THR A 328 2.62 30.52 2.30
C THR A 328 3.49 29.71 3.26
N PRO A 329 4.57 30.30 3.77
CA PRO A 329 5.40 29.60 4.77
C PRO A 329 4.73 29.43 6.11
N LYS A 330 3.55 30.02 6.33
CA LYS A 330 2.86 29.86 7.60
C LYS A 330 2.50 28.40 7.87
N HIS A 331 1.93 27.74 6.86
CA HIS A 331 1.54 26.34 7.03
C HIS A 331 2.76 25.46 7.28
N PHE A 332 3.87 25.75 6.61
CA PHE A 332 5.07 24.92 6.80
C PHE A 332 5.72 25.18 8.15
N ALA A 333 5.66 26.42 8.65
CA ALA A 333 6.15 26.67 10.01
C ALA A 333 5.29 25.94 11.04
N VAL A 334 3.96 25.95 10.83
CA VAL A 334 3.07 25.18 11.71
C VAL A 334 3.41 23.69 11.64
N GLN A 335 3.73 23.20 10.45
CA GLN A 335 4.12 21.80 10.29
C GLN A 335 5.42 21.50 11.03
N VAL A 336 6.38 22.44 10.99
CA VAL A 336 7.62 22.26 11.73
C VAL A 336 7.34 22.19 13.22
N VAL A 337 6.45 23.05 13.71
CA VAL A 337 6.08 23.01 15.12
C VAL A 337 5.43 21.68 15.47
N ASP A 338 4.56 21.18 14.58
CA ASP A 338 3.92 19.88 14.81
C ASP A 338 4.95 18.76 14.88
N MET A 339 5.90 18.76 13.95
CA MET A 339 6.95 17.73 13.96
C MET A 339 7.83 17.84 15.19
N LEU A 340 8.09 19.06 15.66
CA LEU A 340 8.82 19.23 16.92
C LEU A 340 8.04 18.65 18.09
N ALA A 341 6.71 18.87 18.10
CA ALA A 341 5.89 18.33 19.17
C ALA A 341 5.85 16.81 19.15
N LEU A 342 5.81 16.22 17.96
CA LEU A 342 5.72 14.76 17.85
C LEU A 342 6.97 14.07 18.39
N HIS A 343 8.14 14.63 18.11
CA HIS A 343 9.41 13.99 18.41
C HIS A 343 10.10 14.57 19.64
N LEU A 344 9.34 15.04 20.63
CA LEU A 344 9.94 15.65 21.79
C LEU A 344 9.03 15.47 23.00
N PRO A 345 9.58 15.17 24.17
CA PRO A 345 8.75 15.02 25.36
C PRO A 345 8.04 16.33 25.68
N PRO A 346 6.78 16.27 26.12
CA PRO A 346 6.07 17.51 26.48
C PRO A 346 6.72 18.25 27.64
N GLU A 347 7.34 17.53 28.57
CA GLU A 347 7.98 18.18 29.72
C GLU A 347 9.19 19.02 29.33
N LYS A 348 9.74 18.82 28.13
CA LYS A 348 10.84 19.64 27.64
C LYS A 348 10.40 20.67 26.60
N LEU A 349 9.14 20.63 26.18
CA LEU A 349 8.61 21.57 25.18
C LEU A 349 7.58 22.51 25.76
N CYS A 350 6.65 22.01 26.56
CA CYS A 350 5.61 22.87 27.12
C CYS A 350 6.15 23.98 28.00
N PRO A 351 7.08 23.75 28.93
CA PRO A 351 7.61 24.88 29.72
C PRO A 351 8.30 25.95 28.89
N GLN A 352 8.85 25.59 27.73
CA GLN A 352 9.56 26.53 26.88
C GLN A 352 8.69 27.15 25.81
N LEU A 353 7.42 26.75 25.70
CA LEU A 353 6.50 27.28 24.71
C LEU A 353 5.28 27.96 25.31
N MET A 354 4.85 27.53 26.50
CA MET A 354 3.68 28.12 27.14
C MET A 354 3.79 29.61 27.41
N PRO A 355 4.92 30.15 27.89
CA PRO A 355 5.00 31.62 28.03
C PRO A 355 4.79 32.36 26.71
N MET A 356 5.49 31.95 25.66
CA MET A 356 5.34 32.60 24.36
C MET A 356 3.92 32.46 23.83
N LEU A 357 3.34 31.27 23.93
CA LEU A 357 1.98 31.05 23.45
C LEU A 357 0.98 31.90 24.22
N GLU A 358 1.11 31.92 25.56
CA GLU A 358 0.18 32.67 26.39
C GLU A 358 0.28 34.16 26.11
N GLU A 359 1.49 34.68 25.91
CA GLU A 359 1.63 36.07 25.51
C GLU A 359 1.01 36.31 24.14
N ALA A 360 1.07 35.32 23.25
CA ALA A 360 0.48 35.46 21.93
C ALA A 360 -1.04 35.54 21.99
N LEU A 361 -1.67 34.74 22.86
CA LEU A 361 -3.13 34.71 22.91
C LEU A 361 -3.71 36.07 23.28
N ARG A 362 -3.17 36.71 24.31
CA ARG A 362 -3.69 38.01 24.77
C ARG A 362 -2.96 39.15 24.08
N SER A 363 -3.18 39.24 22.77
CA SER A 363 -2.57 40.27 21.93
C SER A 363 -3.65 40.98 21.14
N GLU A 364 -3.38 42.24 20.79
CA GLU A 364 -4.34 43.02 20.04
C GLU A 364 -4.48 42.52 18.61
N SER A 365 -3.36 42.15 17.98
CA SER A 365 -3.39 41.75 16.57
C SER A 365 -4.12 40.42 16.42
N PRO A 366 -5.12 40.33 15.54
CA PRO A 366 -5.82 39.05 15.36
C PRO A 366 -4.93 37.92 14.89
N TYR A 367 -3.93 38.21 14.07
CA TYR A 367 -3.07 37.16 13.55
C TYR A 367 -2.22 36.53 14.63
N GLN A 368 -1.93 37.27 15.70
CA GLN A 368 -1.28 36.65 16.85
C GLN A 368 -2.16 35.59 17.47
N ARG A 369 -3.47 35.88 17.60
CA ARG A 369 -4.40 34.87 18.08
C ARG A 369 -4.48 33.70 17.12
N LYS A 370 -4.46 33.97 15.80
CA LYS A 370 -4.49 32.88 14.83
C LYS A 370 -3.28 31.97 15.00
N ALA A 371 -2.10 32.56 15.13
CA ALA A 371 -0.88 31.78 15.29
C ALA A 371 -0.91 30.97 16.58
N GLY A 372 -1.37 31.59 17.67
CA GLY A 372 -1.46 30.87 18.92
C GLY A 372 -2.42 29.69 18.85
N LEU A 373 -3.57 29.90 18.21
CA LEU A 373 -4.56 28.83 18.07
C LEU A 373 -4.03 27.71 17.20
N LEU A 374 -3.34 28.04 16.10
CA LEU A 374 -2.78 27.01 15.24
C LEU A 374 -1.70 26.20 15.98
N VAL A 375 -0.83 26.89 16.71
CA VAL A 375 0.21 26.21 17.46
C VAL A 375 -0.40 25.31 18.53
N LEU A 376 -1.43 25.78 19.23
CA LEU A 376 -2.08 24.93 20.22
C LEU A 376 -2.76 23.73 19.58
N ALA A 377 -3.40 23.93 18.42
CA ALA A 377 -4.06 22.83 17.74
C ALA A 377 -3.07 21.75 17.32
N VAL A 378 -1.92 22.15 16.79
CA VAL A 378 -0.93 21.14 16.39
C VAL A 378 -0.14 20.61 17.57
N LEU A 379 -0.12 21.32 18.69
CA LEU A 379 0.50 20.80 19.90
C LEU A 379 -0.38 19.75 20.57
N SER A 380 -1.70 19.82 20.35
CA SER A 380 -2.59 18.81 20.89
C SER A 380 -2.37 17.43 20.27
N ASP A 381 -1.63 17.35 19.16
CA ASP A 381 -1.39 16.07 18.52
C ASP A 381 -0.29 15.28 19.22
N GLY A 382 0.93 15.83 19.23
CA GLY A 382 2.06 15.15 19.81
C GLY A 382 2.20 15.25 21.31
N ALA A 383 1.43 16.14 21.93
CA ALA A 383 1.43 16.27 23.38
C ALA A 383 0.02 16.00 23.91
N GLY A 384 -0.59 14.93 23.43
CA GLY A 384 -1.99 14.66 23.77
C GLY A 384 -2.21 14.42 25.25
N ASP A 385 -1.37 13.61 25.88
CA ASP A 385 -1.56 13.30 27.29
C ASP A 385 -1.36 14.52 28.18
N HIS A 386 -0.28 15.27 27.96
CA HIS A 386 0.02 16.39 28.84
C HIS A 386 -1.12 17.41 28.86
N ILE A 387 -1.66 17.73 27.69
CA ILE A 387 -2.82 18.61 27.63
C ILE A 387 -4.06 17.93 28.19
N ARG A 388 -4.18 16.61 27.96
CA ARG A 388 -5.45 15.92 28.21
C ARG A 388 -5.75 15.82 29.69
N GLN A 389 -4.77 15.38 30.50
CA GLN A 389 -5.03 15.25 31.93
C GLN A 389 -4.84 16.56 32.68
N ARG A 390 -3.90 17.41 32.26
CA ARG A 390 -3.50 18.55 33.06
C ARG A 390 -3.89 19.90 32.47
N LEU A 391 -4.00 20.04 31.15
CA LEU A 391 -4.27 21.33 30.54
C LEU A 391 -5.59 21.35 29.77
N LEU A 392 -6.42 20.33 29.94
CA LEU A 392 -7.72 20.31 29.27
C LEU A 392 -8.77 21.18 29.95
N PRO A 393 -8.82 21.25 31.29
CA PRO A 393 -9.77 22.15 31.95
C PRO A 393 -9.65 23.58 31.44
N PRO A 394 -8.42 24.09 31.17
CA PRO A 394 -8.34 25.39 30.49
C PRO A 394 -8.74 25.31 29.02
N LEU A 395 -9.95 24.82 28.76
CA LEU A 395 -10.52 24.80 27.43
C LEU A 395 -11.20 26.12 27.08
N LEU A 396 -11.35 27.02 28.05
CA LEU A 396 -11.98 28.31 27.81
C LEU A 396 -11.19 29.13 26.79
N GLN A 397 -9.92 28.80 26.57
CA GLN A 397 -9.09 29.59 25.66
C GLN A 397 -9.59 29.52 24.23
N ILE A 398 -10.23 28.43 23.83
CA ILE A 398 -10.68 28.28 22.46
C ILE A 398 -12.16 28.59 22.34
N VAL A 399 -13.00 27.79 22.98
CA VAL A 399 -14.44 27.83 22.72
C VAL A 399 -15.04 29.15 23.16
N CYS A 400 -14.70 29.60 24.37
CA CYS A 400 -15.37 30.77 24.90
C CYS A 400 -14.79 32.09 24.38
N LYS A 401 -13.62 32.07 23.77
CA LYS A 401 -12.99 33.30 23.30
C LYS A 401 -12.86 33.37 21.78
N GLY A 402 -12.18 32.40 21.16
CA GLY A 402 -11.92 32.51 19.74
C GLY A 402 -13.13 32.21 18.87
N LEU A 403 -14.04 31.39 19.37
CA LEU A 403 -15.23 31.05 18.60
C LEU A 403 -16.19 32.23 18.50
N GLU A 404 -16.08 33.22 19.38
CA GLU A 404 -16.89 34.43 19.32
C GLU A 404 -16.00 35.66 19.23
N ASP A 405 -14.78 35.49 18.73
CA ASP A 405 -13.85 36.60 18.58
C ASP A 405 -14.38 37.60 17.56
N PRO A 406 -14.13 38.90 17.76
CA PRO A 406 -14.55 39.88 16.76
C PRO A 406 -13.96 39.65 15.38
N SER A 407 -12.76 39.10 15.29
CA SER A 407 -12.10 38.86 14.01
C SER A 407 -12.51 37.50 13.46
N GLN A 408 -12.84 37.47 12.16
CA GLN A 408 -13.23 36.22 11.52
C GLN A 408 -12.07 35.24 11.45
N VAL A 409 -10.84 35.75 11.27
CA VAL A 409 -9.68 34.88 11.18
C VAL A 409 -9.51 34.08 12.47
N VAL A 410 -9.70 34.74 13.62
CA VAL A 410 -9.60 34.04 14.89
C VAL A 410 -10.71 33.00 15.02
N ARG A 411 -11.90 33.30 14.48
CA ARG A 411 -12.99 32.31 14.50
C ARG A 411 -12.62 31.08 13.69
N ASN A 412 -12.04 31.25 12.51
CA ASN A 412 -11.62 30.11 11.70
C ASN A 412 -10.54 29.31 12.41
N ALA A 413 -9.55 29.99 13.00
CA ALA A 413 -8.54 29.29 13.76
C ALA A 413 -9.14 28.54 14.93
N ALA A 414 -10.14 29.12 15.59
CA ALA A 414 -10.79 28.45 16.72
C ALA A 414 -11.54 27.21 16.27
N LEU A 415 -12.21 27.28 15.13
CA LEU A 415 -12.89 26.10 14.60
C LEU A 415 -11.90 24.99 14.29
N PHE A 416 -10.78 25.34 13.65
CA PHE A 416 -9.77 24.33 13.35
C PHE A 416 -9.18 23.74 14.63
N ALA A 417 -8.92 24.60 15.62
CA ALA A 417 -8.36 24.12 16.89
C ALA A 417 -9.35 23.23 17.63
N LEU A 418 -10.64 23.56 17.60
CA LEU A 418 -11.64 22.72 18.22
C LEU A 418 -11.74 21.37 17.52
N GLY A 419 -11.65 21.37 16.19
CA GLY A 419 -11.62 20.10 15.48
C GLY A 419 -10.44 19.24 15.88
N GLN A 420 -9.25 19.85 15.94
CA GLN A 420 -8.07 19.09 16.35
C GLN A 420 -8.18 18.60 17.79
N PHE A 421 -8.75 19.42 18.68
CA PHE A 421 -8.94 19.03 20.07
C PHE A 421 -9.88 17.84 20.18
N SER A 422 -10.98 17.87 19.43
CA SER A 422 -11.99 16.81 19.49
C SER A 422 -11.56 15.58 18.71
N GLU A 423 -10.52 15.69 17.89
CA GLU A 423 -9.98 14.52 17.22
C GLU A 423 -8.73 13.93 17.87
N ASN A 424 -8.03 14.66 18.74
CA ASN A 424 -6.84 14.14 19.40
C ASN A 424 -7.06 13.82 20.87
N LEU A 425 -7.75 14.67 21.61
CA LEU A 425 -8.08 14.42 23.01
C LEU A 425 -9.38 13.63 23.12
N GLN A 426 -9.36 12.42 22.56
CA GLN A 426 -10.59 11.68 22.31
C GLN A 426 -11.39 11.32 23.55
N PRO A 427 -10.80 10.71 24.61
CA PRO A 427 -11.64 10.19 25.69
C PRO A 427 -12.05 11.21 26.73
N HIS A 428 -11.24 12.24 26.95
CA HIS A 428 -11.48 13.20 28.02
C HIS A 428 -12.12 14.50 27.55
N ILE A 429 -12.46 14.62 26.26
CA ILE A 429 -13.16 15.80 25.78
C ILE A 429 -14.67 15.60 25.74
N SER A 430 -15.15 14.36 25.68
CA SER A 430 -16.59 14.12 25.66
C SER A 430 -17.26 14.48 26.97
N SER A 431 -16.49 14.59 28.06
CA SER A 431 -17.05 15.00 29.34
C SER A 431 -17.54 16.44 29.30
N TYR A 432 -16.92 17.28 28.47
CA TYR A 432 -17.30 18.68 28.35
C TYR A 432 -18.36 18.91 27.27
N SER A 433 -18.99 17.84 26.79
CA SER A 433 -19.99 17.98 25.75
C SER A 433 -21.18 18.81 26.21
N ARG A 434 -21.59 18.67 27.47
CA ARG A 434 -22.76 19.39 27.97
C ARG A 434 -22.63 20.89 27.78
N GLU A 435 -21.41 21.43 27.82
CA GLU A 435 -21.21 22.86 27.61
C GLU A 435 -20.65 23.21 26.24
N VAL A 436 -20.04 22.25 25.53
CA VAL A 436 -19.51 22.57 24.21
C VAL A 436 -20.61 22.49 23.16
N MET A 437 -21.47 21.46 23.24
CA MET A 437 -22.46 21.21 22.18
C MET A 437 -23.41 22.37 21.93
N PRO A 438 -24.04 23.00 22.94
CA PRO A 438 -24.99 24.08 22.62
C PRO A 438 -24.37 25.23 21.86
N LEU A 439 -23.14 25.62 22.20
CA LEU A 439 -22.52 26.75 21.51
C LEU A 439 -22.13 26.36 20.09
N LEU A 440 -21.65 25.13 19.89
CA LEU A 440 -21.35 24.68 18.53
C LEU A 440 -22.61 24.63 17.67
N LEU A 441 -23.71 24.13 18.23
CA LEU A 441 -24.96 24.08 17.47
C LEU A 441 -25.46 25.49 17.15
N ALA A 442 -25.33 26.42 18.11
CA ALA A 442 -25.69 27.80 17.85
C ALA A 442 -24.82 28.41 16.77
N TYR A 443 -23.53 28.05 16.74
CA TYR A 443 -22.65 28.55 15.70
C TYR A 443 -23.07 28.03 14.32
N LEU A 444 -23.40 26.74 14.23
CA LEU A 444 -23.89 26.20 12.96
C LEU A 444 -25.18 26.89 12.53
N LYS A 445 -26.10 27.12 13.48
CA LYS A 445 -27.34 27.82 13.14
C LYS A 445 -27.07 29.25 12.71
N SER A 446 -26.02 29.88 13.24
CA SER A 446 -25.73 31.27 12.92
C SER A 446 -25.15 31.44 11.52
N VAL A 447 -24.52 30.41 10.97
CA VAL A 447 -23.92 30.51 9.64
C VAL A 447 -25.03 30.52 8.59
N PRO A 448 -25.13 31.57 7.79
CA PRO A 448 -26.14 31.61 6.73
C PRO A 448 -25.71 30.79 5.52
N LEU A 449 -26.68 30.42 4.71
CA LEU A 449 -26.39 29.68 3.50
C LEU A 449 -25.70 30.58 2.48
N GLY A 450 -24.98 29.94 1.55
CA GLY A 450 -24.15 30.66 0.60
C GLY A 450 -22.75 30.97 1.10
N HIS A 451 -22.44 30.63 2.35
CA HIS A 451 -21.12 30.81 2.94
C HIS A 451 -20.42 29.47 3.10
N THR A 452 -20.44 28.66 2.05
CA THR A 452 -20.08 27.25 2.14
C THR A 452 -18.68 27.02 2.70
N HIS A 453 -17.78 28.01 2.61
CA HIS A 453 -16.47 27.86 3.24
C HIS A 453 -16.57 27.88 4.76
N HIS A 454 -17.28 28.87 5.30
CA HIS A 454 -17.49 28.93 6.74
C HIS A 454 -18.32 27.76 7.22
N LEU A 455 -19.33 27.37 6.44
CA LEU A 455 -20.13 26.20 6.78
C LEU A 455 -19.26 24.94 6.77
N ALA A 456 -18.30 24.86 5.85
CA ALA A 456 -17.40 23.71 5.81
C ALA A 456 -16.52 23.65 7.04
N LYS A 457 -15.98 24.81 7.46
CA LYS A 457 -15.18 24.84 8.69
C LYS A 457 -16.01 24.40 9.89
N ALA A 458 -17.20 24.96 10.04
CA ALA A 458 -18.05 24.63 11.18
C ALA A 458 -18.47 23.17 11.16
N CYS A 459 -18.76 22.63 9.97
CA CYS A 459 -19.14 21.24 9.87
C CYS A 459 -17.98 20.31 10.15
N TYR A 460 -16.75 20.68 9.75
CA TYR A 460 -15.58 19.91 10.15
C TYR A 460 -15.48 19.83 11.66
N ALA A 461 -15.59 20.98 12.34
CA ALA A 461 -15.52 20.97 13.80
C ALA A 461 -16.64 20.14 14.40
N LEU A 462 -17.86 20.28 13.87
CA LEU A 462 -19.00 19.56 14.42
C LEU A 462 -18.85 18.06 14.25
N GLU A 463 -18.42 17.61 13.07
CA GLU A 463 -18.23 16.18 12.84
C GLU A 463 -17.14 15.63 13.75
N ASN A 464 -16.03 16.36 13.87
CA ASN A 464 -14.93 15.87 14.71
C ASN A 464 -15.36 15.77 16.17
N PHE A 465 -16.22 16.68 16.62
CA PHE A 465 -16.71 16.57 17.99
C PHE A 465 -17.74 15.46 18.15
N VAL A 466 -18.64 15.32 17.17
CA VAL A 466 -19.73 14.36 17.28
C VAL A 466 -19.24 12.92 17.20
N GLU A 467 -18.26 12.64 16.34
CA GLU A 467 -17.83 11.26 16.11
C GLU A 467 -17.43 10.55 17.41
N ASN A 468 -16.94 11.29 18.40
CA ASN A 468 -16.46 10.70 19.64
C ASN A 468 -17.50 10.68 20.75
N LEU A 469 -18.65 11.33 20.56
CA LEU A 469 -19.61 11.46 21.65
C LEU A 469 -20.22 10.11 22.05
N GLY A 470 -20.54 9.28 21.07
CA GLY A 470 -21.19 8.02 21.34
C GLY A 470 -22.59 8.20 21.90
N PRO A 471 -22.85 7.60 23.06
CA PRO A 471 -24.19 7.71 23.67
C PRO A 471 -24.59 9.13 24.05
N LYS A 472 -23.61 10.05 24.23
CA LYS A 472 -23.93 11.39 24.67
C LYS A 472 -24.71 12.20 23.63
N VAL A 473 -24.74 11.74 22.38
CA VAL A 473 -25.40 12.50 21.33
C VAL A 473 -26.92 12.39 21.40
N GLN A 474 -27.44 11.42 22.15
CA GLN A 474 -28.88 11.20 22.18
C GLN A 474 -29.68 12.42 22.64
N PRO A 475 -29.30 13.15 23.69
CA PRO A 475 -30.07 14.36 24.02
C PRO A 475 -30.14 15.37 22.88
N TYR A 476 -29.06 15.51 22.11
CA TYR A 476 -28.98 16.49 21.04
C TYR A 476 -29.32 15.91 19.67
N LEU A 477 -29.76 14.65 19.62
CA LEU A 477 -30.04 14.01 18.34
C LEU A 477 -31.15 14.69 17.55
N PRO A 478 -32.33 15.00 18.11
CA PRO A 478 -33.37 15.65 17.30
C PRO A 478 -32.95 16.99 16.73
N GLU A 479 -32.22 17.80 17.49
CA GLU A 479 -31.79 19.10 16.99
C GLU A 479 -30.83 18.94 15.82
N LEU A 480 -29.86 18.04 15.95
CA LEU A 480 -28.92 17.79 14.86
C LEU A 480 -29.64 17.27 13.63
N MET A 481 -30.58 16.34 13.82
CA MET A 481 -31.30 15.79 12.68
C MET A 481 -32.12 16.86 11.97
N GLU A 482 -32.80 17.72 12.74
CA GLU A 482 -33.56 18.81 12.12
C GLU A 482 -32.64 19.77 11.38
N CYS A 483 -31.50 20.13 11.98
CA CYS A 483 -30.59 21.06 11.33
C CYS A 483 -30.04 20.48 10.04
N MET A 484 -29.69 19.19 10.04
CA MET A 484 -29.12 18.58 8.85
C MET A 484 -30.16 18.18 7.82
N LEU A 485 -31.44 18.09 8.21
CA LEU A 485 -32.50 17.86 7.23
C LEU A 485 -33.06 19.16 6.68
N GLN A 486 -32.78 20.30 7.32
CA GLN A 486 -33.17 21.58 6.74
C GLN A 486 -32.43 21.81 5.43
N LEU A 487 -31.14 21.46 5.38
CA LEU A 487 -30.35 21.65 4.17
C LEU A 487 -30.78 20.72 3.05
N LEU A 488 -31.01 19.44 3.36
CA LEU A 488 -31.29 18.45 2.33
C LEU A 488 -32.69 18.56 1.76
N ARG A 489 -33.69 18.84 2.59
CA ARG A 489 -35.07 18.88 2.13
C ARG A 489 -35.43 20.19 1.43
N ASN A 490 -34.59 21.20 1.52
CA ASN A 490 -34.83 22.49 0.90
C ASN A 490 -33.81 22.78 -0.19
N PRO A 491 -34.14 23.64 -1.15
CA PRO A 491 -33.18 23.98 -2.21
C PRO A 491 -31.92 24.62 -1.62
N SER A 492 -30.78 24.06 -1.96
CA SER A 492 -29.49 24.53 -1.47
C SER A 492 -28.42 24.23 -2.51
N SER A 493 -27.29 24.91 -2.37
CA SER A 493 -26.20 24.71 -3.30
C SER A 493 -25.60 23.31 -3.14
N PRO A 494 -25.10 22.72 -4.23
CA PRO A 494 -24.53 21.37 -4.12
C PRO A 494 -23.37 21.26 -3.15
N ARG A 495 -22.61 22.33 -2.96
CA ARG A 495 -21.54 22.34 -1.96
C ARG A 495 -22.05 22.24 -0.54
N ALA A 496 -23.27 22.69 -0.28
CA ALA A 496 -23.85 22.66 1.07
C ALA A 496 -24.60 21.37 1.37
N LYS A 497 -24.63 20.43 0.44
CA LYS A 497 -25.28 19.15 0.67
C LYS A 497 -24.31 18.05 1.06
N GLU A 498 -23.12 18.01 0.47
CA GLU A 498 -22.11 17.05 0.90
C GLU A 498 -21.65 17.30 2.33
N LEU A 499 -21.61 18.56 2.75
CA LEU A 499 -21.29 18.86 4.14
C LEU A 499 -22.35 18.31 5.09
N ALA A 500 -23.63 18.50 4.73
CA ALA A 500 -24.71 17.94 5.53
C ALA A 500 -24.65 16.42 5.56
N VAL A 501 -24.31 15.81 4.43
CA VAL A 501 -24.22 14.35 4.37
C VAL A 501 -23.08 13.85 5.25
N SER A 502 -21.95 14.54 5.24
CA SER A 502 -20.83 14.15 6.12
C SER A 502 -21.20 14.31 7.59
N ALA A 503 -21.87 15.42 7.93
CA ALA A 503 -22.31 15.59 9.31
C ALA A 503 -23.30 14.52 9.71
N LEU A 504 -24.16 14.12 8.78
CA LEU A 504 -25.11 13.04 9.04
C LEU A 504 -24.39 11.73 9.29
N GLY A 505 -23.35 11.45 8.51
CA GLY A 505 -22.55 10.26 8.75
C GLY A 505 -21.88 10.26 10.10
N ALA A 506 -21.36 11.43 10.50
CA ALA A 506 -20.77 11.54 11.84
C ALA A 506 -21.81 11.30 12.93
N ILE A 507 -23.01 11.86 12.76
CA ILE A 507 -24.09 11.63 13.71
C ILE A 507 -24.47 10.16 13.75
N ALA A 508 -24.45 9.49 12.60
CA ALA A 508 -24.74 8.06 12.55
C ALA A 508 -23.68 7.27 13.29
N THR A 509 -22.42 7.65 13.15
CA THR A 509 -21.36 7.01 13.92
C THR A 509 -21.57 7.20 15.41
N ALA A 510 -21.97 8.40 15.82
CA ALA A 510 -22.19 8.68 17.23
C ALA A 510 -23.35 7.87 17.79
N ALA A 511 -24.50 7.89 17.11
CA ALA A 511 -25.69 7.17 17.54
C ALA A 511 -25.81 5.90 16.71
N GLN A 512 -25.24 4.81 17.23
CA GLN A 512 -25.17 3.58 16.46
C GLN A 512 -26.55 2.96 16.24
N ALA A 513 -27.37 2.91 17.29
CA ALA A 513 -28.67 2.24 17.22
C ALA A 513 -29.85 3.16 17.53
N SER A 514 -29.60 4.42 17.86
CA SER A 514 -30.67 5.36 18.14
C SER A 514 -31.14 6.12 16.90
N LEU A 515 -30.63 5.77 15.72
CA LEU A 515 -30.94 6.47 14.49
C LEU A 515 -32.10 5.83 13.72
N LEU A 516 -32.72 4.79 14.28
CA LEU A 516 -33.84 4.14 13.61
C LEU A 516 -35.01 5.06 13.28
N PRO A 517 -35.48 5.94 14.17
CA PRO A 517 -36.63 6.78 13.81
C PRO A 517 -36.41 7.65 12.58
N TYR A 518 -35.18 8.11 12.34
CA TYR A 518 -34.88 8.93 11.18
C TYR A 518 -34.31 8.13 10.02
N PHE A 519 -34.22 6.81 10.15
CA PHE A 519 -33.59 6.00 9.11
C PHE A 519 -34.30 6.05 7.76
N PRO A 520 -35.63 5.90 7.66
CA PRO A 520 -36.23 5.89 6.31
C PRO A 520 -36.02 7.18 5.53
N ALA A 521 -36.14 8.35 6.18
CA ALA A 521 -35.95 9.60 5.47
C ALA A 521 -34.51 9.76 4.99
N ILE A 522 -33.55 9.42 5.85
CA ILE A 522 -32.14 9.52 5.48
C ILE A 522 -31.84 8.58 4.31
N MET A 523 -32.36 7.35 4.39
CA MET A 523 -32.14 6.37 3.33
C MET A 523 -32.74 6.84 2.01
N GLU A 524 -33.94 7.41 2.04
CA GLU A 524 -34.55 7.83 0.79
C GLU A 524 -33.84 9.05 0.20
N HIS A 525 -33.36 9.95 1.06
CA HIS A 525 -32.55 11.06 0.55
C HIS A 525 -31.26 10.57 -0.10
N LEU A 526 -30.57 9.63 0.55
CA LEU A 526 -29.34 9.10 -0.02
C LEU A 526 -29.60 8.38 -1.33
N ARG A 527 -30.69 7.60 -1.39
CA ARG A 527 -31.04 6.91 -2.63
C ARG A 527 -31.40 7.89 -3.73
N GLU A 528 -32.11 8.97 -3.39
CA GLU A 528 -32.44 9.98 -4.39
C GLU A 528 -31.19 10.65 -4.93
N PHE A 529 -30.21 10.92 -4.06
CA PHE A 529 -28.93 11.45 -4.54
C PHE A 529 -28.23 10.44 -5.44
N LEU A 530 -28.21 9.16 -5.06
CA LEU A 530 -27.47 8.17 -5.83
C LEU A 530 -28.10 7.93 -7.20
N LEU A 531 -29.43 7.90 -7.28
CA LEU A 531 -30.10 7.55 -8.52
C LEU A 531 -29.95 8.64 -9.57
N THR A 532 -30.09 9.91 -9.16
CA THR A 532 -30.16 11.00 -10.12
C THR A 532 -28.82 11.15 -10.85
N GLY A 533 -28.89 11.16 -12.18
CA GLY A 533 -27.70 11.27 -13.00
C GLY A 533 -27.38 12.67 -13.49
N ARG A 534 -27.40 13.65 -12.58
CA ARG A 534 -27.05 15.01 -12.95
C ARG A 534 -25.58 15.25 -12.65
N GLU A 535 -24.89 15.89 -13.59
CA GLU A 535 -23.43 15.91 -13.59
C GLU A 535 -22.83 16.84 -12.55
N ASP A 536 -23.62 17.72 -11.94
CA ASP A 536 -23.09 18.68 -10.97
C ASP A 536 -23.10 18.15 -9.54
N LEU A 537 -23.49 16.90 -9.33
CA LEU A 537 -23.64 16.33 -8.00
C LEU A 537 -22.64 15.21 -7.73
N GLN A 538 -21.49 15.22 -8.39
CA GLN A 538 -20.51 14.15 -8.16
C GLN A 538 -20.00 14.11 -6.73
N PRO A 539 -19.55 15.22 -6.11
CA PRO A 539 -19.07 15.12 -4.73
C PRO A 539 -20.13 14.62 -3.76
N VAL A 540 -21.39 14.99 -3.95
CA VAL A 540 -22.42 14.47 -3.07
C VAL A 540 -22.70 13.00 -3.37
N GLN A 541 -22.44 12.51 -4.59
CA GLN A 541 -22.46 11.08 -4.82
C GLN A 541 -21.39 10.37 -3.99
N ILE A 542 -20.18 10.92 -3.99
CA ILE A 542 -19.10 10.34 -3.20
C ILE A 542 -19.48 10.31 -1.73
N GLN A 543 -19.99 11.44 -1.23
CA GLN A 543 -20.35 11.52 0.18
C GLN A 543 -21.54 10.61 0.51
N SER A 544 -22.48 10.45 -0.42
CA SER A 544 -23.59 9.55 -0.20
C SER A 544 -23.12 8.11 -0.08
N LEU A 545 -22.19 7.70 -0.94
CA LEU A 545 -21.64 6.35 -0.81
C LEU A 545 -20.89 6.18 0.50
N GLU A 546 -20.11 7.18 0.89
CA GLU A 546 -19.37 7.10 2.15
C GLU A 546 -20.33 6.98 3.34
N THR A 547 -21.37 7.81 3.36
CA THR A 547 -22.32 7.77 4.47
C THR A 547 -23.16 6.50 4.45
N LEU A 548 -23.41 5.93 3.27
CA LEU A 548 -24.07 4.63 3.21
C LEU A 548 -23.19 3.57 3.86
N GLY A 549 -21.89 3.60 3.59
CA GLY A 549 -20.98 2.68 4.27
C GLY A 549 -20.94 2.91 5.77
N VAL A 550 -20.95 4.17 6.20
CA VAL A 550 -20.94 4.49 7.63
C VAL A 550 -22.21 3.97 8.29
N LEU A 551 -23.36 4.15 7.64
CA LEU A 551 -24.61 3.62 8.16
C LEU A 551 -24.55 2.09 8.26
N ALA A 552 -24.00 1.44 7.24
CA ALA A 552 -23.88 -0.01 7.28
C ALA A 552 -23.02 -0.45 8.46
N ARG A 553 -21.94 0.27 8.73
CA ARG A 553 -21.10 -0.06 9.88
C ARG A 553 -21.84 0.18 11.19
N ALA A 554 -22.61 1.28 11.28
CA ALA A 554 -23.21 1.66 12.56
C ALA A 554 -24.49 0.88 12.84
N VAL A 555 -25.51 1.06 12.01
CA VAL A 555 -26.77 0.37 12.21
C VAL A 555 -26.67 -1.00 11.54
N GLY A 556 -27.32 -1.99 12.16
CA GLY A 556 -27.12 -3.37 11.78
C GLY A 556 -28.29 -4.02 11.07
N GLU A 557 -29.07 -4.80 11.82
CA GLU A 557 -30.11 -5.65 11.23
C GLU A 557 -31.09 -4.95 10.30
N PRO A 558 -31.63 -3.76 10.63
CA PRO A 558 -32.64 -3.16 9.73
C PRO A 558 -32.12 -2.83 8.34
N MET A 559 -30.80 -2.71 8.17
CA MET A 559 -30.22 -2.44 6.86
C MET A 559 -29.91 -3.71 6.08
N ARG A 560 -30.01 -4.89 6.71
CA ARG A 560 -29.69 -6.13 6.01
C ARG A 560 -30.60 -6.38 4.81
N PRO A 561 -31.93 -6.24 4.89
CA PRO A 561 -32.74 -6.40 3.68
C PRO A 561 -32.42 -5.40 2.59
N LEU A 562 -31.97 -4.20 2.94
CA LEU A 562 -31.63 -3.16 1.97
C LEU A 562 -30.15 -3.16 1.60
N ALA A 563 -29.33 -3.96 2.28
CA ALA A 563 -27.90 -4.00 1.98
C ALA A 563 -27.62 -4.57 0.60
N GLU A 564 -28.39 -5.57 0.18
CA GLU A 564 -28.17 -6.18 -1.14
C GLU A 564 -28.38 -5.17 -2.25
N GLU A 565 -29.38 -4.30 -2.12
CA GLU A 565 -29.64 -3.27 -3.12
C GLU A 565 -28.53 -2.23 -3.19
N CYS A 566 -27.78 -2.03 -2.10
CA CYS A 566 -26.70 -1.05 -2.09
C CYS A 566 -25.48 -1.47 -2.88
N CYS A 567 -25.27 -2.77 -3.08
CA CYS A 567 -24.13 -3.23 -3.87
C CYS A 567 -24.31 -2.87 -5.35
N GLN A 568 -25.53 -2.97 -5.86
CA GLN A 568 -25.79 -2.60 -7.25
C GLN A 568 -25.54 -1.12 -7.47
N LEU A 569 -25.98 -0.27 -6.54
CA LEU A 569 -25.78 1.17 -6.69
C LEU A 569 -24.31 1.54 -6.56
N GLY A 570 -23.58 0.87 -5.67
CA GLY A 570 -22.16 1.18 -5.51
C GLY A 570 -21.35 0.89 -6.75
N LEU A 571 -21.61 -0.25 -7.40
CA LEU A 571 -20.92 -0.57 -8.64
C LEU A 571 -21.48 0.21 -9.83
N GLY A 572 -22.74 0.64 -9.74
CA GLY A 572 -23.33 1.39 -10.84
C GLY A 572 -22.65 2.72 -11.08
N LEU A 573 -22.28 3.41 -10.00
CA LEU A 573 -21.52 4.65 -10.15
C LEU A 573 -20.04 4.40 -10.39
N CYS A 574 -19.52 3.22 -10.06
CA CYS A 574 -18.12 2.91 -10.26
C CYS A 574 -17.79 2.57 -11.71
N ASP A 575 -18.80 2.37 -12.56
CA ASP A 575 -18.57 2.08 -13.96
C ASP A 575 -19.23 3.09 -14.90
N GLN A 576 -19.66 4.23 -14.38
CA GLN A 576 -20.19 5.31 -15.22
C GLN A 576 -19.18 6.44 -15.43
N VAL A 577 -18.48 6.84 -14.38
CA VAL A 577 -17.44 7.87 -14.48
C VAL A 577 -16.22 7.40 -13.71
N ASP A 578 -15.04 7.65 -14.27
CA ASP A 578 -13.78 7.23 -13.67
C ASP A 578 -13.28 8.34 -12.75
N ASP A 579 -13.16 8.03 -11.46
CA ASP A 579 -12.71 8.99 -10.46
C ASP A 579 -12.01 8.23 -9.33
N PRO A 580 -10.78 8.60 -8.97
CA PRO A 580 -10.12 7.93 -7.85
C PRO A 580 -10.88 8.05 -6.54
N ASP A 581 -11.61 9.14 -6.34
CA ASP A 581 -12.42 9.29 -5.13
C ASP A 581 -13.76 8.58 -5.24
N LEU A 582 -14.12 8.06 -6.42
CA LEU A 582 -15.33 7.27 -6.58
C LEU A 582 -15.06 5.77 -6.52
N ARG A 583 -13.95 5.30 -7.10
CA ARG A 583 -13.54 3.92 -6.88
C ARG A 583 -13.24 3.69 -5.41
N ARG A 584 -12.53 4.61 -4.78
CA ARG A 584 -12.50 4.67 -3.33
C ARG A 584 -13.83 5.20 -2.82
N CYS A 585 -14.12 4.93 -1.54
CA CYS A 585 -15.42 5.15 -0.89
C CYS A 585 -16.48 4.21 -1.43
N THR A 586 -16.17 3.40 -2.44
CA THR A 586 -16.97 2.27 -2.86
C THR A 586 -16.41 0.95 -2.36
N TYR A 587 -15.08 0.82 -2.35
CA TYR A 587 -14.45 -0.31 -1.68
C TYR A 587 -14.74 -0.27 -0.18
N SER A 588 -14.75 0.93 0.40
CA SER A 588 -15.14 1.06 1.80
C SER A 588 -16.60 0.68 1.99
N LEU A 589 -17.46 1.01 1.03
CA LEU A 589 -18.86 0.61 1.12
C LEU A 589 -19.00 -0.90 1.15
N PHE A 590 -18.26 -1.61 0.30
CA PHE A 590 -18.32 -3.08 0.30
C PHE A 590 -17.68 -3.66 1.55
N ALA A 591 -16.62 -3.05 2.06
CA ALA A 591 -16.04 -3.50 3.32
C ALA A 591 -17.05 -3.38 4.46
N ALA A 592 -17.80 -2.28 4.49
CA ALA A 592 -18.83 -2.12 5.50
C ALA A 592 -19.97 -3.11 5.31
N LEU A 593 -20.40 -3.32 4.07
CA LEU A 593 -21.52 -4.23 3.80
C LEU A 593 -21.16 -5.68 4.04
N SER A 594 -19.88 -6.05 3.93
CA SER A 594 -19.49 -7.43 4.18
C SER A 594 -19.70 -7.83 5.64
N GLY A 595 -19.78 -6.87 6.56
CA GLY A 595 -19.97 -7.20 7.96
C GLY A 595 -21.32 -7.84 8.24
N LEU A 596 -22.39 -7.28 7.66
CA LEU A 596 -23.74 -7.76 7.91
C LEU A 596 -24.23 -8.72 6.84
N MET A 597 -23.87 -8.50 5.57
CA MET A 597 -24.32 -9.42 4.52
C MET A 597 -23.68 -10.79 4.69
N GLY A 598 -22.41 -10.83 5.04
CA GLY A 598 -21.71 -12.09 5.21
C GLY A 598 -21.25 -12.69 3.91
N GLU A 599 -21.72 -13.91 3.60
CA GLU A 599 -21.31 -14.62 2.40
C GLU A 599 -22.14 -14.25 1.17
N GLY A 600 -22.86 -13.13 1.22
CA GLY A 600 -23.68 -12.69 0.11
C GLY A 600 -22.95 -11.93 -0.97
N LEU A 601 -21.65 -11.69 -0.81
CA LEU A 601 -20.87 -10.95 -1.78
C LEU A 601 -20.34 -11.82 -2.91
N ALA A 602 -20.62 -13.12 -2.88
CA ALA A 602 -20.08 -14.03 -3.90
C ALA A 602 -20.43 -13.61 -5.33
N PRO A 603 -21.68 -13.25 -5.66
CA PRO A 603 -21.93 -12.79 -7.04
C PRO A 603 -21.13 -11.56 -7.43
N HIS A 604 -20.92 -10.63 -6.51
CA HIS A 604 -20.19 -9.40 -6.79
C HIS A 604 -18.72 -9.50 -6.40
N LEU A 605 -18.28 -10.64 -5.85
CA LEU A 605 -16.90 -10.74 -5.38
C LEU A 605 -15.90 -10.68 -6.53
N GLU A 606 -16.22 -11.31 -7.67
CA GLU A 606 -15.34 -11.22 -8.81
C GLU A 606 -15.23 -9.80 -9.32
N GLN A 607 -16.37 -9.11 -9.44
CA GLN A 607 -16.39 -7.74 -9.96
C GLN A 607 -15.72 -6.76 -9.02
N ILE A 608 -15.73 -7.01 -7.72
CA ILE A 608 -15.07 -6.12 -6.78
C ILE A 608 -13.64 -6.55 -6.48
N THR A 609 -13.25 -7.77 -6.85
CA THR A 609 -11.85 -8.17 -6.76
C THR A 609 -11.05 -7.67 -7.96
N THR A 610 -11.59 -7.83 -9.16
CA THR A 610 -11.07 -7.01 -10.25
C THR A 610 -11.62 -5.60 -10.10
N LEU A 611 -11.02 -4.67 -10.86
CA LEU A 611 -11.33 -3.24 -10.77
C LEU A 611 -10.86 -2.69 -9.42
N MET A 612 -10.37 -3.59 -8.56
CA MET A 612 -9.68 -3.26 -7.33
C MET A 612 -8.20 -3.59 -7.41
N LEU A 613 -7.87 -4.76 -7.96
CA LEU A 613 -6.50 -5.09 -8.27
C LEU A 613 -5.90 -4.13 -9.29
N LEU A 614 -6.70 -3.66 -10.25
CA LEU A 614 -6.22 -2.67 -11.21
C LEU A 614 -5.94 -1.34 -10.53
N SER A 615 -6.75 -0.97 -9.54
CA SER A 615 -6.45 0.23 -8.74
C SER A 615 -5.19 0.05 -7.93
N LEU A 616 -4.86 -1.19 -7.55
CA LEU A 616 -3.67 -1.45 -6.76
C LEU A 616 -2.39 -1.31 -7.58
N ARG A 617 -2.47 -1.49 -8.90
CA ARG A 617 -1.33 -1.36 -9.79
C ARG A 617 -1.36 -0.08 -10.61
N SER A 618 -2.32 0.81 -10.34
CA SER A 618 -2.49 2.01 -11.14
C SER A 618 -1.36 2.99 -10.85
N THR A 619 -0.58 3.30 -11.88
CA THR A 619 0.55 4.24 -11.77
C THR A 619 0.19 5.62 -12.31
N GLU A 620 -1.10 5.97 -12.35
CA GLU A 620 -1.51 7.27 -12.84
C GLU A 620 -1.25 8.40 -11.84
N GLY A 621 -0.93 8.07 -10.59
CA GLY A 621 -0.62 9.11 -9.63
C GLY A 621 0.65 9.87 -9.98
N ILE A 622 1.66 9.16 -10.46
CA ILE A 622 2.93 9.77 -10.85
C ILE A 622 2.82 10.12 -12.33
N VAL A 623 2.51 11.37 -12.63
CA VAL A 623 2.44 11.87 -13.99
C VAL A 623 3.66 12.75 -14.24
N PRO A 624 4.46 12.47 -15.27
CA PRO A 624 5.65 13.29 -15.53
C PRO A 624 5.27 14.67 -16.05
N GLN A 625 6.14 15.64 -15.78
CA GLN A 625 6.01 16.99 -16.28
C GLN A 625 7.16 17.25 -17.25
N TYR A 626 6.83 17.66 -18.47
CA TYR A 626 7.82 17.90 -19.53
C TYR A 626 7.76 19.36 -19.95
N ASP A 627 8.79 20.11 -19.59
CA ASP A 627 8.93 21.51 -19.99
C ASP A 627 10.34 21.71 -20.54
N GLY A 628 10.50 21.54 -21.84
CA GLY A 628 11.80 21.66 -22.49
C GLY A 628 11.63 21.79 -23.99
N SER A 629 12.67 21.40 -24.72
CA SER A 629 12.65 21.47 -26.18
C SER A 629 11.66 20.47 -26.75
N SER A 630 10.85 20.92 -27.71
CA SER A 630 9.88 20.05 -28.34
C SER A 630 10.55 19.04 -29.25
N SER A 631 9.99 17.83 -29.31
CA SER A 631 10.54 16.76 -30.13
C SER A 631 10.14 16.97 -31.59
N PHE A 632 11.13 16.99 -32.48
CA PHE A 632 10.87 17.17 -33.90
C PHE A 632 11.44 16.06 -34.77
N LEU A 633 11.98 14.99 -34.18
CA LEU A 633 12.55 13.92 -35.00
C LEU A 633 11.45 13.05 -35.57
N LEU A 634 10.70 12.39 -34.70
CA LEU A 634 9.52 11.59 -35.07
C LEU A 634 9.83 10.63 -36.21
N PHE A 635 11.02 10.02 -36.15
CA PHE A 635 11.45 9.09 -37.17
C PHE A 635 12.05 7.85 -36.52
N ASP A 636 11.73 6.68 -37.08
CA ASP A 636 12.20 5.41 -36.55
C ASP A 636 13.03 4.72 -37.61
N ASP A 637 14.18 4.19 -37.22
CA ASP A 637 15.08 3.55 -38.17
C ASP A 637 14.45 2.29 -38.76
N GLU A 638 14.52 2.15 -40.08
CA GLU A 638 14.09 0.95 -40.78
C GLU A 638 15.31 0.13 -41.18
N SER A 639 15.39 -1.10 -40.69
CA SER A 639 16.51 -1.98 -40.99
C SER A 639 15.99 -3.39 -41.21
N ASP A 640 16.75 -4.17 -42.00
CA ASP A 640 16.42 -5.57 -42.25
C ASP A 640 17.54 -6.51 -41.80
N GLY A 641 18.45 -6.04 -40.93
CA GLY A 641 19.55 -6.86 -40.49
C GLY A 641 19.20 -7.77 -39.33
N GLU A 642 20.17 -8.62 -38.98
CA GLU A 642 20.01 -9.57 -37.87
C GLU A 642 20.63 -8.96 -36.62
N GLU A 643 19.77 -8.35 -35.81
CA GLU A 643 20.23 -7.60 -34.64
C GLU A 643 20.79 -8.54 -33.58
N GLU A 644 22.00 -8.24 -33.11
CA GLU A 644 22.69 -9.03 -32.10
C GLU A 644 22.77 -8.30 -30.76
N GLU A 645 22.18 -7.12 -30.65
CA GLU A 645 22.29 -6.30 -29.45
C GLU A 645 21.60 -6.90 -28.24
N GLU A 646 20.82 -7.97 -28.42
CA GLU A 646 20.09 -8.57 -27.30
C GLU A 646 21.04 -9.21 -26.30
N LEU A 647 22.29 -9.44 -26.68
CA LEU A 647 23.25 -10.06 -25.77
C LEU A 647 23.47 -9.20 -24.54
N MET A 648 23.57 -7.88 -24.71
CA MET A 648 23.60 -6.97 -23.56
C MET A 648 22.23 -6.91 -22.91
N ASP A 649 22.12 -7.46 -21.69
CA ASP A 649 20.82 -7.55 -21.03
C ASP A 649 20.23 -6.18 -20.75
N GLU A 650 21.04 -5.25 -20.27
CA GLU A 650 20.56 -3.93 -19.87
C GLU A 650 20.55 -2.96 -21.05
N ASP A 651 19.56 -3.12 -21.93
CA ASP A 651 19.41 -2.25 -23.08
C ASP A 651 19.08 -0.82 -22.63
N VAL A 652 19.85 0.16 -23.11
CA VAL A 652 19.69 1.54 -22.68
C VAL A 652 19.13 2.32 -23.88
N GLU A 653 18.55 1.60 -24.84
CA GLU A 653 17.99 2.23 -26.02
C GLU A 653 16.60 2.81 -25.79
N GLU A 654 16.03 2.59 -24.61
CA GLU A 654 14.71 3.14 -24.31
C GLU A 654 14.81 4.61 -23.90
N GLU A 655 13.65 5.26 -23.83
CA GLU A 655 13.58 6.68 -23.50
C GLU A 655 13.85 6.91 -22.02
N ASP A 656 15.08 7.30 -21.69
CA ASP A 656 15.47 7.57 -20.31
C ASP A 656 15.69 9.07 -20.13
N ASP A 657 14.95 9.67 -19.19
CA ASP A 657 15.14 11.07 -18.80
C ASP A 657 15.02 12.01 -20.00
N SER A 658 13.88 11.94 -20.68
CA SER A 658 13.64 12.80 -21.84
C SER A 658 13.28 14.22 -21.40
N GLU A 659 14.29 14.99 -20.99
CA GLU A 659 14.11 16.37 -20.51
C GLU A 659 13.05 16.46 -19.42
N ILE A 660 13.18 15.61 -18.40
CA ILE A 660 12.22 15.55 -17.30
C ILE A 660 12.34 16.82 -16.45
N SER A 661 11.32 17.67 -16.50
CA SER A 661 11.27 18.87 -15.67
C SER A 661 10.51 18.60 -14.37
N GLY A 662 10.92 17.53 -13.70
CA GLY A 662 10.33 17.15 -12.44
C GLY A 662 9.05 16.34 -12.60
N TYR A 663 8.55 15.87 -11.46
CA TYR A 663 7.32 15.09 -11.40
C TYR A 663 6.29 15.84 -10.57
N SER A 664 5.02 15.52 -10.83
CA SER A 664 3.89 16.13 -10.12
C SER A 664 2.97 15.00 -9.65
N VAL A 665 3.22 14.51 -8.44
CA VAL A 665 2.43 13.41 -7.90
C VAL A 665 1.06 13.92 -7.47
N GLU A 666 0.01 13.25 -7.91
CA GLU A 666 -1.35 13.57 -7.48
C GLU A 666 -1.63 12.85 -6.17
N ASN A 667 -2.05 13.60 -5.16
CA ASN A 667 -2.31 13.03 -3.84
C ASN A 667 -3.76 12.57 -3.72
N ALA A 668 -4.19 11.74 -4.68
CA ALA A 668 -5.49 11.12 -4.65
C ALA A 668 -5.46 9.64 -5.03
N PHE A 669 -4.37 9.16 -5.62
CA PHE A 669 -4.21 7.75 -5.96
C PHE A 669 -3.53 6.96 -4.84
N PHE A 670 -2.54 7.54 -4.18
CA PHE A 670 -1.98 6.89 -2.99
C PHE A 670 -3.01 6.80 -1.88
N ASP A 671 -3.82 7.85 -1.71
CA ASP A 671 -4.96 7.78 -0.81
C ASP A 671 -6.00 6.77 -1.25
N GLU A 672 -6.00 6.39 -2.53
CA GLU A 672 -6.87 5.31 -2.98
C GLU A 672 -6.29 3.95 -2.57
N LYS A 673 -4.98 3.79 -2.66
CA LYS A 673 -4.34 2.53 -2.27
C LYS A 673 -4.45 2.31 -0.77
N GLU A 674 -4.20 3.36 0.03
CA GLU A 674 -4.24 3.22 1.47
C GLU A 674 -5.59 2.73 1.96
N ASP A 675 -6.65 3.00 1.21
CA ASP A 675 -7.98 2.62 1.62
C ASP A 675 -8.44 1.33 0.96
N THR A 676 -8.03 1.07 -0.28
CA THR A 676 -8.39 -0.19 -0.90
C THR A 676 -7.68 -1.37 -0.26
N CYS A 677 -6.47 -1.15 0.29
CA CYS A 677 -5.81 -2.23 1.01
C CYS A 677 -6.61 -2.63 2.24
N ALA A 678 -7.04 -1.65 3.03
CA ALA A 678 -7.86 -1.94 4.21
C ALA A 678 -9.19 -2.55 3.81
N ALA A 679 -9.80 -2.04 2.73
CA ALA A 679 -11.08 -2.59 2.29
C ALA A 679 -10.95 -4.05 1.87
N VAL A 680 -9.91 -4.39 1.11
CA VAL A 680 -9.75 -5.77 0.69
C VAL A 680 -9.39 -6.66 1.86
N GLY A 681 -8.63 -6.14 2.84
CA GLY A 681 -8.36 -6.93 4.03
C GLY A 681 -9.63 -7.25 4.81
N GLU A 682 -10.48 -6.25 5.00
CA GLU A 682 -11.74 -6.46 5.69
C GLU A 682 -12.65 -7.41 4.93
N ILE A 683 -12.69 -7.27 3.59
CA ILE A 683 -13.52 -8.17 2.79
C ILE A 683 -13.01 -9.60 2.91
N SER A 684 -11.70 -9.79 2.87
CA SER A 684 -11.14 -11.14 3.02
C SER A 684 -11.47 -11.72 4.39
N VAL A 685 -11.38 -10.90 5.43
CA VAL A 685 -11.68 -11.39 6.78
C VAL A 685 -13.16 -11.78 6.89
N ASN A 686 -14.04 -10.95 6.34
CA ASN A 686 -15.47 -11.21 6.48
C ASN A 686 -15.91 -12.37 5.58
N THR A 687 -15.79 -12.21 4.27
CA THR A 687 -16.10 -13.29 3.34
C THR A 687 -14.89 -14.21 3.28
N SER A 688 -14.88 -15.23 4.13
CA SER A 688 -13.71 -16.08 4.30
C SER A 688 -13.76 -17.36 3.48
N VAL A 689 -14.86 -17.64 2.79
CA VAL A 689 -15.01 -18.85 2.01
C VAL A 689 -15.04 -18.55 0.51
N ALA A 690 -15.73 -17.48 0.10
CA ALA A 690 -15.83 -17.13 -1.30
C ALA A 690 -14.61 -16.37 -1.80
N PHE A 691 -13.74 -15.89 -0.91
CA PHE A 691 -12.58 -15.11 -1.29
C PHE A 691 -11.34 -15.96 -1.55
N LEU A 692 -11.42 -17.27 -1.35
CA LEU A 692 -10.25 -18.13 -1.53
C LEU A 692 -9.71 -18.12 -2.96
N PRO A 693 -10.52 -18.25 -4.02
CA PRO A 693 -9.94 -18.23 -5.37
C PRO A 693 -9.25 -16.93 -5.74
N TYR A 694 -9.62 -15.82 -5.10
CA TYR A 694 -9.00 -14.52 -5.37
C TYR A 694 -7.93 -14.14 -4.36
N MET A 695 -7.78 -14.92 -3.28
CA MET A 695 -6.81 -14.58 -2.25
C MET A 695 -5.39 -14.60 -2.79
N GLU A 696 -5.06 -15.61 -3.59
CA GLU A 696 -3.71 -15.69 -4.16
C GLU A 696 -3.44 -14.51 -5.09
N SER A 697 -4.43 -14.13 -5.89
CA SER A 697 -4.26 -13.01 -6.81
C SER A 697 -4.06 -11.70 -6.08
N VAL A 698 -4.80 -11.50 -4.98
CA VAL A 698 -4.69 -10.23 -4.26
C VAL A 698 -3.42 -10.19 -3.40
N PHE A 699 -3.00 -11.35 -2.87
CA PHE A 699 -1.87 -11.40 -1.95
C PHE A 699 -0.59 -10.94 -2.61
N GLU A 700 -0.38 -11.35 -3.87
CA GLU A 700 0.87 -11.01 -4.54
C GLU A 700 1.01 -9.50 -4.71
N GLU A 701 -0.07 -8.82 -5.12
CA GLU A 701 0.01 -7.36 -5.29
C GLU A 701 0.10 -6.64 -3.95
N VAL A 702 -0.63 -7.12 -2.94
CA VAL A 702 -0.52 -6.48 -1.63
C VAL A 702 0.91 -6.61 -1.10
N PHE A 703 1.54 -7.75 -1.34
CA PHE A 703 2.95 -7.91 -0.96
C PHE A 703 3.86 -7.01 -1.79
N LYS A 704 3.56 -6.87 -3.09
CA LYS A 704 4.38 -5.99 -3.93
C LYS A 704 4.33 -4.56 -3.45
N LEU A 705 3.22 -4.14 -2.85
CA LEU A 705 3.13 -2.78 -2.33
C LEU A 705 4.01 -2.53 -1.11
N LEU A 706 4.59 -3.57 -0.51
CA LEU A 706 5.36 -3.38 0.72
C LEU A 706 6.60 -2.51 0.50
N GLU A 707 7.04 -2.33 -0.74
CA GLU A 707 8.20 -1.50 -1.05
C GLU A 707 7.81 -0.13 -1.58
N CYS A 708 6.54 0.25 -1.44
CA CYS A 708 6.09 1.55 -1.90
C CYS A 708 6.77 2.66 -1.10
N PRO A 709 7.14 3.77 -1.73
CA PRO A 709 7.77 4.88 -0.99
C PRO A 709 6.79 5.75 -0.23
N HIS A 710 5.54 5.32 -0.05
CA HIS A 710 4.53 6.12 0.63
C HIS A 710 4.30 5.59 2.03
N LEU A 711 4.27 6.51 3.00
CA LEU A 711 4.06 6.14 4.39
C LEU A 711 2.73 5.42 4.57
N ASN A 712 1.65 6.02 4.10
CA ASN A 712 0.31 5.48 4.34
C ASN A 712 0.08 4.20 3.55
N VAL A 713 0.60 4.13 2.32
CA VAL A 713 0.45 2.91 1.53
C VAL A 713 1.18 1.75 2.18
N ARG A 714 2.40 1.99 2.68
CA ARG A 714 3.12 0.94 3.39
C ARG A 714 2.38 0.51 4.65
N LYS A 715 1.84 1.47 5.41
CA LYS A 715 1.09 1.13 6.61
C LYS A 715 -0.14 0.28 6.27
N ALA A 716 -0.87 0.67 5.23
CA ALA A 716 -2.07 -0.07 4.83
C ALA A 716 -1.72 -1.46 4.33
N ALA A 717 -0.64 -1.60 3.56
CA ALA A 717 -0.23 -2.91 3.10
C ALA A 717 0.18 -3.81 4.25
N HIS A 718 0.90 -3.26 5.23
CA HIS A 718 1.29 -4.05 6.39
C HIS A 718 0.08 -4.47 7.21
N GLU A 719 -0.90 -3.58 7.37
CA GLU A 719 -2.13 -3.94 8.07
C GLU A 719 -3.01 -4.90 7.29
N ALA A 720 -2.88 -4.96 5.96
CA ALA A 720 -3.72 -5.83 5.16
C ALA A 720 -3.21 -7.26 5.11
N LEU A 721 -1.90 -7.46 5.14
CA LEU A 721 -1.36 -8.82 5.09
C LEU A 721 -1.73 -9.61 6.33
N GLY A 722 -1.73 -8.96 7.50
CA GLY A 722 -2.14 -9.65 8.71
C GLY A 722 -3.59 -10.11 8.66
N GLN A 723 -4.47 -9.26 8.13
CA GLN A 723 -5.85 -9.66 7.93
C GLN A 723 -5.97 -10.81 6.94
N PHE A 724 -5.12 -10.84 5.91
CA PHE A 724 -5.10 -11.98 5.01
C PHE A 724 -4.73 -13.26 5.74
N CYS A 725 -3.72 -13.20 6.62
CA CYS A 725 -3.33 -14.38 7.39
C CYS A 725 -4.46 -14.83 8.30
N CYS A 726 -5.13 -13.89 8.97
CA CYS A 726 -6.23 -14.27 9.85
C CYS A 726 -7.39 -14.89 9.06
N ALA A 727 -7.72 -14.30 7.92
CA ALA A 727 -8.81 -14.84 7.10
C ALA A 727 -8.47 -16.23 6.58
N LEU A 728 -7.22 -16.43 6.15
CA LEU A 728 -6.82 -17.74 5.64
C LEU A 728 -6.78 -18.77 6.75
N HIS A 729 -6.40 -18.36 7.96
CA HIS A 729 -6.41 -19.29 9.09
C HIS A 729 -7.82 -19.70 9.47
N LYS A 730 -8.76 -18.74 9.47
CA LYS A 730 -10.14 -19.11 9.80
C LYS A 730 -10.78 -19.92 8.67
N ALA A 731 -10.36 -19.69 7.43
CA ALA A 731 -10.81 -20.56 6.34
C ALA A 731 -10.26 -21.97 6.52
N CYS A 732 -9.02 -22.09 6.97
CA CYS A 732 -8.45 -23.41 7.25
C CYS A 732 -9.22 -24.11 8.36
N GLN A 733 -9.59 -23.37 9.41
CA GLN A 733 -10.45 -23.96 10.43
C GLN A 733 -11.81 -24.36 9.86
N SER A 734 -12.33 -23.60 8.89
CA SER A 734 -13.61 -23.95 8.29
C SER A 734 -13.52 -25.26 7.52
N CYS A 735 -12.46 -25.42 6.72
CA CYS A 735 -12.28 -26.62 5.90
C CYS A 735 -10.88 -27.17 6.14
N PRO A 736 -10.71 -28.08 7.11
CA PRO A 736 -9.38 -28.59 7.46
C PRO A 736 -8.80 -29.52 6.40
N SER A 737 -8.45 -28.95 5.25
CA SER A 737 -7.83 -29.69 4.17
C SER A 737 -6.32 -29.40 4.10
N GLU A 738 -5.60 -30.32 3.48
CA GLU A 738 -4.15 -30.12 3.31
C GLU A 738 -3.80 -28.90 2.47
N PRO A 739 -4.43 -28.63 1.32
CA PRO A 739 -4.09 -27.40 0.59
C PRO A 739 -4.29 -26.14 1.39
N ASN A 740 -5.33 -26.08 2.22
CA ASN A 740 -5.60 -24.87 3.01
C ASN A 740 -4.50 -24.62 4.02
N THR A 741 -4.08 -25.66 4.75
CA THR A 741 -3.03 -25.47 5.74
C THR A 741 -1.68 -25.23 5.06
N ALA A 742 -1.44 -25.84 3.91
CA ALA A 742 -0.21 -25.54 3.18
C ALA A 742 -0.17 -24.08 2.73
N ALA A 743 -1.29 -23.57 2.23
CA ALA A 743 -1.35 -22.17 1.84
C ALA A 743 -1.18 -21.25 3.04
N LEU A 744 -1.77 -21.62 4.18
CA LEU A 744 -1.59 -20.83 5.40
C LEU A 744 -0.12 -20.80 5.82
N GLN A 745 0.56 -21.93 5.76
CA GLN A 745 1.97 -21.98 6.12
C GLN A 745 2.81 -21.13 5.18
N ALA A 746 2.52 -21.20 3.88
CA ALA A 746 3.26 -20.38 2.92
C ALA A 746 3.03 -18.90 3.17
N ALA A 747 1.77 -18.50 3.41
CA ALA A 747 1.47 -17.10 3.66
C ALA A 747 2.16 -16.61 4.93
N LEU A 748 2.16 -17.42 5.99
CA LEU A 748 2.83 -17.02 7.22
C LEU A 748 4.34 -16.91 7.01
N ALA A 749 4.94 -17.86 6.29
CA ALA A 749 6.37 -17.80 6.01
C ALA A 749 6.74 -16.63 5.10
N ARG A 750 5.77 -16.10 4.35
CA ARG A 750 6.01 -14.92 3.53
C ARG A 750 5.75 -13.61 4.28
N VAL A 751 4.88 -13.62 5.29
CA VAL A 751 4.52 -12.40 5.99
C VAL A 751 5.39 -12.16 7.21
N VAL A 752 5.50 -13.15 8.10
CA VAL A 752 6.19 -12.93 9.38
C VAL A 752 7.63 -12.47 9.19
N PRO A 753 8.43 -13.04 8.28
CA PRO A 753 9.75 -12.45 8.02
C PRO A 753 9.68 -10.99 7.55
N SER A 754 8.66 -10.64 6.76
CA SER A 754 8.51 -9.25 6.34
C SER A 754 8.16 -8.36 7.52
N TYR A 755 7.33 -8.86 8.45
CA TYR A 755 7.01 -8.10 9.65
C TYR A 755 8.25 -7.89 10.51
N MET A 756 9.05 -8.93 10.70
CA MET A 756 10.25 -8.81 11.52
C MET A 756 11.33 -7.95 10.87
N GLN A 757 11.44 -7.97 9.55
CA GLN A 757 12.45 -7.17 8.85
C GLN A 757 12.06 -5.70 8.79
N ALA A 758 10.78 -5.38 8.84
CA ALA A 758 10.32 -4.00 8.77
C ALA A 758 10.24 -3.33 10.14
N VAL A 759 10.59 -4.02 11.22
CA VAL A 759 10.56 -3.42 12.54
C VAL A 759 11.90 -2.80 12.91
N ASN A 760 13.00 -3.53 12.69
CA ASN A 760 14.32 -3.06 13.07
C ASN A 760 15.12 -2.50 11.89
N ARG A 761 14.46 -2.21 10.77
CA ARG A 761 15.15 -1.65 9.62
C ARG A 761 14.44 -0.46 8.99
N GLU A 762 13.14 -0.29 9.19
CA GLU A 762 12.41 0.79 8.53
C GLU A 762 12.42 2.04 9.40
N ARG A 763 12.79 3.18 8.79
CA ARG A 763 13.01 4.40 9.55
C ARG A 763 11.70 5.02 10.03
N GLU A 764 10.64 4.93 9.23
CA GLU A 764 9.39 5.60 9.57
C GLU A 764 8.77 4.93 10.79
N ARG A 765 8.52 5.72 11.84
CA ARG A 765 8.02 5.17 13.09
C ARG A 765 6.53 4.83 13.02
N GLN A 766 5.76 5.56 12.21
CA GLN A 766 4.33 5.27 12.10
C GLN A 766 4.08 3.89 11.51
N VAL A 767 4.96 3.41 10.64
CA VAL A 767 4.79 2.06 10.10
C VAL A 767 5.09 1.02 11.16
N VAL A 768 6.05 1.29 12.04
CA VAL A 768 6.49 0.29 13.00
C VAL A 768 5.38 -0.02 13.99
N MET A 769 4.65 1.00 14.45
CA MET A 769 3.53 0.74 15.35
C MET A 769 2.46 -0.11 14.68
N ALA A 770 2.15 0.19 13.41
CA ALA A 770 1.18 -0.59 12.68
C ALA A 770 1.64 -2.04 12.50
N VAL A 771 2.93 -2.23 12.22
CA VAL A 771 3.46 -3.58 12.05
C VAL A 771 3.39 -4.34 13.37
N LEU A 772 3.73 -3.70 14.48
CA LEU A 772 3.62 -4.36 15.77
C LEU A 772 2.17 -4.72 16.10
N GLU A 773 1.24 -3.81 15.81
CA GLU A 773 -0.17 -4.11 16.04
C GLU A 773 -0.65 -5.27 15.18
N ALA A 774 -0.26 -5.30 13.90
CA ALA A 774 -0.62 -6.42 13.03
C ALA A 774 0.00 -7.73 13.49
N LEU A 775 1.26 -7.68 13.95
CA LEU A 775 1.90 -8.88 14.49
C LEU A 775 1.18 -9.39 15.72
N THR A 776 0.76 -8.49 16.61
CA THR A 776 -0.04 -8.89 17.76
C THR A 776 -1.37 -9.48 17.33
N GLY A 777 -2.01 -8.90 16.31
CA GLY A 777 -3.26 -9.45 15.81
C GLY A 777 -3.13 -10.78 15.09
N VAL A 778 -1.95 -11.08 14.56
CA VAL A 778 -1.72 -12.36 13.92
C VAL A 778 -1.42 -13.44 14.94
N LEU A 779 -0.59 -13.11 15.94
CA LEU A 779 -0.22 -14.10 16.95
C LEU A 779 -1.42 -14.54 17.77
N ARG A 780 -2.42 -13.67 17.93
CA ARG A 780 -3.63 -14.04 18.66
C ARG A 780 -4.55 -14.94 17.85
N SER A 781 -4.60 -14.75 16.53
CA SER A 781 -5.52 -15.51 15.68
C SER A 781 -4.87 -16.79 15.15
N CYS A 782 -3.73 -16.65 14.46
CA CYS A 782 -3.07 -17.82 13.91
C CYS A 782 -2.59 -18.77 14.99
N GLY A 783 -2.08 -18.24 16.09
CA GLY A 783 -1.73 -19.10 17.22
C GLY A 783 -0.43 -19.85 16.95
N THR A 784 -0.44 -21.16 17.22
CA THR A 784 0.76 -21.97 17.14
C THR A 784 1.27 -22.12 15.71
N LEU A 785 0.44 -21.87 14.70
CA LEU A 785 0.89 -22.00 13.32
C LEU A 785 1.99 -21.01 13.00
N THR A 786 2.04 -19.87 13.68
CA THR A 786 3.04 -18.85 13.40
C THR A 786 4.44 -19.33 13.76
N LEU A 787 4.57 -20.03 14.90
CA LEU A 787 5.87 -20.38 15.45
C LEU A 787 6.28 -21.81 15.12
N LYS A 788 5.59 -22.47 14.19
CA LYS A 788 5.95 -23.84 13.86
C LYS A 788 7.34 -23.98 13.26
N PRO A 789 7.77 -23.16 12.29
CA PRO A 789 9.15 -23.27 11.80
C PRO A 789 10.14 -23.08 12.93
N PRO A 790 11.17 -23.93 13.00
CA PRO A 790 12.14 -23.81 14.09
C PRO A 790 12.91 -22.50 14.01
N GLY A 791 13.22 -21.94 15.18
CA GLY A 791 14.01 -20.74 15.28
C GLY A 791 13.24 -19.45 15.09
N ARG A 792 11.94 -19.52 14.78
CA ARG A 792 11.16 -18.30 14.60
C ARG A 792 10.97 -17.56 15.92
N LEU A 793 10.73 -18.30 17.01
CA LEU A 793 10.56 -17.67 18.31
C LEU A 793 11.83 -16.96 18.76
N ALA A 794 12.99 -17.56 18.49
CA ALA A 794 14.25 -16.98 18.94
C ALA A 794 14.53 -15.62 18.32
N GLU A 795 14.04 -15.37 17.10
CA GLU A 795 14.20 -14.06 16.49
C GLU A 795 13.03 -13.12 16.73
N LEU A 796 11.81 -13.66 16.88
CA LEU A 796 10.70 -12.80 17.27
C LEU A 796 10.91 -12.19 18.65
N CYS A 797 11.34 -13.00 19.62
CA CYS A 797 11.69 -12.47 20.93
C CYS A 797 12.85 -11.49 20.87
N GLY A 798 13.85 -11.74 20.02
CA GLY A 798 14.94 -10.80 19.86
C GLY A 798 14.46 -9.47 19.33
N VAL A 799 13.53 -9.50 18.37
CA VAL A 799 12.98 -8.25 17.82
C VAL A 799 12.20 -7.50 18.90
N LEU A 800 11.32 -8.21 19.61
CA LEU A 800 10.51 -7.53 20.63
C LEU A 800 11.36 -7.03 21.78
N LYS A 801 12.49 -7.69 22.07
CA LYS A 801 13.41 -7.20 23.08
C LYS A 801 14.24 -6.04 22.57
N ALA A 802 14.52 -5.97 21.27
CA ALA A 802 15.23 -4.84 20.69
C ALA A 802 14.36 -3.60 20.62
N VAL A 803 13.05 -3.74 20.42
CA VAL A 803 12.18 -2.57 20.46
C VAL A 803 12.14 -1.98 21.87
N LEU A 804 12.04 -2.85 22.89
CA LEU A 804 12.01 -2.37 24.27
C LEU A 804 13.35 -1.79 24.70
N GLN A 805 14.45 -2.24 24.09
CA GLN A 805 15.78 -1.76 24.42
C GLN A 805 16.20 -0.57 23.57
N ARG A 806 15.30 -0.07 22.71
CA ARG A 806 15.57 1.08 21.84
C ARG A 806 16.78 0.83 20.94
N LYS A 807 16.93 -0.40 20.48
CA LYS A 807 18.01 -0.76 19.57
C LYS A 807 17.58 -0.76 18.10
N THR A 808 16.30 -0.56 17.80
CA THR A 808 15.84 -0.61 16.43
C THR A 808 16.27 0.64 15.67
N ALA A 809 16.24 0.53 14.34
CA ALA A 809 16.58 1.65 13.47
C ALA A 809 15.46 2.68 13.37
N CYS A 810 14.24 2.33 13.73
CA CYS A 810 13.13 3.28 13.66
C CYS A 810 13.23 4.34 14.74
N GLN A 811 13.84 4.01 15.87
CA GLN A 811 14.02 4.97 16.95
C GLN A 811 15.36 5.70 16.87
N ASP A 812 16.12 5.48 15.81
CA ASP A 812 17.39 6.17 15.57
C ASP A 812 18.41 5.86 16.66
N THR A 813 18.33 4.66 17.22
CA THR A 813 19.28 4.17 18.22
C THR A 813 19.35 5.14 19.42
N ASP A 814 18.18 5.39 19.99
CA ASP A 814 18.02 6.32 21.12
C ASP A 814 18.51 7.72 20.75
N GLU A 815 18.21 8.11 19.51
CA GLU A 815 18.56 9.43 18.98
C GLU A 815 20.07 9.70 19.09
N GLU A 816 20.83 8.68 18.69
CA GLU A 816 22.29 8.75 18.58
C GLU A 816 22.98 8.92 19.93
N GLU A 817 24.30 8.68 19.93
CA GLU A 817 25.14 8.79 21.11
C GLU A 817 24.55 7.92 22.22
N GLU A 818 24.12 8.51 23.33
CA GLU A 818 23.61 7.74 24.46
C GLU A 818 22.49 8.55 25.13
N GLU A 819 22.05 8.10 26.30
CA GLU A 819 21.06 8.82 27.09
C GLU A 819 21.44 8.65 28.55
N GLU A 820 20.85 9.47 29.43
CA GLU A 820 21.08 9.41 30.86
C GLU A 820 19.81 8.99 31.58
N ASP A 821 18.97 8.22 30.90
CA ASP A 821 17.68 7.76 31.42
C ASP A 821 16.81 8.94 31.83
N ASP A 822 16.47 9.76 30.83
CA ASP A 822 15.58 10.90 31.05
C ASP A 822 14.20 10.61 30.46
N ASP A 823 13.29 11.57 30.58
CA ASP A 823 11.94 11.38 30.05
C ASP A 823 11.95 11.30 28.53
N GLN A 824 11.39 10.21 27.98
CA GLN A 824 11.37 10.01 26.55
C GLN A 824 10.18 10.75 25.93
N ALA A 825 10.01 10.60 24.63
CA ALA A 825 8.97 11.30 23.91
C ALA A 825 7.59 10.78 24.31
N GLU A 826 6.57 11.58 24.06
CA GLU A 826 5.19 11.20 24.36
C GLU A 826 4.65 10.17 23.40
N TYR A 827 5.12 10.18 22.15
CA TYR A 827 4.61 9.27 21.13
C TYR A 827 5.38 7.96 21.08
N ASP A 828 6.56 7.88 21.70
CA ASP A 828 7.30 6.63 21.80
C ASP A 828 6.74 5.72 22.89
N ALA A 829 6.00 6.27 23.84
CA ALA A 829 5.33 5.42 24.82
C ALA A 829 4.32 4.50 24.14
N MET A 830 3.63 5.01 23.11
CA MET A 830 2.71 4.16 22.36
C MET A 830 3.46 3.05 21.64
N LEU A 831 4.62 3.35 21.08
CA LEU A 831 5.41 2.32 20.40
C LEU A 831 5.87 1.25 21.37
N LEU A 832 6.34 1.66 22.56
CA LEU A 832 6.75 0.69 23.56
C LEU A 832 5.57 -0.14 24.04
N GLU A 833 4.41 0.48 24.21
CA GLU A 833 3.22 -0.26 24.63
C GLU A 833 2.81 -1.27 23.57
N HIS A 834 2.86 -0.89 22.29
CA HIS A 834 2.55 -1.83 21.23
C HIS A 834 3.55 -2.98 21.18
N ALA A 835 4.83 -2.67 21.42
CA ALA A 835 5.84 -3.73 21.47
C ALA A 835 5.58 -4.69 22.63
N GLY A 836 5.23 -4.15 23.80
CA GLY A 836 4.98 -4.98 24.96
C GLY A 836 3.64 -5.69 24.97
N GLU A 837 2.70 -5.26 24.13
CA GLU A 837 1.42 -5.93 24.02
C GLU A 837 1.52 -7.28 23.31
N ALA A 838 2.55 -7.49 22.52
CA ALA A 838 2.73 -8.76 21.82
C ALA A 838 3.34 -9.84 22.68
N ILE A 839 3.92 -9.47 23.83
CA ILE A 839 4.46 -10.49 24.74
C ILE A 839 3.36 -11.41 25.27
N PRO A 840 2.21 -10.91 25.76
CA PRO A 840 1.14 -11.84 26.12
C PRO A 840 0.67 -12.71 24.96
N ALA A 841 0.61 -12.14 23.75
CA ALA A 841 0.21 -12.94 22.60
C ALA A 841 1.27 -13.96 22.23
N LEU A 842 2.55 -13.59 22.34
CA LEU A 842 3.63 -14.52 22.06
C LEU A 842 3.63 -15.67 23.07
N ALA A 843 3.37 -15.37 24.34
CA ALA A 843 3.37 -16.41 25.37
C ALA A 843 2.26 -17.43 25.14
N ALA A 844 1.09 -16.98 24.72
CA ALA A 844 -0.04 -17.89 24.49
C ALA A 844 0.13 -18.72 23.22
N ALA A 845 1.13 -18.44 22.40
CA ALA A 845 1.38 -19.21 21.19
C ALA A 845 2.50 -20.22 21.33
N ALA A 846 3.51 -19.93 22.16
CA ALA A 846 4.62 -20.85 22.35
C ALA A 846 4.31 -21.96 23.35
N GLY A 847 3.20 -21.86 24.09
CA GLY A 847 2.82 -22.89 25.03
C GLY A 847 3.37 -22.73 26.43
N GLY A 848 4.24 -21.74 26.65
CA GLY A 848 4.82 -21.51 27.96
C GLY A 848 6.05 -22.35 28.28
N ASP A 849 6.05 -23.61 27.85
CA ASP A 849 7.20 -24.48 28.12
C ASP A 849 8.46 -23.97 27.42
N SER A 850 8.33 -23.54 26.18
CA SER A 850 9.46 -23.05 25.40
C SER A 850 9.64 -21.54 25.49
N PHE A 851 8.74 -20.83 26.18
CA PHE A 851 8.84 -19.38 26.31
C PHE A 851 9.52 -18.93 27.60
N ALA A 852 9.80 -19.86 28.52
CA ALA A 852 10.42 -19.48 29.79
C ALA A 852 11.80 -18.87 29.63
N PRO A 853 12.75 -19.47 28.88
CA PRO A 853 14.08 -18.84 28.78
C PRO A 853 14.05 -17.46 28.18
N PHE A 854 13.13 -17.19 27.26
CA PHE A 854 13.02 -15.85 26.68
C PHE A 854 12.34 -14.88 27.65
N PHE A 855 11.35 -15.35 28.41
CA PHE A 855 10.75 -14.49 29.42
C PHE A 855 11.75 -14.14 30.51
N ALA A 856 12.74 -15.00 30.73
CA ALA A 856 13.79 -14.68 31.70
C ALA A 856 14.54 -13.42 31.30
N GLY A 857 14.85 -13.27 30.01
CA GLY A 857 15.48 -12.05 29.53
C GLY A 857 14.51 -10.91 29.35
N PHE A 858 13.23 -11.21 29.11
CA PHE A 858 12.23 -10.16 28.97
C PHE A 858 11.93 -9.49 30.30
N LEU A 859 12.08 -10.21 31.41
CA LEU A 859 11.65 -9.69 32.71
C LEU A 859 12.35 -8.39 33.13
N PRO A 860 13.67 -8.26 33.02
CA PRO A 860 14.32 -7.03 33.56
C PRO A 860 13.78 -5.74 32.96
N LEU A 861 13.47 -5.70 31.67
CA LEU A 861 12.96 -4.46 31.07
C LEU A 861 11.61 -4.08 31.66
N LEU A 862 10.70 -5.05 31.79
CA LEU A 862 9.39 -4.76 32.37
C LEU A 862 9.51 -4.38 33.84
N VAL A 863 10.43 -5.01 34.56
CA VAL A 863 10.66 -4.65 35.96
C VAL A 863 11.17 -3.22 36.06
N CYS A 864 12.06 -2.83 35.15
CA CYS A 864 12.56 -1.45 35.12
C CYS A 864 11.45 -0.46 34.81
N LYS A 865 10.54 -0.83 33.90
CA LYS A 865 9.42 0.05 33.57
C LYS A 865 8.48 0.26 34.76
N THR A 866 8.39 -0.71 35.67
CA THR A 866 7.52 -0.60 36.84
C THR A 866 8.29 -0.24 38.11
N LYS A 867 9.54 0.21 37.97
CA LYS A 867 10.30 0.62 39.13
C LYS A 867 9.67 1.83 39.80
N GLN A 868 9.80 1.92 41.12
CA GLN A 868 9.15 2.98 41.88
C GLN A 868 9.63 4.35 41.43
N GLY A 869 8.69 5.26 41.25
CA GLY A 869 8.98 6.62 40.83
C GLY A 869 8.82 6.89 39.35
N CYS A 870 8.34 5.93 38.57
CA CYS A 870 8.23 6.08 37.13
C CYS A 870 6.84 6.58 36.75
N THR A 871 6.54 6.57 35.45
CA THR A 871 5.24 7.02 34.98
C THR A 871 4.14 6.06 35.42
N VAL A 872 2.97 6.62 35.74
CA VAL A 872 1.85 5.81 36.19
C VAL A 872 1.35 4.91 35.06
N ALA A 873 1.22 5.47 33.86
CA ALA A 873 0.71 4.69 32.73
C ALA A 873 1.64 3.55 32.39
N GLU A 874 2.95 3.80 32.38
CA GLU A 874 3.92 2.73 32.12
C GLU A 874 3.87 1.69 33.23
N LYS A 875 3.70 2.13 34.48
CA LYS A 875 3.56 1.19 35.60
C LYS A 875 2.38 0.25 35.37
N SER A 876 1.20 0.81 35.08
CA SER A 876 0.02 0.00 34.86
C SER A 876 0.19 -0.93 33.68
N PHE A 877 0.77 -0.43 32.58
CA PHE A 877 0.96 -1.27 31.40
C PHE A 877 1.92 -2.42 31.69
N ALA A 878 3.01 -2.15 32.41
CA ALA A 878 3.96 -3.21 32.72
C ALA A 878 3.34 -4.26 33.63
N VAL A 879 2.57 -3.82 34.63
CA VAL A 879 1.93 -4.78 35.53
C VAL A 879 0.91 -5.63 34.78
N GLY A 880 0.09 -5.01 33.93
CA GLY A 880 -0.88 -5.76 33.15
C GLY A 880 -0.22 -6.73 32.18
N THR A 881 0.89 -6.31 31.56
CA THR A 881 1.63 -7.20 30.67
C THR A 881 2.19 -8.38 31.43
N LEU A 882 2.71 -8.15 32.64
CA LEU A 882 3.18 -9.25 33.47
C LEU A 882 2.05 -10.20 33.81
N ALA A 883 0.88 -9.68 34.16
CA ALA A 883 -0.26 -10.54 34.49
C ALA A 883 -0.67 -11.38 33.30
N GLU A 884 -0.78 -10.76 32.12
CA GLU A 884 -1.20 -11.50 30.93
C GLU A 884 -0.14 -12.51 30.50
N THR A 885 1.14 -12.19 30.70
CA THR A 885 2.19 -13.14 30.39
C THR A 885 2.19 -14.31 31.38
N ILE A 886 1.82 -14.05 32.64
CA ILE A 886 1.61 -15.14 33.57
C ILE A 886 0.49 -16.05 33.09
N GLN A 887 -0.61 -15.44 32.64
CA GLN A 887 -1.73 -16.21 32.10
C GLN A 887 -1.29 -17.08 30.93
N GLY A 888 -0.52 -16.50 30.00
CA GLY A 888 -0.06 -17.27 28.85
C GLY A 888 0.93 -18.36 29.22
N LEU A 889 1.85 -18.06 30.14
CA LEU A 889 2.89 -19.01 30.52
C LEU A 889 2.30 -20.20 31.26
N GLY A 890 1.32 -19.95 32.13
CA GLY A 890 0.67 -21.05 32.82
C GLY A 890 1.58 -21.70 33.84
N ALA A 891 1.75 -23.02 33.73
CA ALA A 891 2.49 -23.80 34.71
C ALA A 891 3.98 -23.53 34.69
N ALA A 892 4.50 -22.81 33.70
CA ALA A 892 5.92 -22.53 33.59
C ALA A 892 6.33 -21.29 34.38
N SER A 893 5.45 -20.75 35.21
CA SER A 893 5.74 -19.61 36.06
C SER A 893 6.30 -20.00 37.43
N ALA A 894 6.55 -21.29 37.64
CA ALA A 894 7.05 -21.74 38.94
C ALA A 894 8.43 -21.18 39.25
N GLN A 895 9.29 -21.08 38.23
CA GLN A 895 10.61 -20.51 38.45
C GLN A 895 10.60 -18.98 38.42
N PHE A 896 9.51 -18.35 37.95
CA PHE A 896 9.42 -16.90 37.92
C PHE A 896 8.62 -16.29 39.05
N VAL A 897 7.89 -17.11 39.83
CA VAL A 897 7.08 -16.56 40.92
C VAL A 897 7.96 -15.84 41.93
N SER A 898 9.16 -16.39 42.19
CA SER A 898 10.05 -15.79 43.17
C SER A 898 10.44 -14.36 42.78
N ARG A 899 10.72 -14.15 41.50
CA ARG A 899 11.05 -12.80 41.03
C ARG A 899 9.82 -11.92 40.95
N LEU A 900 8.68 -12.48 40.54
CA LEU A 900 7.49 -11.68 40.26
C LEU A 900 6.78 -11.23 41.53
N LEU A 901 6.83 -12.01 42.60
CA LEU A 901 6.08 -11.66 43.80
C LEU A 901 6.46 -10.32 44.40
N PRO A 902 7.73 -9.98 44.60
CA PRO A 902 8.03 -8.64 45.15
C PRO A 902 7.50 -7.50 44.30
N VAL A 903 7.57 -7.62 42.98
CA VAL A 903 7.14 -6.53 42.10
C VAL A 903 5.64 -6.29 42.24
N LEU A 904 4.86 -7.37 42.14
CA LEU A 904 3.41 -7.24 42.27
C LEU A 904 3.01 -6.81 43.66
N LEU A 905 3.71 -7.31 44.69
CA LEU A 905 3.39 -6.94 46.06
C LEU A 905 3.64 -5.46 46.29
N SER A 906 4.75 -4.94 45.78
CA SER A 906 5.04 -3.52 45.92
C SER A 906 4.07 -2.67 45.11
N THR A 907 3.68 -3.15 43.92
CA THR A 907 2.75 -2.38 43.09
C THR A 907 1.36 -2.33 43.71
N ALA A 908 0.95 -3.39 44.39
CA ALA A 908 -0.37 -3.42 45.02
C ALA A 908 -0.46 -2.54 46.25
N GLN A 909 0.56 -1.73 46.54
CA GLN A 909 0.59 -0.84 47.69
C GLN A 909 0.66 0.62 47.26
N GLU A 910 -0.07 0.98 46.21
CA GLU A 910 -0.09 2.32 45.67
C GLU A 910 -1.48 2.93 45.83
N ALA A 911 -1.64 4.15 45.32
CA ALA A 911 -2.87 4.91 45.43
C ALA A 911 -3.43 5.26 44.06
N ASP A 912 -3.42 4.29 43.14
CA ASP A 912 -3.99 4.48 41.82
C ASP A 912 -4.95 3.34 41.54
N PRO A 913 -6.14 3.62 40.99
CA PRO A 913 -7.11 2.53 40.78
C PRO A 913 -6.67 1.50 39.75
N GLU A 914 -6.29 1.94 38.55
CA GLU A 914 -5.94 1.00 37.49
C GLU A 914 -4.69 0.20 37.85
N VAL A 915 -3.67 0.89 38.39
CA VAL A 915 -2.41 0.21 38.72
C VAL A 915 -2.63 -0.83 39.80
N ARG A 916 -3.36 -0.46 40.86
CA ARG A 916 -3.62 -1.41 41.94
C ARG A 916 -4.49 -2.56 41.47
N SER A 917 -5.47 -2.28 40.62
CA SER A 917 -6.32 -3.34 40.09
C SER A 917 -5.51 -4.34 39.28
N ASN A 918 -4.62 -3.84 38.41
CA ASN A 918 -3.75 -4.71 37.63
C ASN A 918 -2.82 -5.51 38.54
N ALA A 919 -2.31 -4.87 39.59
CA ALA A 919 -1.43 -5.57 40.53
C ALA A 919 -2.16 -6.70 41.22
N ILE A 920 -3.39 -6.46 41.69
CA ILE A 920 -4.15 -7.50 42.36
C ILE A 920 -4.49 -8.63 41.39
N PHE A 921 -4.86 -8.28 40.16
CA PHE A 921 -5.17 -9.30 39.15
C PHE A 921 -3.94 -10.17 38.87
N GLY A 922 -2.78 -9.53 38.70
CA GLY A 922 -1.57 -10.29 38.44
C GLY A 922 -1.17 -11.16 39.61
N MET A 923 -1.30 -10.65 40.83
CA MET A 923 -0.98 -11.45 42.01
C MET A 923 -1.91 -12.64 42.14
N GLY A 924 -3.20 -12.44 41.88
CA GLY A 924 -4.14 -13.55 41.94
C GLY A 924 -3.86 -14.61 40.88
N VAL A 925 -3.57 -14.18 39.66
CA VAL A 925 -3.31 -15.17 38.62
C VAL A 925 -1.96 -15.85 38.84
N LEU A 926 -1.00 -15.16 39.45
CA LEU A 926 0.25 -15.82 39.84
C LEU A 926 -0.01 -16.88 40.90
N ALA A 927 -0.90 -16.59 41.85
CA ALA A 927 -1.29 -17.60 42.82
C ALA A 927 -1.97 -18.79 42.13
N GLU A 928 -2.78 -18.51 41.12
CA GLU A 928 -3.51 -19.57 40.43
C GLU A 928 -2.57 -20.47 39.64
N HIS A 929 -1.68 -19.89 38.85
CA HIS A 929 -0.81 -20.63 37.94
C HIS A 929 0.61 -20.82 38.48
N GLY A 930 0.87 -20.45 39.73
CA GLY A 930 2.23 -20.54 40.25
C GLY A 930 2.71 -21.94 40.53
N GLY A 931 1.80 -22.88 40.72
CA GLY A 931 2.21 -24.24 41.03
C GLY A 931 2.72 -24.36 42.46
N HIS A 932 3.46 -25.44 42.70
CA HIS A 932 3.98 -25.71 44.04
C HIS A 932 4.89 -24.62 44.59
N PRO A 933 5.83 -24.04 43.84
CA PRO A 933 6.70 -23.00 44.41
C PRO A 933 5.94 -21.76 44.87
N ALA A 934 4.71 -21.54 44.43
CA ALA A 934 3.93 -20.40 44.88
C ALA A 934 3.05 -20.71 46.08
N GLN A 935 3.02 -21.96 46.54
CA GLN A 935 2.11 -22.33 47.61
C GLN A 935 2.62 -21.86 48.97
N GLU A 936 3.94 -21.78 49.15
CA GLU A 936 4.50 -21.43 50.45
C GLU A 936 4.17 -20.00 50.86
N HIS A 937 3.75 -19.15 49.92
CA HIS A 937 3.41 -17.77 50.23
C HIS A 937 1.92 -17.57 50.49
N PHE A 938 1.13 -18.65 50.52
CA PHE A 938 -0.31 -18.52 50.71
C PHE A 938 -0.70 -17.84 52.02
N PRO A 939 -0.16 -18.23 53.19
CA PRO A 939 -0.55 -17.50 54.42
C PRO A 939 -0.20 -16.02 54.37
N LYS A 940 0.98 -15.69 53.84
CA LYS A 940 1.35 -14.29 53.67
C LYS A 940 0.43 -13.60 52.68
N LEU A 941 0.06 -14.29 51.61
CA LEU A 941 -0.82 -13.70 50.61
C LEU A 941 -2.18 -13.39 51.19
N LEU A 942 -2.73 -14.30 52.01
CA LEU A 942 -4.00 -14.04 52.68
C LEU A 942 -3.88 -12.96 53.73
N GLY A 943 -2.72 -12.85 54.39
CA GLY A 943 -2.55 -11.86 55.43
C GLY A 943 -2.60 -10.43 54.94
N LEU A 944 -2.54 -10.22 53.63
CA LEU A 944 -2.54 -8.89 53.04
C LEU A 944 -3.82 -8.55 52.30
N LEU A 945 -4.61 -9.56 51.91
CA LEU A 945 -5.83 -9.28 51.15
C LEU A 945 -6.95 -8.74 52.04
N PHE A 946 -7.00 -9.17 53.31
CA PHE A 946 -8.03 -8.66 54.21
C PHE A 946 -7.96 -7.15 54.42
N PRO A 947 -6.80 -6.54 54.74
CA PRO A 947 -6.80 -5.08 54.91
C PRO A 947 -7.16 -4.33 53.65
N LEU A 948 -6.81 -4.84 52.46
CA LEU A 948 -7.18 -4.15 51.23
C LEU A 948 -8.67 -4.22 50.95
N LEU A 949 -9.36 -5.26 51.44
CA LEU A 949 -10.78 -5.40 51.14
C LEU A 949 -11.60 -4.28 51.77
N ALA A 950 -11.28 -3.89 53.00
CA ALA A 950 -12.12 -2.94 53.72
C ALA A 950 -11.76 -1.50 53.37
N ARG A 951 -10.46 -1.17 53.37
CA ARG A 951 -10.05 0.22 53.21
C ARG A 951 -10.37 0.76 51.82
N GLU A 952 -10.25 -0.08 50.79
CA GLU A 952 -10.44 0.39 49.43
C GLU A 952 -11.88 0.83 49.19
N ARG A 953 -12.06 1.96 48.51
CA ARG A 953 -13.37 2.50 48.20
C ARG A 953 -13.83 2.19 46.78
N HIS A 954 -12.90 2.04 45.85
CA HIS A 954 -13.26 1.86 44.45
C HIS A 954 -13.87 0.48 44.21
N ASP A 955 -14.87 0.42 43.34
CA ASP A 955 -15.58 -0.82 43.07
C ASP A 955 -14.73 -1.77 42.24
N ARG A 956 -13.90 -1.23 41.34
CA ARG A 956 -13.08 -2.06 40.47
C ARG A 956 -12.07 -2.87 41.29
N VAL A 957 -11.35 -2.19 42.18
CA VAL A 957 -10.27 -2.85 42.91
C VAL A 957 -10.81 -3.89 43.88
N ARG A 958 -11.95 -3.63 44.50
CA ARG A 958 -12.53 -4.63 45.40
C ARG A 958 -13.01 -5.86 44.62
N ASP A 959 -13.53 -5.64 43.42
CA ASP A 959 -13.89 -6.77 42.57
C ASP A 959 -12.67 -7.60 42.19
N ASN A 960 -11.56 -6.93 41.84
CA ASN A 960 -10.37 -7.68 41.50
C ASN A 960 -9.79 -8.41 42.71
N ILE A 961 -9.94 -7.83 43.90
CA ILE A 961 -9.55 -8.55 45.13
C ILE A 961 -10.44 -9.77 45.32
N CYS A 962 -11.73 -9.64 45.03
CA CYS A 962 -12.64 -10.78 45.09
C CYS A 962 -12.20 -11.88 44.13
N GLY A 963 -11.86 -11.51 42.90
CA GLY A 963 -11.40 -12.50 41.94
C GLY A 963 -10.10 -13.16 42.34
N ALA A 964 -9.16 -12.38 42.88
CA ALA A 964 -7.91 -12.93 43.36
C ALA A 964 -8.13 -13.89 44.52
N LEU A 965 -9.02 -13.54 45.44
CA LEU A 965 -9.35 -14.43 46.55
C LEU A 965 -9.98 -15.73 46.04
N ALA A 966 -10.87 -15.62 45.06
CA ALA A 966 -11.49 -16.83 44.48
C ALA A 966 -10.43 -17.72 43.87
N ARG A 967 -9.55 -17.16 43.03
CA ARG A 967 -8.51 -17.96 42.39
C ARG A 967 -7.58 -18.57 43.44
N LEU A 968 -7.25 -17.82 44.49
CA LEU A 968 -6.39 -18.34 45.55
C LEU A 968 -7.07 -19.50 46.27
N LEU A 969 -8.39 -19.42 46.45
CA LEU A 969 -9.11 -20.54 47.05
C LEU A 969 -9.14 -21.75 46.12
N MET A 970 -9.12 -21.52 44.80
CA MET A 970 -9.07 -22.64 43.87
C MET A 970 -7.77 -23.42 44.01
N ALA A 971 -6.63 -22.74 44.16
CA ALA A 971 -5.36 -23.44 44.24
C ALA A 971 -5.06 -23.88 45.66
N SER A 972 -6.00 -24.56 46.30
CA SER A 972 -5.76 -25.11 47.62
C SER A 972 -5.07 -26.46 47.50
N PRO A 973 -3.95 -26.66 48.20
CA PRO A 973 -3.25 -27.96 48.13
C PRO A 973 -4.14 -29.12 48.54
N THR A 974 -4.67 -29.06 49.77
CA THR A 974 -5.62 -30.06 50.25
C THR A 974 -6.96 -29.45 50.63
N ARG A 975 -6.97 -28.45 51.50
CA ARG A 975 -8.21 -27.84 51.97
C ARG A 975 -7.88 -26.52 52.63
N LYS A 976 -8.91 -25.70 52.85
CA LYS A 976 -8.77 -24.41 53.49
C LYS A 976 -9.30 -24.48 54.91
N PRO A 977 -8.45 -24.37 55.94
CA PRO A 977 -8.85 -24.45 57.34
C PRO A 977 -9.54 -23.18 57.83
N GLN A 980 -12.97 -16.68 58.66
CA GLN A 980 -12.80 -17.53 57.49
C GLN A 980 -12.71 -16.70 56.20
N VAL A 981 -11.83 -17.13 55.30
CA VAL A 981 -11.68 -16.44 54.02
C VAL A 981 -12.97 -16.54 53.21
N LEU A 982 -13.60 -17.71 53.22
CA LEU A 982 -14.79 -17.94 52.41
C LEU A 982 -15.93 -17.03 52.85
N ALA A 983 -16.15 -16.91 54.17
CA ALA A 983 -17.26 -16.08 54.66
C ALA A 983 -17.03 -14.62 54.35
N ALA A 984 -15.81 -14.12 54.61
CA ALA A 984 -15.51 -12.72 54.34
C ALA A 984 -15.61 -12.41 52.85
N LEU A 985 -15.14 -13.34 52.01
CA LEU A 985 -15.26 -13.16 50.57
C LEU A 985 -16.73 -13.10 50.14
N LEU A 986 -17.56 -13.98 50.69
CA LEU A 986 -18.96 -14.03 50.27
C LEU A 986 -19.80 -12.94 50.94
N HIS A 987 -19.22 -12.21 51.89
CA HIS A 987 -19.97 -11.13 52.54
C HIS A 987 -20.39 -10.07 51.55
N ALA A 988 -19.50 -9.69 50.63
CA ALA A 988 -19.77 -8.63 49.66
C ALA A 988 -19.48 -9.15 48.25
N LEU A 989 -20.46 -9.02 47.35
CA LEU A 989 -20.29 -9.36 45.94
C LEU A 989 -20.74 -8.21 45.04
N PRO A 990 -20.00 -7.09 45.03
CA PRO A 990 -20.39 -5.92 44.23
C PRO A 990 -19.79 -5.93 42.82
N LEU A 991 -20.06 -6.99 42.06
CA LEU A 991 -19.54 -7.10 40.71
C LEU A 991 -20.40 -6.29 39.74
N LYS A 992 -19.90 -5.12 39.35
CA LYS A 992 -20.64 -4.22 38.46
C LYS A 992 -19.94 -3.95 37.14
N GLU A 993 -18.66 -3.56 37.17
CA GLU A 993 -17.96 -3.12 35.97
C GLU A 993 -16.94 -4.14 35.47
N ASP A 994 -16.92 -5.34 36.04
CA ASP A 994 -15.91 -6.36 35.72
C ASP A 994 -16.58 -7.69 35.42
N LEU A 995 -17.55 -7.68 34.50
CA LEU A 995 -18.31 -8.87 34.18
C LEU A 995 -17.43 -10.03 33.73
N GLU A 996 -16.21 -9.75 33.25
CA GLU A 996 -15.30 -10.80 32.84
C GLU A 996 -14.78 -11.64 34.00
N GLU A 997 -14.94 -11.17 35.24
CA GLU A 997 -14.57 -11.95 36.42
C GLU A 997 -15.68 -12.89 36.87
N TRP A 998 -16.87 -12.77 36.30
CA TRP A 998 -17.98 -13.64 36.69
C TRP A 998 -17.69 -15.10 36.36
N VAL A 999 -16.90 -15.37 35.33
CA VAL A 999 -16.54 -16.74 35.01
C VAL A 999 -15.72 -17.35 36.14
N THR A 1000 -14.75 -16.60 36.66
CA THR A 1000 -13.96 -17.10 37.79
C THR A 1000 -14.82 -17.23 39.05
N ILE A 1001 -15.72 -16.27 39.27
CA ILE A 1001 -16.59 -16.33 40.44
C ILE A 1001 -17.46 -17.58 40.39
N GLY A 1002 -18.04 -17.87 39.21
CA GLY A 1002 -18.83 -19.08 39.05
C GLY A 1002 -18.03 -20.35 39.17
N ARG A 1003 -16.80 -20.35 38.62
CA ARG A 1003 -15.93 -21.51 38.76
C ARG A 1003 -15.56 -21.75 40.22
N LEU A 1004 -15.58 -20.69 41.04
CA LEU A 1004 -15.24 -20.83 42.45
C LEU A 1004 -16.19 -21.78 43.16
N PHE A 1005 -17.49 -21.68 42.87
CA PHE A 1005 -18.47 -22.52 43.55
C PHE A 1005 -18.27 -24.00 43.20
N SER A 1006 -18.76 -24.86 44.08
CA SER A 1006 -18.72 -26.31 43.90
C SER A 1006 -17.29 -26.82 43.71
N PHE A 1007 -16.41 -26.47 44.65
CA PHE A 1007 -15.05 -26.98 44.65
C PHE A 1007 -14.90 -28.28 45.43
N LEU A 1008 -15.97 -28.76 46.05
CA LEU A 1008 -15.90 -29.98 46.83
C LEU A 1008 -16.23 -31.20 45.97
N ASP A 1014 -20.15 -26.56 54.20
CA ASP A 1014 -21.32 -26.94 54.99
C ASP A 1014 -21.95 -25.73 55.66
N GLN A 1015 -21.16 -24.69 55.86
CA GLN A 1015 -21.64 -23.45 56.48
C GLN A 1015 -22.17 -22.47 55.44
N VAL A 1016 -23.27 -22.85 54.78
CA VAL A 1016 -23.88 -22.02 53.75
C VAL A 1016 -25.13 -21.31 54.25
N ILE A 1017 -25.53 -21.52 55.51
CA ILE A 1017 -26.71 -20.87 56.04
C ILE A 1017 -26.48 -19.37 56.18
N ASP A 1018 -25.33 -18.98 56.74
CA ASP A 1018 -25.05 -17.58 56.97
C ASP A 1018 -24.88 -16.81 55.66
N VAL A 1019 -24.25 -17.42 54.66
CA VAL A 1019 -23.97 -16.73 53.40
C VAL A 1019 -25.06 -16.97 52.36
N ALA A 1020 -26.16 -17.62 52.74
CA ALA A 1020 -27.24 -17.86 51.78
C ALA A 1020 -27.90 -16.59 51.29
N PRO A 1021 -28.31 -15.63 52.13
CA PRO A 1021 -29.11 -14.51 51.61
C PRO A 1021 -28.42 -13.69 50.53
N GLU A 1022 -27.12 -13.41 50.68
CA GLU A 1022 -26.46 -12.56 49.69
C GLU A 1022 -26.27 -13.27 48.36
N LEU A 1023 -25.89 -14.55 48.37
CA LEU A 1023 -25.75 -15.23 47.08
C LEU A 1023 -27.12 -15.46 46.43
N LEU A 1024 -28.16 -15.73 47.22
CA LEU A 1024 -29.49 -15.86 46.64
C LEU A 1024 -29.97 -14.54 46.03
N ARG A 1025 -29.73 -13.41 46.71
CA ARG A 1025 -30.16 -12.14 46.15
C ARG A 1025 -29.35 -11.80 44.91
N ILE A 1026 -28.05 -12.13 44.91
CA ILE A 1026 -27.24 -11.92 43.72
C ILE A 1026 -27.79 -12.72 42.55
N CYS A 1027 -28.13 -13.98 42.79
CA CYS A 1027 -28.71 -14.82 41.75
C CYS A 1027 -30.04 -14.25 41.27
N SER A 1028 -30.86 -13.76 42.20
CA SER A 1028 -32.17 -13.23 41.83
C SER A 1028 -32.04 -11.98 40.95
N LEU A 1029 -31.15 -11.06 41.31
CA LEU A 1029 -30.96 -9.87 40.48
C LEU A 1029 -30.32 -10.20 39.14
N ILE A 1030 -29.38 -11.15 39.11
CA ILE A 1030 -28.72 -11.46 37.84
C ILE A 1030 -29.55 -12.35 36.94
N LEU A 1031 -30.75 -12.75 37.37
CA LEU A 1031 -31.62 -13.55 36.51
C LEU A 1031 -32.05 -12.77 35.27
N ALA A 1032 -32.44 -11.51 35.44
CA ALA A 1032 -32.87 -10.70 34.31
C ALA A 1032 -31.71 -10.41 33.36
N ASP A 1033 -30.53 -10.12 33.91
CA ASP A 1033 -29.40 -9.73 33.08
C ASP A 1033 -28.81 -10.94 32.37
N ASN A 1034 -28.61 -10.81 31.06
CA ASN A 1034 -28.00 -11.84 30.25
C ASN A 1034 -26.49 -11.75 30.21
N LYS A 1035 -25.91 -10.70 30.79
CA LYS A 1035 -24.46 -10.51 30.82
C LYS A 1035 -23.75 -11.53 31.71
N ILE A 1036 -24.44 -12.12 32.67
CA ILE A 1036 -23.85 -13.09 33.59
C ILE A 1036 -23.78 -14.46 32.90
N PRO A 1037 -22.61 -15.09 32.85
CA PRO A 1037 -22.50 -16.40 32.20
C PRO A 1037 -23.42 -17.42 32.85
N PRO A 1038 -24.07 -18.27 32.05
CA PRO A 1038 -24.95 -19.29 32.63
C PRO A 1038 -24.23 -20.31 33.50
N ASP A 1039 -22.93 -20.50 33.29
CA ASP A 1039 -22.20 -21.50 34.07
C ASP A 1039 -22.19 -21.16 35.55
N THR A 1040 -22.22 -19.88 35.89
CA THR A 1040 -22.28 -19.48 37.30
C THR A 1040 -23.58 -19.95 37.95
N LYS A 1041 -24.70 -19.80 37.24
CA LYS A 1041 -25.98 -20.28 37.76
C LYS A 1041 -25.99 -21.80 37.90
N ALA A 1042 -25.40 -22.51 36.93
CA ALA A 1042 -25.38 -23.96 36.97
C ALA A 1042 -24.57 -24.47 38.16
N ALA A 1043 -23.53 -23.73 38.55
CA ALA A 1043 -22.72 -24.15 39.70
C ALA A 1043 -23.54 -24.18 40.98
N LEU A 1044 -24.43 -23.20 41.17
CA LEU A 1044 -25.25 -23.15 42.37
C LEU A 1044 -26.18 -24.35 42.48
N LEU A 1045 -26.75 -24.80 41.35
CA LEU A 1045 -27.67 -25.93 41.40
C LEU A 1045 -26.98 -27.20 41.87
N LEU A 1046 -25.72 -27.38 41.50
CA LEU A 1046 -24.98 -28.57 41.92
C LEU A 1046 -24.86 -28.64 43.43
N LEU A 1047 -24.50 -27.52 44.06
CA LEU A 1047 -24.32 -27.51 45.51
C LEU A 1047 -25.66 -27.50 46.25
N LEU A 1048 -26.71 -26.91 45.66
CA LEU A 1048 -28.04 -27.02 46.24
C LEU A 1048 -28.52 -28.45 46.25
N THR A 1049 -28.34 -29.17 45.13
CA THR A 1049 -28.83 -30.54 45.04
C THR A 1049 -27.96 -31.50 45.85
N PHE A 1050 -26.65 -31.26 45.91
CA PHE A 1050 -25.78 -32.13 46.69
C PHE A 1050 -26.10 -32.03 48.17
N LEU A 1051 -26.39 -30.82 48.64
CA LEU A 1051 -26.73 -30.60 50.04
C LEU A 1051 -28.21 -30.77 50.34
N ALA A 1052 -29.02 -31.07 49.32
CA ALA A 1052 -30.45 -31.26 49.50
C ALA A 1052 -30.79 -32.54 50.26
N LYS A 1053 -29.83 -33.44 50.44
CA LYS A 1053 -30.06 -34.69 51.15
C LYS A 1053 -29.44 -34.69 52.55
N GLN A 1054 -28.17 -34.31 52.67
CA GLN A 1054 -27.51 -34.22 53.96
C GLN A 1054 -27.74 -32.84 54.56
N HIS A 1055 -28.20 -32.83 55.82
CA HIS A 1055 -28.46 -31.58 56.55
C HIS A 1055 -29.43 -30.68 55.79
N THR A 1056 -30.55 -31.25 55.34
CA THR A 1056 -31.57 -30.51 54.61
C THR A 1056 -32.47 -29.66 55.51
N ASP A 1057 -32.36 -29.82 56.84
CA ASP A 1057 -33.21 -29.06 57.74
C ASP A 1057 -32.86 -27.57 57.72
N SER A 1058 -31.61 -27.25 57.40
CA SER A 1058 -31.18 -25.85 57.33
C SER A 1058 -31.82 -25.10 56.16
N PHE A 1059 -32.28 -25.81 55.13
CA PHE A 1059 -32.94 -25.15 54.01
C PHE A 1059 -34.27 -24.53 54.43
N GLN A 1060 -34.99 -25.18 55.33
CA GLN A 1060 -36.23 -24.60 55.84
C GLN A 1060 -35.96 -23.30 56.58
N ALA A 1061 -34.91 -23.28 57.42
CA ALA A 1061 -34.55 -22.05 58.11
C ALA A 1061 -34.10 -20.97 57.14
N ALA A 1062 -33.35 -21.35 56.11
CA ALA A 1062 -32.92 -20.38 55.11
C ALA A 1062 -34.11 -19.78 54.38
N LEU A 1063 -35.09 -20.61 54.00
CA LEU A 1063 -36.29 -20.11 53.34
C LEU A 1063 -37.08 -19.20 54.26
N GLY A 1064 -37.20 -19.58 55.54
CA GLY A 1064 -37.92 -18.74 56.49
C GLY A 1064 -37.27 -17.41 56.74
N SER A 1065 -35.93 -17.37 56.73
CA SER A 1065 -35.22 -16.11 56.93
C SER A 1065 -35.39 -15.16 55.76
N LEU A 1066 -35.48 -15.68 54.53
CA LEU A 1066 -35.58 -14.83 53.36
C LEU A 1066 -36.93 -14.13 53.32
N PRO A 1067 -36.98 -12.91 52.79
CA PRO A 1067 -38.26 -12.23 52.58
C PRO A 1067 -39.12 -12.99 51.58
N VAL A 1068 -40.44 -12.86 51.74
CA VAL A 1068 -41.37 -13.64 50.93
C VAL A 1068 -41.31 -13.22 49.47
N ASP A 1069 -41.05 -11.93 49.20
CA ASP A 1069 -40.95 -11.48 47.82
C ASP A 1069 -39.82 -12.20 47.09
N LYS A 1070 -38.68 -12.38 47.74
CA LYS A 1070 -37.62 -13.20 47.17
C LYS A 1070 -37.99 -14.68 47.18
N ALA A 1071 -38.87 -15.08 48.11
CA ALA A 1071 -39.28 -16.48 48.17
C ALA A 1071 -40.08 -16.89 46.94
N GLN A 1072 -40.90 -15.97 46.40
CA GLN A 1072 -41.63 -16.28 45.17
C GLN A 1072 -40.68 -16.58 44.02
N GLU A 1073 -39.63 -15.77 43.86
CA GLU A 1073 -38.64 -16.04 42.83
C GLU A 1073 -37.80 -17.27 43.14
N LEU A 1074 -37.58 -17.58 44.42
CA LEU A 1074 -36.84 -18.78 44.78
C LEU A 1074 -37.61 -20.04 44.43
N GLN A 1075 -38.92 -20.05 44.67
CA GLN A 1075 -39.72 -21.24 44.37
C GLN A 1075 -39.96 -21.39 42.88
N ALA A 1076 -39.73 -20.34 42.09
CA ALA A 1076 -39.97 -20.41 40.66
C ALA A 1076 -39.09 -21.45 39.99
N VAL A 1077 -37.81 -21.49 40.35
CA VAL A 1077 -36.89 -22.50 39.81
C VAL A 1077 -36.95 -23.75 40.66
N LEU A 1078 -37.16 -24.90 40.01
CA LEU A 1078 -37.25 -26.16 40.72
C LEU A 1078 -36.89 -27.32 39.80
N ALA B 2 -10.20 -8.27 35.03
CA ALA B 2 -9.19 -8.47 34.00
C ALA B 2 -8.38 -7.19 33.80
N ARG B 3 -7.42 -7.25 32.87
CA ARG B 3 -6.58 -6.09 32.61
C ARG B 3 -7.38 -4.99 31.92
N THR B 4 -7.21 -3.76 32.38
CA THR B 4 -7.86 -2.60 31.77
C THR B 4 -7.16 -2.29 30.46
N LYS B 5 -7.92 -2.27 29.37
CA LYS B 5 -7.38 -2.05 28.03
C LYS B 5 -7.38 -0.55 27.73
N GLN B 6 -6.21 -0.01 27.44
CA GLN B 6 -6.03 1.42 27.14
C GLN B 6 -5.96 1.60 25.63
N THR B 7 -7.11 1.51 24.97
CA THR B 7 -7.21 1.75 23.53
C THR B 7 -7.75 3.14 23.20
N ALA B 8 -7.94 3.99 24.21
CA ALA B 8 -8.45 5.35 24.00
C ALA B 8 -7.27 6.29 23.73
N ARG B 9 -6.65 6.09 22.57
CA ARG B 9 -5.52 6.93 22.17
C ARG B 9 -5.46 6.95 20.65
N LYS B 10 -5.85 8.08 20.05
CA LYS B 10 -5.84 8.32 18.61
C LYS B 10 -6.82 7.42 17.86
N SER B 11 -7.73 6.73 18.54
CA SER B 11 -8.70 5.82 17.96
C SER B 11 -8.04 4.68 17.17
N THR B 12 -6.77 4.39 17.44
CA THR B 12 -6.10 3.28 16.79
C THR B 12 -6.72 1.96 17.25
N GLY B 13 -6.95 1.04 16.32
CA GLY B 13 -7.63 -0.20 16.60
C GLY B 13 -9.12 -0.18 16.32
N GLY B 14 -9.65 0.93 15.84
CA GLY B 14 -11.05 1.00 15.51
C GLY B 14 -11.37 0.33 14.19
N LYS B 15 -12.65 0.38 13.82
CA LYS B 15 -13.08 -0.24 12.57
C LYS B 15 -12.41 0.41 11.37
N ALA B 16 -12.70 1.68 11.12
CA ALA B 16 -12.06 2.44 10.06
C ALA B 16 -12.32 3.93 10.25
N PRO B 17 -11.29 4.76 10.30
CA PRO B 17 -11.51 6.21 10.38
C PRO B 17 -12.22 6.73 9.15
N ARG B 18 -13.12 7.70 9.37
CA ARG B 18 -13.84 8.30 8.26
C ARG B 18 -12.88 9.13 7.40
N LYS B 19 -13.10 9.09 6.09
CA LYS B 19 -12.20 9.77 5.16
C LYS B 19 -12.18 11.28 5.42
N GLN B 20 -13.35 11.87 5.67
CA GLN B 20 -13.47 13.31 5.93
C GLN B 20 -12.93 14.12 4.76
N LEU B 21 -13.15 13.64 3.54
CA LEU B 21 -12.66 14.32 2.34
C LEU B 21 -13.56 15.46 1.90
N ALA B 22 -14.76 15.59 2.46
CA ALA B 22 -15.65 16.69 2.13
C ALA B 22 -15.22 17.98 2.82
N THR B 23 -14.88 17.88 4.10
CA THR B 23 -14.54 19.09 4.90
C THR B 23 -13.07 19.43 4.70
N LYS B 24 -12.73 20.02 3.54
CA LYS B 24 -11.33 20.42 3.19
C LYS B 24 -10.41 19.22 3.34
N ALA B 25 -10.89 18.00 3.11
CA ALA B 25 -10.08 16.78 3.34
C ALA B 25 -9.39 16.88 4.70
N ALA B 26 -10.13 17.17 5.78
CA ALA B 26 -9.53 17.38 7.13
C ALA B 26 -8.39 18.38 7.03
N ARG B 27 -8.68 19.66 6.72
CA ARG B 27 -7.63 20.68 6.50
C ARG B 27 -6.60 20.15 5.49
N LYS B 38 -1.05 21.77 -2.08
CA LYS B 38 -2.29 21.60 -2.84
C LYS B 38 -2.57 20.12 -3.05
N PRO B 39 -3.69 19.63 -2.50
CA PRO B 39 -3.99 18.20 -2.58
C PRO B 39 -4.11 17.67 -4.01
N HIS B 40 -4.64 18.47 -4.93
CA HIS B 40 -4.83 18.02 -6.31
C HIS B 40 -3.49 17.81 -7.00
N ARG B 41 -2.58 18.78 -6.86
CA ARG B 41 -1.26 18.70 -7.48
C ARG B 41 -0.25 19.34 -6.55
N TYR B 42 0.74 18.57 -6.13
CA TYR B 42 1.78 19.07 -5.23
C TYR B 42 3.14 18.56 -5.68
N ARG B 43 4.18 19.33 -5.41
CA ARG B 43 5.55 18.93 -5.72
C ARG B 43 6.14 18.17 -4.54
N PRO B 44 6.60 16.93 -4.73
CA PRO B 44 7.17 16.18 -3.62
C PRO B 44 8.60 16.62 -3.33
N GLY B 45 9.08 16.20 -2.15
CA GLY B 45 10.43 16.53 -1.74
C GLY B 45 11.47 15.74 -2.50
N THR B 46 12.74 16.15 -2.31
CA THR B 46 13.84 15.52 -3.04
C THR B 46 13.95 14.04 -2.70
N VAL B 47 13.99 13.72 -1.40
CA VAL B 47 14.09 12.33 -0.97
C VAL B 47 12.85 11.55 -1.37
N ALA B 48 11.68 12.19 -1.36
CA ALA B 48 10.47 11.55 -1.85
C ALA B 48 10.47 11.42 -3.37
N LEU B 49 11.00 12.42 -4.08
CA LEU B 49 11.05 12.35 -5.54
C LEU B 49 11.95 11.22 -6.02
N ARG B 50 13.11 11.05 -5.37
CA ARG B 50 14.02 9.97 -5.75
C ARG B 50 13.36 8.61 -5.54
N GLU B 51 12.69 8.42 -4.40
CA GLU B 51 12.04 7.14 -4.13
C GLU B 51 10.86 6.90 -5.06
N ILE B 52 10.13 7.96 -5.42
CA ILE B 52 9.06 7.82 -6.40
C ILE B 52 9.62 7.39 -7.75
N ARG B 53 10.74 7.99 -8.16
CA ARG B 53 11.40 7.58 -9.40
C ARG B 53 11.80 6.12 -9.34
N ARG B 54 12.40 5.70 -8.23
CA ARG B 54 12.82 4.31 -8.09
C ARG B 54 11.62 3.36 -8.17
N TYR B 55 10.53 3.70 -7.49
CA TYR B 55 9.34 2.84 -7.52
C TYR B 55 8.74 2.76 -8.91
N GLN B 56 8.61 3.91 -9.58
CA GLN B 56 8.01 3.90 -10.92
C GLN B 56 8.86 3.11 -11.91
N LYS B 57 10.19 3.30 -11.85
CA LYS B 57 11.07 2.55 -12.75
C LYS B 57 11.03 1.06 -12.42
N SER B 58 10.88 0.71 -11.14
CA SER B 58 10.91 -0.68 -10.73
C SER B 58 9.68 -1.46 -11.16
N THR B 59 8.53 -0.80 -11.35
CA THR B 59 7.29 -1.49 -11.65
C THR B 59 6.71 -1.12 -13.00
N GLU B 60 7.47 -0.42 -13.85
CA GLU B 60 6.95 0.00 -15.14
C GLU B 60 6.73 -1.20 -16.06
N LEU B 61 5.59 -1.21 -16.73
CA LEU B 61 5.27 -2.28 -17.66
C LEU B 61 6.10 -2.15 -18.94
N LEU B 62 6.18 -3.25 -19.68
CA LEU B 62 7.02 -3.27 -20.88
C LEU B 62 6.50 -2.31 -21.94
N ILE B 63 5.19 -2.29 -22.18
CA ILE B 63 4.62 -1.41 -23.18
C ILE B 63 4.36 -0.04 -22.56
N ARG B 64 4.90 1.00 -23.19
CA ARG B 64 4.69 2.35 -22.70
C ARG B 64 3.22 2.72 -22.81
N LYS B 65 2.71 3.38 -21.76
CA LYS B 65 1.25 3.50 -21.62
C LYS B 65 0.66 4.50 -22.61
N LEU B 66 1.31 5.64 -22.84
CA LEU B 66 0.73 6.65 -23.72
C LEU B 66 0.53 6.15 -25.15
N PRO B 67 1.52 5.53 -25.82
CA PRO B 67 1.23 5.00 -27.16
C PRO B 67 0.15 3.94 -27.16
N PHE B 68 0.06 3.14 -26.09
CA PHE B 68 -0.97 2.12 -26.03
C PHE B 68 -2.35 2.73 -25.94
N GLN B 69 -2.54 3.76 -25.10
CA GLN B 69 -3.83 4.44 -25.08
C GLN B 69 -4.14 5.09 -26.42
N ARG B 70 -3.12 5.67 -27.06
CA ARG B 70 -3.35 6.26 -28.37
C ARG B 70 -3.84 5.23 -29.38
N LEU B 71 -3.20 4.06 -29.41
CA LEU B 71 -3.62 3.00 -30.33
C LEU B 71 -5.02 2.49 -30.00
N VAL B 72 -5.31 2.29 -28.71
CA VAL B 72 -6.63 1.83 -28.32
C VAL B 72 -7.69 2.83 -28.76
N ARG B 73 -7.38 4.13 -28.62
CA ARG B 73 -8.30 5.16 -29.11
C ARG B 73 -8.44 5.09 -30.63
N GLU B 74 -7.34 4.82 -31.34
CA GLU B 74 -7.43 4.71 -32.80
C GLU B 74 -8.42 3.63 -33.20
N ILE B 75 -8.29 2.42 -32.64
CA ILE B 75 -9.23 1.36 -32.98
C ILE B 75 -10.64 1.68 -32.45
N ALA B 76 -10.73 2.34 -31.29
CA ALA B 76 -12.05 2.65 -30.74
C ALA B 76 -12.84 3.56 -31.67
N GLN B 77 -12.20 4.61 -32.19
CA GLN B 77 -12.85 5.47 -33.17
C GLN B 77 -12.96 4.79 -34.53
N ASP B 78 -12.15 3.77 -34.81
CA ASP B 78 -12.39 2.97 -36.00
C ASP B 78 -13.72 2.25 -35.92
N PHE B 79 -14.06 1.69 -34.75
CA PHE B 79 -15.37 1.09 -34.57
C PHE B 79 -16.47 2.15 -34.50
N LYS B 80 -16.39 3.04 -33.53
CA LYS B 80 -17.43 4.04 -33.32
C LYS B 80 -16.81 5.33 -32.78
N THR B 81 -17.22 6.46 -33.35
CA THR B 81 -16.74 7.75 -32.88
C THR B 81 -17.35 8.07 -31.51
N ASP B 82 -16.64 8.94 -30.77
N ASP B 82 -16.64 8.94 -30.77
CA ASP B 82 -17.05 9.36 -29.44
CA ASP B 82 -17.05 9.36 -29.44
C ASP B 82 -17.28 8.16 -28.52
C ASP B 82 -17.27 8.17 -28.51
N LEU B 83 -16.31 7.26 -28.49
CA LEU B 83 -16.34 6.07 -27.64
C LEU B 83 -15.19 6.19 -26.65
N ARG B 84 -15.51 6.35 -25.37
CA ARG B 84 -14.51 6.53 -24.33
C ARG B 84 -14.19 5.21 -23.65
N PHE B 85 -13.01 5.17 -23.03
CA PHE B 85 -12.53 3.97 -22.34
C PHE B 85 -12.14 4.33 -20.92
N GLN B 86 -12.55 3.48 -19.97
CA GLN B 86 -12.08 3.63 -18.61
C GLN B 86 -10.58 3.37 -18.53
N SER B 87 -9.91 4.09 -17.62
CA SER B 87 -8.47 3.91 -17.45
C SER B 87 -8.15 2.49 -17.00
N SER B 88 -8.98 1.93 -16.12
CA SER B 88 -8.79 0.54 -15.70
C SER B 88 -8.93 -0.41 -16.88
N ALA B 89 -9.87 -0.12 -17.79
CA ALA B 89 -10.01 -0.96 -18.98
C ALA B 89 -8.77 -0.89 -19.86
N VAL B 90 -8.18 0.29 -20.00
CA VAL B 90 -6.96 0.42 -20.78
C VAL B 90 -5.81 -0.32 -20.12
N MET B 91 -5.71 -0.25 -18.79
CA MET B 91 -4.68 -1.00 -18.09
C MET B 91 -4.85 -2.50 -18.26
N ALA B 92 -6.10 -2.98 -18.19
CA ALA B 92 -6.37 -4.40 -18.39
C ALA B 92 -6.01 -4.82 -19.81
N LEU B 93 -6.34 -3.99 -20.81
CA LEU B 93 -5.97 -4.29 -22.18
C LEU B 93 -4.45 -4.35 -22.33
N GLN B 94 -3.74 -3.42 -21.68
CA GLN B 94 -2.29 -3.41 -21.77
C GLN B 94 -1.68 -4.68 -21.17
N GLU B 95 -2.18 -5.09 -20.00
CA GLU B 95 -1.66 -6.31 -19.38
C GLU B 95 -1.97 -7.54 -20.23
N ALA B 96 -3.19 -7.61 -20.78
CA ALA B 96 -3.54 -8.73 -21.64
C ALA B 96 -2.66 -8.78 -22.89
N SER B 97 -2.41 -7.62 -23.50
CA SER B 97 -1.55 -7.56 -24.67
C SER B 97 -0.13 -8.00 -24.33
N GLU B 98 0.39 -7.57 -23.17
CA GLU B 98 1.74 -7.99 -22.79
C GLU B 98 1.81 -9.49 -22.59
N ALA B 99 0.83 -10.07 -21.90
CA ALA B 99 0.84 -11.52 -21.70
C ALA B 99 0.73 -12.26 -23.02
N TYR B 100 -0.15 -11.80 -23.91
CA TYR B 100 -0.31 -12.46 -25.20
C TYR B 100 0.96 -12.37 -26.02
N LEU B 101 1.63 -11.21 -26.01
CA LEU B 101 2.86 -11.07 -26.79
C LEU B 101 3.99 -11.93 -26.22
N VAL B 102 4.09 -12.03 -24.89
CA VAL B 102 5.12 -12.89 -24.32
C VAL B 102 4.87 -14.34 -24.68
N GLY B 103 3.61 -14.79 -24.59
CA GLY B 103 3.30 -16.16 -24.97
C GLY B 103 3.60 -16.41 -26.45
N LEU B 104 3.23 -15.47 -27.30
CA LEU B 104 3.50 -15.61 -28.73
C LEU B 104 5.00 -15.66 -28.99
N PHE B 105 5.78 -14.84 -28.28
CA PHE B 105 7.21 -14.81 -28.51
C PHE B 105 7.89 -16.09 -28.03
N GLU B 106 7.44 -16.65 -26.90
CA GLU B 106 8.04 -17.92 -26.46
C GLU B 106 7.66 -19.06 -27.41
N ASP B 107 6.43 -19.06 -27.92
CA ASP B 107 6.06 -20.07 -28.92
C ASP B 107 6.86 -19.89 -30.21
N THR B 108 7.13 -18.63 -30.59
CA THR B 108 7.95 -18.37 -31.76
C THR B 108 9.38 -18.86 -31.55
N ASN B 109 9.88 -18.74 -30.32
CA ASN B 109 11.25 -19.21 -30.01
C ASN B 109 11.30 -20.73 -30.11
N LEU B 110 10.22 -21.39 -29.68
CA LEU B 110 10.15 -22.88 -29.76
C LEU B 110 10.14 -23.27 -31.23
N CYS B 111 9.33 -22.56 -32.03
CA CYS B 111 9.23 -22.89 -33.47
C CYS B 111 10.63 -22.75 -34.08
N GLY B 112 11.33 -21.66 -33.75
CA GLY B 112 12.65 -21.45 -34.31
C GLY B 112 13.61 -22.55 -33.86
N ILE B 113 13.56 -22.92 -32.57
CA ILE B 113 14.45 -23.95 -32.05
C ILE B 113 14.17 -25.28 -32.73
N HIS B 114 12.90 -25.64 -32.90
CA HIS B 114 12.57 -26.90 -33.56
C HIS B 114 13.02 -26.90 -35.01
N ALA B 115 13.02 -25.73 -35.66
CA ALA B 115 13.43 -25.62 -37.05
C ALA B 115 14.94 -25.55 -37.22
N LYS B 116 15.71 -25.87 -36.18
CA LYS B 116 17.18 -25.81 -36.21
C LYS B 116 17.66 -24.42 -36.62
N ARG B 117 17.00 -23.39 -36.11
CA ARG B 117 17.35 -22.01 -36.40
C ARG B 117 17.37 -21.20 -35.11
N VAL B 118 18.19 -20.16 -35.09
CA VAL B 118 18.31 -19.30 -33.91
C VAL B 118 17.68 -17.94 -34.14
N THR B 119 17.25 -17.62 -35.35
CA THR B 119 16.66 -16.33 -35.68
C THR B 119 15.17 -16.49 -35.95
N ILE B 120 14.36 -15.66 -35.32
CA ILE B 120 12.93 -15.68 -35.54
C ILE B 120 12.60 -14.86 -36.79
N MET B 121 11.55 -15.29 -37.49
CA MET B 121 11.10 -14.67 -38.72
C MET B 121 9.59 -14.48 -38.67
N PRO B 122 9.03 -13.61 -39.50
CA PRO B 122 7.57 -13.41 -39.49
C PRO B 122 6.79 -14.69 -39.74
N LYS B 123 7.35 -15.62 -40.53
CA LYS B 123 6.66 -16.90 -40.72
C LYS B 123 6.58 -17.67 -39.41
N ASP B 124 7.61 -17.57 -38.56
CA ASP B 124 7.52 -18.19 -37.24
C ASP B 124 6.44 -17.53 -36.38
N ILE B 125 6.30 -16.22 -36.49
CA ILE B 125 5.23 -15.52 -35.78
C ILE B 125 3.87 -16.03 -36.24
N GLN B 126 3.70 -16.18 -37.56
N GLN B 126 3.70 -16.18 -37.56
CA GLN B 126 2.44 -16.66 -38.10
CA GLN B 126 2.43 -16.66 -38.08
C GLN B 126 2.16 -18.10 -37.66
C GLN B 126 2.15 -18.10 -37.66
N LEU B 127 3.19 -18.95 -37.64
CA LEU B 127 3.01 -20.32 -37.19
C LEU B 127 2.62 -20.36 -35.72
N ALA B 128 3.23 -19.50 -34.89
CA ALA B 128 2.86 -19.44 -33.49
C ALA B 128 1.41 -18.98 -33.33
N ARG B 129 0.98 -17.99 -34.12
CA ARG B 129 -0.41 -17.57 -34.08
C ARG B 129 -1.34 -18.71 -34.45
N ARG B 130 -0.99 -19.46 -35.51
CA ARG B 130 -1.83 -20.58 -35.93
C ARG B 130 -1.93 -21.66 -34.86
N ILE B 131 -0.82 -21.97 -34.20
CA ILE B 131 -0.83 -23.05 -33.23
C ILE B 131 -1.46 -22.61 -31.91
N ARG B 132 -1.43 -21.31 -31.59
CA ARG B 132 -1.92 -20.83 -30.30
C ARG B 132 -3.44 -20.73 -30.23
N GLY B 133 -4.17 -21.19 -31.24
CA GLY B 133 -5.62 -21.27 -31.18
C GLY B 133 -6.35 -20.61 -32.32
N GLU B 134 -5.65 -20.16 -33.35
CA GLU B 134 -6.25 -19.50 -34.52
C GLU B 134 -6.95 -18.24 -34.01
N ARG B 135 -8.25 -18.05 -34.27
CA ARG B 135 -8.99 -16.88 -33.81
C ARG B 135 -8.33 -15.58 -34.26
N MET C 1 -16.10 -25.33 -17.18
CA MET C 1 -15.34 -26.54 -16.92
C MET C 1 -15.80 -27.64 -17.88
N SER C 2 -14.92 -28.01 -18.81
CA SER C 2 -15.28 -28.95 -19.86
C SER C 2 -15.55 -30.33 -19.28
N ILE C 3 -16.62 -30.97 -19.76
CA ILE C 3 -16.96 -32.30 -19.29
C ILE C 3 -15.94 -33.31 -19.77
N VAL C 4 -15.51 -33.22 -21.02
CA VAL C 4 -14.50 -34.11 -21.60
C VAL C 4 -13.23 -33.30 -21.77
N SER C 5 -12.18 -33.67 -21.06
N SER C 5 -12.18 -33.69 -21.07
CA SER C 5 -10.90 -32.99 -21.11
CA SER C 5 -10.90 -33.00 -21.11
C SER C 5 -9.82 -33.98 -21.55
C SER C 5 -9.81 -33.96 -21.54
N LEU C 6 -8.93 -33.51 -22.42
CA LEU C 6 -7.82 -34.34 -22.87
C LEU C 6 -6.83 -34.57 -21.73
N LEU C 7 -6.26 -35.77 -21.68
CA LEU C 7 -5.26 -36.12 -20.67
C LEU C 7 -3.86 -36.18 -21.26
N GLY C 8 -3.69 -36.87 -22.38
CA GLY C 8 -2.39 -36.98 -23.02
C GLY C 8 -2.47 -37.59 -24.40
N ILE C 9 -1.53 -37.22 -25.27
CA ILE C 9 -1.49 -37.70 -26.65
C ILE C 9 -0.21 -38.50 -26.83
N LYS C 10 -0.34 -39.70 -27.38
CA LYS C 10 0.78 -40.60 -27.59
C LYS C 10 0.93 -40.84 -29.09
N VAL C 11 2.15 -40.68 -29.59
CA VAL C 11 2.47 -40.92 -30.99
C VAL C 11 3.25 -42.22 -31.11
N LEU C 12 2.79 -43.10 -32.00
CA LEU C 12 3.43 -44.40 -32.16
C LEU C 12 4.57 -44.36 -33.15
N ASN C 13 4.47 -43.57 -34.21
CA ASN C 13 5.49 -43.49 -35.25
C ASN C 13 6.06 -42.08 -35.27
N ASN C 14 7.23 -41.89 -34.65
CA ASN C 14 7.92 -40.62 -34.67
C ASN C 14 9.41 -40.84 -34.45
N PRO C 15 10.27 -40.43 -35.40
CA PRO C 15 9.91 -39.79 -36.68
C PRO C 15 9.24 -40.74 -37.66
N ALA C 16 8.32 -40.21 -38.47
CA ALA C 16 7.59 -40.98 -39.46
C ALA C 16 7.91 -40.47 -40.87
N LYS C 17 7.51 -41.26 -41.86
CA LYS C 17 7.71 -40.89 -43.25
C LYS C 17 6.76 -39.75 -43.64
N PHE C 18 7.19 -38.96 -44.62
CA PHE C 18 6.39 -37.82 -45.06
C PHE C 18 5.04 -38.31 -45.60
N THR C 19 5.05 -39.34 -46.43
CA THR C 19 3.81 -39.87 -47.00
C THR C 19 3.07 -40.81 -46.06
N ASP C 20 3.62 -41.10 -44.89
CA ASP C 20 2.99 -42.03 -43.95
C ASP C 20 1.77 -41.35 -43.33
N PRO C 21 0.59 -41.97 -43.39
CA PRO C 21 -0.59 -41.38 -42.77
C PRO C 21 -0.35 -41.01 -41.30
N TYR C 22 -0.88 -39.86 -40.91
CA TYR C 22 -0.81 -39.46 -39.51
C TYR C 22 -1.72 -40.33 -38.67
N GLU C 23 -1.18 -40.89 -37.60
CA GLU C 23 -1.94 -41.69 -36.65
C GLU C 23 -1.53 -41.32 -35.23
N PHE C 24 -2.52 -41.18 -34.36
CA PHE C 24 -2.33 -40.72 -33.00
C PHE C 24 -3.16 -41.59 -32.06
N GLU C 25 -2.75 -41.64 -30.80
CA GLU C 25 -3.51 -42.33 -29.76
C GLU C 25 -4.01 -41.29 -28.77
N ILE C 26 -5.32 -41.29 -28.52
CA ILE C 26 -5.99 -40.25 -27.76
C ILE C 26 -6.64 -40.87 -26.54
N THR C 27 -6.30 -40.36 -25.36
CA THR C 27 -6.88 -40.81 -24.09
C THR C 27 -7.72 -39.69 -23.50
N PHE C 28 -8.99 -39.99 -23.23
CA PHE C 28 -9.90 -39.05 -22.58
C PHE C 28 -10.88 -39.84 -21.71
N GLU C 29 -11.73 -39.11 -20.99
CA GLU C 29 -12.70 -39.71 -20.09
C GLU C 29 -14.09 -39.16 -20.39
N CYS C 30 -15.09 -40.02 -20.23
CA CYS C 30 -16.48 -39.69 -20.52
C CYS C 30 -17.29 -39.78 -19.24
N LEU C 31 -17.61 -38.63 -18.64
CA LEU C 31 -18.45 -38.61 -17.45
C LEU C 31 -19.87 -39.07 -17.75
N GLU C 32 -20.44 -38.61 -18.85
CA GLU C 32 -21.80 -38.98 -19.23
C GLU C 32 -21.91 -39.01 -20.74
N SER C 33 -22.86 -39.80 -21.23
N SER C 33 -22.86 -39.80 -21.23
N SER C 33 -22.86 -39.80 -21.23
CA SER C 33 -23.03 -39.95 -22.67
CA SER C 33 -23.03 -39.95 -22.67
CA SER C 33 -23.03 -39.95 -22.67
C SER C 33 -23.55 -38.67 -23.30
C SER C 33 -23.55 -38.68 -23.30
C SER C 33 -23.54 -38.66 -23.30
N LEU C 34 -23.07 -38.38 -24.51
CA LEU C 34 -23.50 -37.22 -25.28
C LEU C 34 -24.39 -37.69 -26.42
N LYS C 35 -25.54 -37.02 -26.58
CA LYS C 35 -26.49 -37.44 -27.60
C LYS C 35 -25.90 -37.33 -29.00
N HIS C 36 -25.19 -36.24 -29.28
CA HIS C 36 -24.58 -36.02 -30.58
C HIS C 36 -23.16 -36.59 -30.51
N ASP C 37 -22.63 -37.03 -31.65
CA ASP C 37 -21.31 -37.65 -31.70
C ASP C 37 -20.24 -36.57 -31.81
N LEU C 38 -19.01 -36.97 -31.54
CA LEU C 38 -17.85 -36.08 -31.55
C LEU C 38 -17.03 -36.33 -32.81
N GLU C 39 -16.65 -35.25 -33.49
CA GLU C 39 -15.88 -35.33 -34.71
C GLU C 39 -14.54 -34.62 -34.52
N TRP C 40 -13.48 -35.21 -35.06
CA TRP C 40 -12.14 -34.68 -34.96
C TRP C 40 -11.62 -34.36 -36.36
N LYS C 41 -10.88 -33.25 -36.46
CA LYS C 41 -10.38 -32.78 -37.73
C LYS C 41 -8.87 -32.61 -37.67
N LEU C 42 -8.20 -33.06 -38.73
CA LEU C 42 -6.77 -32.88 -38.90
C LEU C 42 -6.51 -32.00 -40.12
N THR C 43 -5.79 -30.92 -39.93
CA THR C 43 -5.51 -29.95 -40.99
C THR C 43 -4.01 -29.73 -41.08
N TYR C 44 -3.52 -29.53 -42.30
CA TYR C 44 -2.12 -29.26 -42.55
C TYR C 44 -1.97 -27.83 -43.07
N VAL C 45 -1.00 -27.10 -42.51
CA VAL C 45 -0.78 -25.70 -42.82
C VAL C 45 0.36 -25.63 -43.82
N GLY C 46 0.03 -25.30 -45.07
CA GLY C 46 1.04 -25.23 -46.11
C GLY C 46 1.77 -23.91 -46.16
N SER C 47 1.02 -22.81 -46.28
CA SER C 47 1.58 -21.47 -46.33
C SER C 47 1.05 -20.65 -45.16
N SER C 48 1.95 -20.00 -44.43
CA SER C 48 1.57 -19.20 -43.29
C SER C 48 1.18 -17.77 -43.67
N ARG C 49 1.36 -17.37 -44.92
CA ARG C 49 1.03 -16.01 -45.34
C ARG C 49 -0.48 -15.82 -45.48
N SER C 50 -1.23 -16.90 -45.68
CA SER C 50 -2.67 -16.81 -45.82
C SER C 50 -3.31 -17.97 -45.06
N LEU C 51 -4.50 -17.71 -44.51
CA LEU C 51 -5.25 -18.73 -43.79
C LEU C 51 -6.17 -19.52 -44.71
N ASP C 52 -6.51 -19.00 -45.88
CA ASP C 52 -7.38 -19.72 -46.80
C ASP C 52 -6.59 -20.70 -47.67
N HIS C 53 -5.27 -20.71 -47.56
CA HIS C 53 -4.43 -21.62 -48.33
C HIS C 53 -4.24 -22.96 -47.63
N ASP C 54 -4.69 -23.11 -46.40
CA ASP C 54 -4.56 -24.37 -45.70
C ASP C 54 -5.52 -25.41 -46.27
N GLN C 55 -5.27 -26.67 -45.95
CA GLN C 55 -6.08 -27.78 -46.44
C GLN C 55 -6.50 -28.66 -45.28
N GLU C 56 -7.75 -29.11 -45.31
N GLU C 56 -7.76 -29.10 -45.32
CA GLU C 56 -8.28 -30.05 -44.32
CA GLU C 56 -8.29 -30.04 -44.33
C GLU C 56 -8.23 -31.45 -44.91
C GLU C 56 -8.21 -31.44 -44.93
N LEU C 57 -7.56 -32.36 -44.21
CA LEU C 57 -7.39 -33.72 -44.74
C LEU C 57 -8.72 -34.44 -44.87
N ASP C 58 -9.51 -34.47 -43.82
CA ASP C 58 -10.80 -35.16 -43.84
C ASP C 58 -11.53 -34.89 -42.53
N SER C 59 -12.71 -35.49 -42.41
CA SER C 59 -13.49 -35.44 -41.18
C SER C 59 -14.19 -36.78 -41.01
N ILE C 60 -14.02 -37.38 -39.84
CA ILE C 60 -14.61 -38.69 -39.55
C ILE C 60 -15.41 -38.59 -38.26
N LEU C 61 -16.48 -39.39 -38.19
CA LEU C 61 -17.38 -39.40 -37.04
C LEU C 61 -17.47 -40.81 -36.48
N VAL C 62 -17.50 -40.91 -35.16
CA VAL C 62 -17.66 -42.17 -34.45
C VAL C 62 -18.95 -42.09 -33.64
N GLY C 63 -19.83 -43.07 -33.81
CA GLY C 63 -21.10 -43.08 -33.13
C GLY C 63 -21.00 -43.42 -31.67
N PRO C 64 -20.58 -44.65 -31.35
CA PRO C 64 -20.42 -45.04 -29.94
C PRO C 64 -19.29 -44.25 -29.29
N VAL C 65 -19.46 -43.95 -28.01
CA VAL C 65 -18.42 -43.27 -27.23
C VAL C 65 -17.96 -44.20 -26.12
N PRO C 66 -16.94 -45.03 -26.37
CA PRO C 66 -16.48 -45.95 -25.33
C PRO C 66 -15.84 -45.23 -24.17
N VAL C 67 -15.99 -45.80 -22.97
CA VAL C 67 -15.34 -45.27 -21.79
C VAL C 67 -14.04 -46.01 -21.56
N GLY C 68 -12.95 -45.25 -21.38
CA GLY C 68 -11.66 -45.86 -21.17
C GLY C 68 -10.74 -45.75 -22.37
N VAL C 69 -9.91 -46.76 -22.59
CA VAL C 69 -9.04 -46.82 -23.75
C VAL C 69 -9.85 -47.23 -24.96
N ASN C 70 -9.69 -46.49 -26.06
CA ASN C 70 -10.51 -46.65 -27.25
C ASN C 70 -9.68 -47.23 -28.39
N LYS C 71 -10.33 -48.09 -29.18
CA LYS C 71 -9.70 -48.72 -30.34
C LYS C 71 -10.34 -48.15 -31.60
N PHE C 72 -9.50 -47.60 -32.49
CA PHE C 72 -9.99 -46.94 -33.68
C PHE C 72 -8.86 -46.79 -34.68
N VAL C 73 -9.23 -46.67 -35.96
CA VAL C 73 -8.28 -46.55 -37.05
C VAL C 73 -8.61 -45.31 -37.85
N PHE C 74 -7.59 -44.50 -38.13
CA PHE C 74 -7.76 -43.31 -38.95
C PHE C 74 -8.03 -43.70 -40.40
N SER C 75 -8.84 -42.87 -41.07
CA SER C 75 -9.08 -43.00 -42.51
C SER C 75 -8.86 -41.63 -43.13
N ALA C 76 -7.60 -41.22 -43.22
CA ALA C 76 -7.22 -39.95 -43.82
C ALA C 76 -6.13 -40.16 -44.85
N ASP C 77 -6.29 -39.57 -46.03
CA ASP C 77 -5.25 -39.65 -47.04
C ASP C 77 -4.05 -38.80 -46.64
N PRO C 78 -2.86 -39.15 -47.14
CA PRO C 78 -1.69 -38.31 -46.86
C PRO C 78 -1.88 -36.93 -47.43
N PRO C 79 -1.31 -35.90 -46.79
CA PRO C 79 -1.42 -34.54 -47.33
C PRO C 79 -0.77 -34.43 -48.70
N SER C 80 -1.35 -33.58 -49.54
N SER C 80 -1.35 -33.58 -49.54
CA SER C 80 -0.85 -33.42 -50.90
CA SER C 80 -0.85 -33.42 -50.90
C SER C 80 0.39 -32.54 -50.90
C SER C 80 0.39 -32.53 -50.90
N ALA C 81 1.51 -33.09 -51.39
CA ALA C 81 2.74 -32.32 -51.49
C ALA C 81 2.69 -31.34 -52.65
N GLU C 82 1.94 -31.68 -53.70
CA GLU C 82 1.89 -30.84 -54.89
C GLU C 82 1.30 -29.46 -54.60
N LEU C 83 0.24 -29.41 -53.78
CA LEU C 83 -0.40 -28.14 -53.45
C LEU C 83 0.43 -27.27 -52.52
N ILE C 84 1.51 -27.81 -51.96
CA ILE C 84 2.39 -27.05 -51.06
C ILE C 84 3.33 -26.20 -51.88
N PRO C 85 3.49 -24.92 -51.55
CA PRO C 85 4.48 -24.08 -52.26
C PRO C 85 5.84 -24.75 -52.30
N ALA C 86 6.47 -24.67 -53.47
CA ALA C 86 7.79 -25.30 -53.64
C ALA C 86 8.84 -24.65 -52.75
N SER C 87 8.79 -23.33 -52.60
CA SER C 87 9.76 -22.63 -51.77
C SER C 87 9.61 -22.99 -50.29
N GLU C 88 8.37 -23.16 -49.83
CA GLU C 88 8.08 -23.36 -48.42
C GLU C 88 7.85 -24.84 -48.09
N LEU C 89 7.97 -25.73 -49.08
CA LEU C 89 7.74 -27.15 -48.85
C LEU C 89 8.75 -27.72 -47.86
N VAL C 90 10.03 -27.45 -48.09
CA VAL C 90 11.08 -27.91 -47.16
C VAL C 90 11.26 -26.80 -46.13
N SER C 91 10.40 -26.83 -45.12
CA SER C 91 10.40 -25.83 -44.05
C SER C 91 9.53 -26.36 -42.91
N VAL C 92 9.50 -25.60 -41.81
CA VAL C 92 8.68 -26.00 -40.67
C VAL C 92 7.26 -25.47 -40.84
N THR C 93 6.30 -26.25 -40.35
CA THR C 93 4.90 -25.86 -40.35
C THR C 93 4.22 -26.52 -39.15
N VAL C 94 2.92 -26.30 -39.01
CA VAL C 94 2.16 -26.75 -37.85
C VAL C 94 0.97 -27.58 -38.32
N ILE C 95 0.59 -28.56 -37.50
CA ILE C 95 -0.60 -29.38 -37.72
C ILE C 95 -1.51 -29.21 -36.51
N LEU C 96 -2.81 -29.14 -36.76
CA LEU C 96 -3.80 -28.86 -35.72
C LEU C 96 -4.81 -30.00 -35.63
N LEU C 97 -4.98 -30.51 -34.41
N LEU C 97 -4.99 -30.51 -34.42
CA LEU C 97 -6.02 -31.50 -34.11
CA LEU C 97 -6.00 -31.52 -34.12
C LEU C 97 -7.00 -30.88 -33.13
C LEU C 97 -6.98 -30.94 -33.12
N SER C 98 -8.28 -30.90 -33.48
N SER C 98 -8.26 -30.92 -33.47
CA SER C 98 -9.32 -30.29 -32.66
CA SER C 98 -9.30 -30.32 -32.63
C SER C 98 -10.54 -31.21 -32.60
C SER C 98 -10.53 -31.22 -32.59
N CYS C 99 -11.24 -31.18 -31.47
CA CYS C 99 -12.49 -31.89 -31.29
C CYS C 99 -13.62 -30.88 -31.15
N SER C 100 -14.65 -31.02 -31.99
N SER C 100 -14.65 -31.01 -31.98
CA SER C 100 -15.74 -30.05 -32.05
CA SER C 100 -15.74 -30.05 -32.04
C SER C 100 -17.07 -30.74 -31.76
C SER C 100 -17.06 -30.73 -31.76
N TYR C 101 -17.90 -30.07 -30.97
CA TYR C 101 -19.24 -30.56 -30.64
C TYR C 101 -20.27 -29.63 -31.27
N ASP C 102 -21.12 -30.20 -32.13
CA ASP C 102 -22.17 -29.44 -32.81
C ASP C 102 -21.60 -28.24 -33.56
N GLY C 103 -20.39 -28.42 -34.11
CA GLY C 103 -19.71 -27.34 -34.80
C GLY C 103 -19.00 -26.35 -33.90
N ARG C 104 -19.01 -26.57 -32.59
CA ARG C 104 -18.37 -25.68 -31.63
C ARG C 104 -17.10 -26.35 -31.12
N GLU C 105 -15.95 -25.77 -31.45
CA GLU C 105 -14.68 -26.31 -30.99
C GLU C 105 -14.46 -25.97 -29.52
N PHE C 106 -13.88 -26.92 -28.78
CA PHE C 106 -13.58 -26.70 -27.37
C PHE C 106 -12.17 -27.12 -26.95
N VAL C 107 -11.50 -28.01 -27.67
CA VAL C 107 -10.11 -28.34 -27.42
C VAL C 107 -9.37 -28.36 -28.76
N ARG C 108 -8.17 -27.79 -28.78
CA ARG C 108 -7.33 -27.80 -29.97
C ARG C 108 -5.88 -27.95 -29.56
N VAL C 109 -5.21 -28.97 -30.08
CA VAL C 109 -3.81 -29.25 -29.80
C VAL C 109 -3.03 -29.09 -31.11
N GLY C 110 -1.94 -28.35 -31.06
CA GLY C 110 -1.10 -28.12 -32.22
C GLY C 110 0.29 -28.68 -32.01
N TYR C 111 0.88 -29.15 -33.10
CA TYR C 111 2.21 -29.74 -33.09
C TYR C 111 3.05 -29.15 -34.21
N TYR C 112 4.31 -28.86 -33.89
CA TYR C 112 5.26 -28.40 -34.90
C TYR C 112 5.85 -29.58 -35.65
N VAL C 113 5.75 -29.56 -36.98
CA VAL C 113 6.37 -30.57 -37.83
C VAL C 113 7.35 -29.87 -38.74
N ASN C 114 8.56 -30.44 -38.85
CA ASN C 114 9.65 -29.82 -39.58
C ASN C 114 10.01 -30.69 -40.78
N ASN C 115 10.08 -30.07 -41.96
CA ASN C 115 10.50 -30.74 -43.19
C ASN C 115 11.98 -30.41 -43.42
N GLU C 116 12.86 -31.33 -43.03
CA GLU C 116 14.30 -31.15 -43.17
C GLU C 116 14.90 -32.42 -43.76
N TYR C 117 15.96 -32.27 -44.54
CA TYR C 117 16.64 -33.43 -45.11
C TYR C 117 17.27 -34.27 -44.02
N ASP C 118 17.20 -35.59 -44.19
CA ASP C 118 17.71 -36.53 -43.20
C ASP C 118 19.17 -36.90 -43.43
N GLU C 119 19.78 -36.44 -44.53
CA GLU C 119 21.15 -36.77 -44.86
C GLU C 119 21.90 -35.53 -45.30
N GLU C 120 23.21 -35.50 -45.00
CA GLU C 120 24.06 -34.38 -45.39
C GLU C 120 24.34 -34.42 -46.89
N GLU C 121 24.09 -35.56 -47.54
CA GLU C 121 24.41 -35.71 -48.95
C GLU C 121 23.67 -34.67 -49.80
N LEU C 122 22.36 -34.51 -49.56
CA LEU C 122 21.60 -33.51 -50.28
C LEU C 122 21.85 -32.09 -49.76
N ARG C 123 22.17 -31.96 -48.47
CA ARG C 123 22.44 -30.63 -47.92
C ARG C 123 23.70 -30.02 -48.53
N GLU C 124 24.70 -30.84 -48.81
N GLU C 124 24.70 -30.84 -48.80
CA GLU C 124 25.93 -30.34 -49.41
CA GLU C 124 25.93 -30.34 -49.41
C GLU C 124 25.67 -29.76 -50.79
C GLU C 124 25.67 -29.76 -50.79
N ASN C 125 24.86 -30.44 -51.60
CA ASN C 125 24.53 -30.00 -52.95
C ASN C 125 23.01 -30.00 -53.12
N PRO C 126 22.32 -28.98 -52.60
CA PRO C 126 20.86 -28.94 -52.74
C PRO C 126 20.45 -28.65 -54.17
N PRO C 127 19.75 -29.59 -54.81
CA PRO C 127 19.31 -29.37 -56.19
C PRO C 127 18.12 -28.42 -56.25
N ALA C 128 17.90 -27.87 -57.43
CA ALA C 128 16.72 -27.03 -57.65
C ALA C 128 15.44 -27.86 -57.51
N LYS C 129 15.42 -29.07 -58.05
CA LYS C 129 14.28 -29.95 -57.93
C LYS C 129 14.29 -30.64 -56.57
N VAL C 130 13.15 -30.63 -55.89
CA VAL C 130 13.00 -31.25 -54.58
C VAL C 130 12.42 -32.64 -54.76
N GLN C 131 12.89 -33.58 -53.94
CA GLN C 131 12.46 -34.98 -53.98
C GLN C 131 11.63 -35.24 -52.74
N VAL C 132 10.37 -35.63 -52.94
CA VAL C 132 9.46 -35.88 -51.82
C VAL C 132 9.92 -37.09 -51.00
N ASP C 133 10.48 -38.11 -51.67
CA ASP C 133 10.84 -39.34 -50.97
C ASP C 133 12.02 -39.16 -50.03
N HIS C 134 12.84 -38.12 -50.21
CA HIS C 134 14.05 -37.92 -49.44
C HIS C 134 13.86 -36.98 -48.26
N ILE C 135 12.64 -36.50 -48.02
CA ILE C 135 12.35 -35.60 -46.92
C ILE C 135 11.65 -36.38 -45.82
N VAL C 136 12.18 -36.30 -44.60
CA VAL C 136 11.61 -36.97 -43.43
C VAL C 136 11.14 -35.90 -42.46
N ARG C 137 9.89 -36.02 -42.02
CA ARG C 137 9.28 -35.05 -41.13
C ARG C 137 9.18 -35.64 -39.72
N ASN C 138 9.36 -34.77 -38.72
CA ASN C 138 9.29 -35.16 -37.31
C ASN C 138 8.34 -34.25 -36.56
N ILE C 139 7.70 -34.78 -35.53
CA ILE C 139 6.68 -34.06 -34.77
C ILE C 139 7.16 -33.95 -33.34
N LEU C 140 7.18 -32.71 -32.82
CA LEU C 140 7.57 -32.45 -31.43
C LEU C 140 6.33 -32.62 -30.55
N ALA C 141 6.03 -33.89 -30.25
CA ALA C 141 4.93 -34.22 -29.36
C ALA C 141 5.31 -34.11 -27.89
N GLU C 142 6.59 -33.89 -27.58
N GLU C 142 6.59 -33.87 -27.58
CA GLU C 142 7.03 -33.81 -26.20
CA GLU C 142 7.05 -33.80 -26.20
C GLU C 142 6.55 -32.54 -25.50
C GLU C 142 6.53 -32.54 -25.51
N LYS C 143 6.32 -31.46 -26.25
CA LYS C 143 5.87 -30.18 -25.69
C LYS C 143 4.65 -29.71 -26.48
N PRO C 144 3.50 -30.31 -26.25
CA PRO C 144 2.28 -29.88 -26.95
C PRO C 144 1.79 -28.53 -26.45
N ARG C 145 1.01 -27.87 -27.29
CA ARG C 145 0.36 -26.61 -26.96
C ARG C 145 -1.14 -26.81 -27.09
N VAL C 146 -1.86 -26.75 -25.96
CA VAL C 146 -3.28 -27.02 -25.90
C VAL C 146 -4.03 -25.72 -25.67
N THR C 147 -5.16 -25.56 -26.37
CA THR C 147 -6.05 -24.41 -26.20
C THR C 147 -7.43 -24.94 -25.86
N ARG C 148 -8.03 -24.39 -24.80
CA ARG C 148 -9.33 -24.83 -24.30
C ARG C 148 -10.32 -23.69 -24.41
N PHE C 149 -11.46 -23.96 -25.04
CA PHE C 149 -12.55 -22.99 -25.16
C PHE C 149 -13.74 -23.49 -24.34
N ASN C 150 -14.23 -22.66 -23.44
CA ASN C 150 -15.38 -23.01 -22.63
C ASN C 150 -16.67 -22.75 -23.40
N ILE C 151 -17.57 -23.74 -23.42
CA ILE C 151 -18.85 -23.63 -24.09
C ILE C 151 -19.94 -24.16 -23.18
N VAL C 152 -21.18 -23.82 -23.52
CA VAL C 152 -22.33 -24.27 -22.75
C VAL C 152 -22.63 -25.71 -23.10
N TRP C 153 -22.96 -26.51 -22.08
CA TRP C 153 -23.29 -27.92 -22.26
C TRP C 153 -24.76 -28.23 -21.97
N ASP C 154 -25.32 -27.63 -20.92
CA ASP C 154 -26.71 -27.86 -20.54
C ASP C 154 -27.41 -26.50 -20.43
N ASN C 155 -28.70 -26.47 -20.79
CA ASN C 155 -29.46 -25.24 -20.70
C ASN C 155 -29.57 -24.76 -19.25
N GLU C 156 -29.80 -25.68 -18.32
CA GLU C 156 -29.90 -25.36 -16.89
C GLU C 156 -30.97 -24.31 -16.61
N GLY D 29 2.05 1.50 -32.95
CA GLY D 29 1.57 1.95 -31.66
C GLY D 29 2.35 1.38 -30.49
N ILE D 30 3.34 0.54 -30.80
CA ILE D 30 4.25 -0.02 -29.81
C ILE D 30 5.68 0.31 -30.24
N THR D 31 6.48 0.79 -29.31
CA THR D 31 7.84 1.20 -29.63
C THR D 31 8.74 -0.02 -29.77
N LYS D 32 9.79 0.15 -30.59
CA LYS D 32 10.70 -0.96 -30.85
C LYS D 32 11.40 -1.50 -29.60
N PRO D 33 11.91 -0.68 -28.68
CA PRO D 33 12.47 -1.25 -27.44
C PRO D 33 11.47 -2.07 -26.64
N ALA D 34 10.18 -1.68 -26.66
CA ALA D 34 9.16 -2.51 -26.00
C ALA D 34 9.06 -3.87 -26.66
N ILE D 35 9.11 -3.92 -28.00
CA ILE D 35 9.09 -5.19 -28.71
C ILE D 35 10.30 -6.03 -28.34
N ARG D 36 11.47 -5.41 -28.27
CA ARG D 36 12.68 -6.14 -27.91
C ARG D 36 12.59 -6.69 -26.49
N ARG D 37 12.07 -5.90 -25.56
CA ARG D 37 11.93 -6.36 -24.18
C ARG D 37 10.92 -7.50 -24.08
N LEU D 38 9.80 -7.40 -24.80
CA LEU D 38 8.82 -8.47 -24.79
C LEU D 38 9.40 -9.76 -25.35
N ALA D 39 10.17 -9.65 -26.43
CA ALA D 39 10.85 -10.84 -26.97
C ALA D 39 11.86 -11.38 -25.97
N ARG D 40 12.54 -10.48 -25.23
CA ARG D 40 13.51 -10.91 -24.22
C ARG D 40 12.84 -11.72 -23.14
N ARG D 41 11.68 -11.28 -22.66
CA ARG D 41 10.98 -12.06 -21.65
C ARG D 41 10.48 -13.39 -22.19
N GLY D 42 10.27 -13.49 -23.50
CA GLY D 42 9.87 -14.74 -24.11
C GLY D 42 11.00 -15.70 -24.42
N GLY D 43 12.24 -15.29 -24.21
CA GLY D 43 13.38 -16.16 -24.44
C GLY D 43 13.99 -16.07 -25.83
N VAL D 44 13.56 -15.10 -26.64
CA VAL D 44 14.10 -14.97 -27.99
C VAL D 44 15.53 -14.43 -27.93
N LYS D 45 16.42 -15.03 -28.72
CA LYS D 45 17.84 -14.65 -28.72
C LYS D 45 18.17 -13.69 -29.85
N ARG D 46 17.82 -14.04 -31.09
CA ARG D 46 18.11 -13.21 -32.25
C ARG D 46 16.83 -12.90 -33.01
N ILE D 47 16.72 -11.66 -33.48
CA ILE D 47 15.52 -11.17 -34.13
C ILE D 47 15.87 -10.56 -35.48
N SER D 48 15.11 -10.91 -36.51
CA SER D 48 15.27 -10.31 -37.82
C SER D 48 14.61 -8.94 -37.86
N GLY D 49 14.99 -8.14 -38.85
CA GLY D 49 14.51 -6.77 -38.94
C GLY D 49 13.05 -6.64 -39.32
N LEU D 50 12.46 -7.68 -39.89
CA LEU D 50 11.07 -7.63 -40.32
C LEU D 50 10.09 -8.01 -39.21
N ILE D 51 10.58 -8.33 -38.02
CA ILE D 51 9.71 -8.76 -36.93
C ILE D 51 8.83 -7.63 -36.43
N TYR D 52 9.33 -6.40 -36.45
CA TYR D 52 8.62 -5.28 -35.81
C TYR D 52 7.26 -5.03 -36.44
N GLU D 53 7.22 -4.92 -37.77
CA GLU D 53 5.95 -4.67 -38.44
C GLU D 53 4.97 -5.82 -38.22
N GLU D 54 5.48 -7.06 -38.29
CA GLU D 54 4.63 -8.22 -38.11
C GLU D 54 4.01 -8.24 -36.71
N THR D 55 4.81 -7.95 -35.68
CA THR D 55 4.29 -7.99 -34.32
C THR D 55 3.36 -6.81 -34.04
N ARG D 56 3.61 -5.64 -34.68
CA ARG D 56 2.64 -4.56 -34.56
C ARG D 56 1.31 -4.96 -35.17
N GLY D 57 1.34 -5.62 -36.34
CA GLY D 57 0.10 -6.10 -36.93
C GLY D 57 -0.60 -7.13 -36.06
N VAL D 58 0.17 -8.03 -35.45
CA VAL D 58 -0.42 -9.05 -34.58
C VAL D 58 -1.11 -8.39 -33.39
N LEU D 59 -0.42 -7.43 -32.76
CA LEU D 59 -1.01 -6.70 -31.64
C LEU D 59 -2.27 -5.97 -32.07
N LYS D 60 -2.24 -5.35 -33.25
N LYS D 60 -2.24 -5.35 -33.25
CA LYS D 60 -3.42 -4.62 -33.73
CA LYS D 60 -3.42 -4.62 -33.73
C LYS D 60 -4.60 -5.55 -33.95
C LYS D 60 -4.60 -5.55 -33.95
N VAL D 61 -4.36 -6.72 -34.55
CA VAL D 61 -5.45 -7.67 -34.78
C VAL D 61 -6.01 -8.18 -33.46
N PHE D 62 -5.14 -8.53 -32.52
CA PHE D 62 -5.59 -9.02 -31.22
C PHE D 62 -6.42 -7.96 -30.50
N LEU D 63 -5.95 -6.72 -30.49
CA LEU D 63 -6.70 -5.67 -29.82
C LEU D 63 -7.99 -5.35 -30.55
N GLU D 64 -8.03 -5.48 -31.87
CA GLU D 64 -9.28 -5.31 -32.60
C GLU D 64 -10.31 -6.33 -32.15
N ASN D 65 -9.91 -7.60 -32.05
CA ASN D 65 -10.84 -8.63 -31.60
C ASN D 65 -11.32 -8.37 -30.17
N VAL D 66 -10.38 -8.05 -29.27
CA VAL D 66 -10.75 -7.86 -27.87
C VAL D 66 -11.66 -6.64 -27.70
N ILE D 67 -11.34 -5.54 -28.40
CA ILE D 67 -12.18 -4.35 -28.32
C ILE D 67 -13.54 -4.60 -28.94
N ARG D 68 -13.61 -5.40 -30.01
CA ARG D 68 -14.89 -5.77 -30.59
C ARG D 68 -15.77 -6.48 -29.56
N ASP D 69 -15.21 -7.49 -28.89
CA ASP D 69 -15.98 -8.21 -27.89
C ASP D 69 -16.36 -7.32 -26.71
N ALA D 70 -15.44 -6.45 -26.28
CA ALA D 70 -15.72 -5.54 -25.18
C ALA D 70 -16.85 -4.57 -25.53
N VAL D 71 -16.84 -4.05 -26.76
CA VAL D 71 -17.91 -3.15 -27.20
C VAL D 71 -19.24 -3.90 -27.29
N THR D 72 -19.20 -5.16 -27.72
CA THR D 72 -20.43 -5.96 -27.72
C THR D 72 -20.99 -6.08 -26.31
N TYR D 73 -20.13 -6.37 -25.34
CA TYR D 73 -20.58 -6.46 -23.95
C TYR D 73 -21.10 -5.12 -23.45
N THR D 74 -20.42 -4.03 -23.79
CA THR D 74 -20.85 -2.71 -23.34
C THR D 74 -22.21 -2.34 -23.92
N GLU D 75 -22.44 -2.61 -25.20
CA GLU D 75 -23.75 -2.38 -25.79
C GLU D 75 -24.81 -3.26 -25.17
N HIS D 76 -24.47 -4.52 -24.84
CA HIS D 76 -25.41 -5.37 -24.12
C HIS D 76 -25.70 -4.82 -22.72
N ALA D 77 -24.78 -4.03 -22.17
CA ALA D 77 -24.96 -3.43 -20.86
C ALA D 77 -25.63 -2.06 -20.92
N LYS D 78 -26.02 -1.59 -22.11
N LYS D 78 -26.01 -1.60 -22.11
CA LYS D 78 -26.71 -0.32 -22.29
CA LYS D 78 -26.70 -0.32 -22.30
C LYS D 78 -25.88 0.84 -21.74
C LYS D 78 -25.88 0.84 -21.74
N ARG D 79 -24.60 0.87 -22.11
CA ARG D 79 -23.68 1.92 -21.67
C ARG D 79 -22.86 2.39 -22.86
N LYS D 80 -22.34 3.61 -22.76
CA LYS D 80 -21.52 4.19 -23.81
C LYS D 80 -20.04 4.25 -23.45
N THR D 81 -19.64 3.68 -22.32
CA THR D 81 -18.25 3.69 -21.88
C THR D 81 -17.83 2.27 -21.53
N VAL D 82 -16.72 1.83 -22.12
CA VAL D 82 -16.20 0.48 -21.86
C VAL D 82 -15.43 0.49 -20.56
N THR D 83 -15.76 -0.43 -19.66
CA THR D 83 -15.10 -0.54 -18.36
C THR D 83 -14.22 -1.78 -18.32
N ALA D 84 -13.56 -1.98 -17.17
CA ALA D 84 -12.65 -3.11 -17.02
C ALA D 84 -13.40 -4.45 -17.03
N MET D 85 -14.64 -4.46 -16.53
CA MET D 85 -15.42 -5.70 -16.54
C MET D 85 -15.68 -6.17 -17.95
N ASP D 86 -15.99 -5.25 -18.86
CA ASP D 86 -16.22 -5.63 -20.25
C ASP D 86 -14.96 -6.23 -20.87
N VAL D 87 -13.79 -5.66 -20.59
CA VAL D 87 -12.55 -6.20 -21.11
C VAL D 87 -12.27 -7.58 -20.53
N VAL D 88 -12.52 -7.76 -19.23
CA VAL D 88 -12.30 -9.05 -18.60
C VAL D 88 -13.22 -10.11 -19.22
N TYR D 89 -14.48 -9.76 -19.45
CA TYR D 89 -15.40 -10.68 -20.10
C TYR D 89 -14.98 -10.98 -21.53
N ALA D 90 -14.49 -9.97 -22.25
CA ALA D 90 -14.04 -10.17 -23.61
C ALA D 90 -12.84 -11.09 -23.68
N LEU D 91 -11.94 -11.00 -22.71
CA LEU D 91 -10.75 -11.85 -22.69
C LEU D 91 -11.09 -13.33 -22.54
N LYS D 92 -12.26 -13.65 -22.03
CA LYS D 92 -12.66 -15.05 -21.86
C LYS D 92 -12.96 -15.75 -23.17
N ARG D 93 -13.21 -14.99 -24.25
CA ARG D 93 -13.53 -15.61 -25.53
C ARG D 93 -12.29 -16.21 -26.18
N GLN D 94 -11.13 -15.58 -25.97
CA GLN D 94 -9.89 -16.10 -26.56
C GLN D 94 -9.48 -17.43 -25.96
N GLY D 95 -9.98 -17.79 -24.79
CA GLY D 95 -9.62 -19.03 -24.14
C GLY D 95 -8.31 -18.92 -23.39
N ARG D 96 -7.89 -20.04 -22.82
CA ARG D 96 -6.67 -20.11 -22.02
C ARG D 96 -5.72 -21.12 -22.65
N THR D 97 -4.44 -20.77 -22.71
CA THR D 97 -3.40 -21.64 -23.22
C THR D 97 -2.31 -21.78 -22.16
N LEU D 98 -2.15 -23.00 -21.64
CA LEU D 98 -1.16 -23.27 -20.62
C LEU D 98 -0.37 -24.51 -21.01
N TYR D 99 0.88 -24.57 -20.55
CA TYR D 99 1.72 -25.73 -20.81
C TYR D 99 1.19 -26.94 -20.05
N GLY D 100 1.41 -28.12 -20.62
CA GLY D 100 0.85 -29.30 -20.02
C GLY D 100 -0.66 -29.36 -20.19
N PHE D 101 -1.31 -30.08 -19.27
CA PHE D 101 -2.75 -30.26 -19.30
C PHE D 101 -3.42 -29.74 -18.03
N GLY D 102 -2.72 -28.94 -17.25
CA GLY D 102 -3.27 -28.40 -16.02
C GLY D 102 -4.35 -27.35 -16.25
#